data_6WSM
# 
_entry.id   6WSM 
# 
_audit_conform.dict_name       mmcif_pdbx.dic 
_audit_conform.dict_version    5.387 
_audit_conform.dict_location   http://mmcif.pdb.org/dictionaries/ascii/mmcif_pdbx.dic 
# 
loop_
_database_2.database_id 
_database_2.database_code 
_database_2.pdbx_database_accession 
_database_2.pdbx_DOI 
PDB   6WSM         pdb_00006wsm 10.2210/pdb6wsm/pdb 
WWPDB D_1000248944 ?            ?                   
# 
loop_
_pdbx_audit_revision_history.ordinal 
_pdbx_audit_revision_history.data_content_type 
_pdbx_audit_revision_history.major_revision 
_pdbx_audit_revision_history.minor_revision 
_pdbx_audit_revision_history.revision_date 
1 'Structure model' 1 0 2021-03-17 
2 'Structure model' 1 1 2021-03-24 
3 'Structure model' 1 2 2024-03-06 
# 
_pdbx_audit_revision_details.ordinal             1 
_pdbx_audit_revision_details.revision_ordinal    1 
_pdbx_audit_revision_details.data_content_type   'Structure model' 
_pdbx_audit_revision_details.provider            repository 
_pdbx_audit_revision_details.type                'Initial release' 
_pdbx_audit_revision_details.description         ? 
_pdbx_audit_revision_details.details             ? 
# 
loop_
_pdbx_audit_revision_group.ordinal 
_pdbx_audit_revision_group.revision_ordinal 
_pdbx_audit_revision_group.data_content_type 
_pdbx_audit_revision_group.group 
1 2 'Structure model' 'Database references' 
2 3 'Structure model' 'Data collection'     
3 3 'Structure model' 'Database references' 
# 
loop_
_pdbx_audit_revision_category.ordinal 
_pdbx_audit_revision_category.revision_ordinal 
_pdbx_audit_revision_category.data_content_type 
_pdbx_audit_revision_category.category 
1 2 'Structure model' citation        
2 2 'Structure model' citation_author 
3 3 'Structure model' chem_comp_atom  
4 3 'Structure model' chem_comp_bond  
5 3 'Structure model' database_2      
# 
loop_
_pdbx_audit_revision_item.ordinal 
_pdbx_audit_revision_item.revision_ordinal 
_pdbx_audit_revision_item.data_content_type 
_pdbx_audit_revision_item.item 
1 2 'Structure model' '_citation.journal_volume'            
2 2 'Structure model' '_citation_author.name'               
3 3 'Structure model' '_database_2.pdbx_DOI'                
4 3 'Structure model' '_database_2.pdbx_database_accession' 
# 
_pdbx_database_status.status_code                     REL 
_pdbx_database_status.status_code_sf                  REL 
_pdbx_database_status.status_code_mr                  ? 
_pdbx_database_status.entry_id                        6WSM 
_pdbx_database_status.recvd_initial_deposition_date   2020-05-01 
_pdbx_database_status.SG_entry                        N 
_pdbx_database_status.deposit_site                    RCSB 
_pdbx_database_status.process_site                    RCSB 
_pdbx_database_status.status_code_cs                  ? 
_pdbx_database_status.status_code_nmr_data            ? 
_pdbx_database_status.methods_development_category    ? 
_pdbx_database_status.pdb_format_compatible           Y 
# 
loop_
_pdbx_database_related.db_name 
_pdbx_database_related.details 
_pdbx_database_related.db_id 
_pdbx_database_related.content_type 
PDB 'Coiled coil region of human septin 1' 6WBE unspecified 
PDB 'Coiled coil region of human septin 4' 6WB3 unspecified 
PDB 'Coiled coil region of human septin 6' 6WBP unspecified 
PDB 'Coiled coil region of human septin 5' 6WCU unspecified 
# 
loop_
_audit_author.name 
_audit_author.pdbx_ordinal 
_audit_author.identifier_ORCID 
'Cabrejos, D.A.L.'   1  ?                   
'Cavini, I.'         2  0000-0003-2035-6584 
'Sala, F.A.'         3  0000-0002-0287-3054 
'Valadares, N.F.'    4  0000-0002-6251-7342 
'Pereira, H.M.'      5  0000-0002-8652-6729 
'Brandao-Neto, J.'   6  0000-0003-3414-5171 
'Nascimento, A.F.Z.' 7  0000-0003-4692-5263 
'Uson, I.'           8  0000-0003-2504-1696 
'Araujo, A.P.U.'     9  0000-0001-5455-084X 
'Garratt, R.C.'      10 0000-0002-2016-3179 
# 
_citation.abstract                  ? 
_citation.abstract_id_CAS           ? 
_citation.book_id_ISBN              ? 
_citation.book_publisher            ? 
_citation.book_publisher_city       ? 
_citation.book_title                ? 
_citation.coordinate_linkage        ? 
_citation.country                   UK 
_citation.database_id_Medline       ? 
_citation.details                   ? 
_citation.id                        primary 
_citation.journal_abbrev            J.Mol.Biol. 
_citation.journal_id_ASTM           JMOBAK 
_citation.journal_id_CSD            0070 
_citation.journal_id_ISSN           1089-8638 
_citation.journal_full              ? 
_citation.journal_issue             ? 
_citation.journal_volume            433 
_citation.language                  ? 
_citation.page_first                166889 
_citation.page_last                 166889 
_citation.title                     'Orientational Ambiguity in Septin Coiled Coils and its Structural Basis.' 
_citation.year                      2021 
_citation.database_id_CSD           ? 
_citation.pdbx_database_id_DOI      10.1016/j.jmb.2021.166889 
_citation.pdbx_database_id_PubMed   33639214 
_citation.unpublished_flag          ? 
# 
loop_
_citation_author.citation_id 
_citation_author.name 
_citation_author.ordinal 
_citation_author.identifier_ORCID 
primary 'Leonardo, D.A.'      1  ? 
primary 'Cavini, I.A.'        2  ? 
primary 'Sala, F.A.'          3  ? 
primary 'Mendonca, D.C.'      4  ? 
primary 'Rosa, H.V.D.'        5  ? 
primary 'Kumagai, P.S.'       6  ? 
primary 'Crusca Jr., E.'      7  ? 
primary 'Valadares, N.F.'     8  ? 
primary 'Marques, I.A.'       9  ? 
primary 'Brandao-Neto, J.'    10 ? 
primary 'Munte, C.E.'         11 ? 
primary 'Kalbitzer, H.R.'     12 ? 
primary 'Soler, N.'           13 ? 
primary 'Uson, I.'            14 ? 
primary 'Andre, I.'           15 ? 
primary 'Araujo, A.P.U.'      16 ? 
primary 
;D'Muniz Pereira, H.
;
17 ? 
primary 'Garratt, R.C.'       18 ? 
# 
loop_
_entity.id 
_entity.type 
_entity.src_method 
_entity.pdbx_description 
_entity.formula_weight 
_entity.pdbx_number_of_molecules 
_entity.pdbx_ec 
_entity.pdbx_mutation 
_entity.pdbx_fragment 
_entity.details 
1 polymer     man Septin-8      15289.100 1  ? ? 'coiled coil region' ? 
2 non-polymer syn 'SULFATE ION' 96.063    3  ? ? ?                    ? 
3 water       nat water         18.015    17 ? ? ?                    ? 
# 
_entity_poly.entity_id                      1 
_entity_poly.type                           'polypeptide(L)' 
_entity_poly.nstd_linkage                   no 
_entity_poly.nstd_monomer                   no 
_entity_poly.pdbx_seq_one_letter_code       
;GSHMWGFQDSDGDSQPFSLQETYEAKRKEFLSELQRKEEEMRQMFVNKVKETELELKEKERELHEKFEHLKRVHQEEKRK
VEEKRRELEEETNAFNRRKAAVEALQSQALHATSQQPLRKDKDKKN
;
_entity_poly.pdbx_seq_one_letter_code_can   
;GSHMWGFQDSDGDSQPFSLQETYEAKRKEFLSELQRKEEEMRQMFVNKVKETELELKEKERELHEKFEHLKRVHQEEKRK
VEEKRRELEEETNAFNRRKAAVEALQSQALHATSQQPLRKDKDKKN
;
_entity_poly.pdbx_strand_id                 A 
_entity_poly.pdbx_target_identifier         ? 
# 
loop_
_pdbx_entity_nonpoly.entity_id 
_pdbx_entity_nonpoly.name 
_pdbx_entity_nonpoly.comp_id 
2 'SULFATE ION' SO4 
3 water         HOH 
# 
loop_
_entity_poly_seq.entity_id 
_entity_poly_seq.num 
_entity_poly_seq.mon_id 
_entity_poly_seq.hetero 
1 1   GLY n 
1 2   SER n 
1 3   HIS n 
1 4   MET n 
1 5   TRP n 
1 6   GLY n 
1 7   PHE n 
1 8   GLN n 
1 9   ASP n 
1 10  SER n 
1 11  ASP n 
1 12  GLY n 
1 13  ASP n 
1 14  SER n 
1 15  GLN n 
1 16  PRO n 
1 17  PHE n 
1 18  SER n 
1 19  LEU n 
1 20  GLN n 
1 21  GLU n 
1 22  THR n 
1 23  TYR n 
1 24  GLU n 
1 25  ALA n 
1 26  LYS n 
1 27  ARG n 
1 28  LYS n 
1 29  GLU n 
1 30  PHE n 
1 31  LEU n 
1 32  SER n 
1 33  GLU n 
1 34  LEU n 
1 35  GLN n 
1 36  ARG n 
1 37  LYS n 
1 38  GLU n 
1 39  GLU n 
1 40  GLU n 
1 41  MET n 
1 42  ARG n 
1 43  GLN n 
1 44  MET n 
1 45  PHE n 
1 46  VAL n 
1 47  ASN n 
1 48  LYS n 
1 49  VAL n 
1 50  LYS n 
1 51  GLU n 
1 52  THR n 
1 53  GLU n 
1 54  LEU n 
1 55  GLU n 
1 56  LEU n 
1 57  LYS n 
1 58  GLU n 
1 59  LYS n 
1 60  GLU n 
1 61  ARG n 
1 62  GLU n 
1 63  LEU n 
1 64  HIS n 
1 65  GLU n 
1 66  LYS n 
1 67  PHE n 
1 68  GLU n 
1 69  HIS n 
1 70  LEU n 
1 71  LYS n 
1 72  ARG n 
1 73  VAL n 
1 74  HIS n 
1 75  GLN n 
1 76  GLU n 
1 77  GLU n 
1 78  LYS n 
1 79  ARG n 
1 80  LYS n 
1 81  VAL n 
1 82  GLU n 
1 83  GLU n 
1 84  LYS n 
1 85  ARG n 
1 86  ARG n 
1 87  GLU n 
1 88  LEU n 
1 89  GLU n 
1 90  GLU n 
1 91  GLU n 
1 92  THR n 
1 93  ASN n 
1 94  ALA n 
1 95  PHE n 
1 96  ASN n 
1 97  ARG n 
1 98  ARG n 
1 99  LYS n 
1 100 ALA n 
1 101 ALA n 
1 102 VAL n 
1 103 GLU n 
1 104 ALA n 
1 105 LEU n 
1 106 GLN n 
1 107 SER n 
1 108 GLN n 
1 109 ALA n 
1 110 LEU n 
1 111 HIS n 
1 112 ALA n 
1 113 THR n 
1 114 SER n 
1 115 GLN n 
1 116 GLN n 
1 117 PRO n 
1 118 LEU n 
1 119 ARG n 
1 120 LYS n 
1 121 ASP n 
1 122 LYS n 
1 123 ASP n 
1 124 LYS n 
1 125 LYS n 
1 126 ASN n 
# 
_entity_src_gen.entity_id                          1 
_entity_src_gen.pdbx_src_id                        1 
_entity_src_gen.pdbx_alt_source_flag               sample 
_entity_src_gen.pdbx_seq_type                      'Biological sequence' 
_entity_src_gen.pdbx_beg_seq_num                   1 
_entity_src_gen.pdbx_end_seq_num                   126 
_entity_src_gen.gene_src_common_name               Human 
_entity_src_gen.gene_src_genus                     ? 
_entity_src_gen.pdbx_gene_src_gene                 'SEPTIN8, KIAA0202, SEPT8' 
_entity_src_gen.gene_src_species                   ? 
_entity_src_gen.gene_src_strain                    ? 
_entity_src_gen.gene_src_tissue                    ? 
_entity_src_gen.gene_src_tissue_fraction           ? 
_entity_src_gen.gene_src_details                   ? 
_entity_src_gen.pdbx_gene_src_fragment             ? 
_entity_src_gen.pdbx_gene_src_scientific_name      'Homo sapiens' 
_entity_src_gen.pdbx_gene_src_ncbi_taxonomy_id     9606 
_entity_src_gen.pdbx_gene_src_variant              ? 
_entity_src_gen.pdbx_gene_src_cell_line            ? 
_entity_src_gen.pdbx_gene_src_atcc                 ? 
_entity_src_gen.pdbx_gene_src_organ                ? 
_entity_src_gen.pdbx_gene_src_organelle            ? 
_entity_src_gen.pdbx_gene_src_cell                 ? 
_entity_src_gen.pdbx_gene_src_cellular_location    ? 
_entity_src_gen.host_org_common_name               ? 
_entity_src_gen.pdbx_host_org_scientific_name      'Escherichia coli BL21(DE3)' 
_entity_src_gen.pdbx_host_org_ncbi_taxonomy_id     469008 
_entity_src_gen.host_org_genus                     ? 
_entity_src_gen.pdbx_host_org_gene                 ? 
_entity_src_gen.pdbx_host_org_organ                ? 
_entity_src_gen.host_org_species                   ? 
_entity_src_gen.pdbx_host_org_tissue               ? 
_entity_src_gen.pdbx_host_org_tissue_fraction      ? 
_entity_src_gen.pdbx_host_org_strain               ? 
_entity_src_gen.pdbx_host_org_variant              Rosetta 
_entity_src_gen.pdbx_host_org_cell_line            ? 
_entity_src_gen.pdbx_host_org_atcc                 ? 
_entity_src_gen.pdbx_host_org_culture_collection   ? 
_entity_src_gen.pdbx_host_org_cell                 ? 
_entity_src_gen.pdbx_host_org_organelle            ? 
_entity_src_gen.pdbx_host_org_cellular_location    ? 
_entity_src_gen.pdbx_host_org_vector_type          plasmid 
_entity_src_gen.pdbx_host_org_vector               ? 
_entity_src_gen.host_org_details                   ? 
_entity_src_gen.expression_system_id               ? 
_entity_src_gen.plasmid_name                       pET28a 
_entity_src_gen.plasmid_details                    ? 
_entity_src_gen.pdbx_description                   ? 
# 
loop_
_chem_comp.id 
_chem_comp.type 
_chem_comp.mon_nstd_flag 
_chem_comp.name 
_chem_comp.pdbx_synonyms 
_chem_comp.formula 
_chem_comp.formula_weight 
ALA 'L-peptide linking' y ALANINE         ? 'C3 H7 N O2'     89.093  
ARG 'L-peptide linking' y ARGININE        ? 'C6 H15 N4 O2 1' 175.209 
ASN 'L-peptide linking' y ASPARAGINE      ? 'C4 H8 N2 O3'    132.118 
ASP 'L-peptide linking' y 'ASPARTIC ACID' ? 'C4 H7 N O4'     133.103 
GLN 'L-peptide linking' y GLUTAMINE       ? 'C5 H10 N2 O3'   146.144 
GLU 'L-peptide linking' y 'GLUTAMIC ACID' ? 'C5 H9 N O4'     147.129 
GLY 'peptide linking'   y GLYCINE         ? 'C2 H5 N O2'     75.067  
HIS 'L-peptide linking' y HISTIDINE       ? 'C6 H10 N3 O2 1' 156.162 
HOH non-polymer         . WATER           ? 'H2 O'           18.015  
LEU 'L-peptide linking' y LEUCINE         ? 'C6 H13 N O2'    131.173 
LYS 'L-peptide linking' y LYSINE          ? 'C6 H15 N2 O2 1' 147.195 
MET 'L-peptide linking' y METHIONINE      ? 'C5 H11 N O2 S'  149.211 
PHE 'L-peptide linking' y PHENYLALANINE   ? 'C9 H11 N O2'    165.189 
PRO 'L-peptide linking' y PROLINE         ? 'C5 H9 N O2'     115.130 
SER 'L-peptide linking' y SERINE          ? 'C3 H7 N O3'     105.093 
SO4 non-polymer         . 'SULFATE ION'   ? 'O4 S -2'        96.063  
THR 'L-peptide linking' y THREONINE       ? 'C4 H9 N O3'     119.119 
TRP 'L-peptide linking' y TRYPTOPHAN      ? 'C11 H12 N2 O2'  204.225 
TYR 'L-peptide linking' y TYROSINE        ? 'C9 H11 N O3'    181.189 
VAL 'L-peptide linking' y VALINE          ? 'C5 H11 N O2'    117.146 
# 
loop_
_pdbx_poly_seq_scheme.asym_id 
_pdbx_poly_seq_scheme.entity_id 
_pdbx_poly_seq_scheme.seq_id 
_pdbx_poly_seq_scheme.mon_id 
_pdbx_poly_seq_scheme.ndb_seq_num 
_pdbx_poly_seq_scheme.pdb_seq_num 
_pdbx_poly_seq_scheme.auth_seq_num 
_pdbx_poly_seq_scheme.pdb_mon_id 
_pdbx_poly_seq_scheme.auth_mon_id 
_pdbx_poly_seq_scheme.pdb_strand_id 
_pdbx_poly_seq_scheme.pdb_ins_code 
_pdbx_poly_seq_scheme.hetero 
A 1 1   GLY 1   304 ?  ?   ?   A . n 
A 1 2   SER 2   305 ?  ?   ?   A . n 
A 1 3   HIS 3   306 ?  ?   ?   A . n 
A 1 4   MET 4   307 ?  ?   ?   A . n 
A 1 5   TRP 5   308 ?  ?   ?   A . n 
A 1 6   GLY 6   309 ?  ?   ?   A . n 
A 1 7   PHE 7   310 ?  ?   ?   A . n 
A 1 8   GLN 8   311 ?  ?   ?   A . n 
A 1 9   ASP 9   312 ?  ?   ?   A . n 
A 1 10  SER 10  313 ?  ?   ?   A . n 
A 1 11  ASP 11  314 ?  ?   ?   A . n 
A 1 12  GLY 12  315 ?  ?   ?   A . n 
A 1 13  ASP 13  316 ?  ?   ?   A . n 
A 1 14  SER 14  317 ?  ?   ?   A . n 
A 1 15  GLN 15  318 ?  ?   ?   A . n 
A 1 16  PRO 16  319 ?  ?   ?   A . n 
A 1 17  PHE 17  320 ?  ?   ?   A . n 
A 1 18  SER 18  321 ?  ?   ?   A . n 
A 1 19  LEU 19  322 ?  ?   ?   A . n 
A 1 20  GLN 20  323 ?  ?   ?   A . n 
A 1 21  GLU 21  324 ?  ?   ?   A . n 
A 1 22  THR 22  325 ?  ?   ?   A . n 
A 1 23  TYR 23  326 ?  ?   ?   A . n 
A 1 24  GLU 24  327 ?  ?   ?   A . n 
A 1 25  ALA 25  328 ?  ?   ?   A . n 
A 1 26  LYS 26  329 ?  ?   ?   A . n 
A 1 27  ARG 27  330 ?  ?   ?   A . n 
A 1 28  LYS 28  331 ?  ?   ?   A . n 
A 1 29  GLU 29  332 ?  ?   ?   A . n 
A 1 30  PHE 30  333 ?  ?   ?   A . n 
A 1 31  LEU 31  334 ?  ?   ?   A . n 
A 1 32  SER 32  335 1  SER SER A . n 
A 1 33  GLU 33  336 2  GLU GLU A . n 
A 1 34  LEU 34  337 3  LEU LEU A . n 
A 1 35  GLN 35  338 4  GLN GLN A . n 
A 1 36  ARG 36  339 5  ARG ARG A . n 
A 1 37  LYS 37  340 6  LYS LYS A . n 
A 1 38  GLU 38  341 7  GLU GLU A . n 
A 1 39  GLU 39  342 8  GLU GLU A . n 
A 1 40  GLU 40  343 9  GLU GLU A . n 
A 1 41  MET 41  344 10 MET MET A . n 
A 1 42  ARG 42  345 11 ARG ARG A . n 
A 1 43  GLN 43  346 12 GLN GLN A . n 
A 1 44  MET 44  347 13 MET MET A . n 
A 1 45  PHE 45  348 14 PHE PHE A . n 
A 1 46  VAL 46  349 15 VAL VAL A . n 
A 1 47  ASN 47  350 16 ASN ASN A . n 
A 1 48  LYS 48  351 17 LYS LYS A . n 
A 1 49  VAL 49  352 18 VAL VAL A . n 
A 1 50  LYS 50  353 19 LYS LYS A . n 
A 1 51  GLU 51  354 20 GLU GLU A . n 
A 1 52  THR 52  355 21 THR THR A . n 
A 1 53  GLU 53  356 22 GLU GLU A . n 
A 1 54  LEU 54  357 23 LEU LEU A . n 
A 1 55  GLU 55  358 24 GLU GLU A . n 
A 1 56  LEU 56  359 25 LEU LEU A . n 
A 1 57  LYS 57  360 26 LYS LYS A . n 
A 1 58  GLU 58  361 27 GLU GLU A . n 
A 1 59  LYS 59  362 28 LYS LYS A . n 
A 1 60  GLU 60  363 29 GLU GLU A . n 
A 1 61  ARG 61  364 30 ARG ARG A . n 
A 1 62  GLU 62  365 31 GLU GLU A . n 
A 1 63  LEU 63  366 32 LEU LEU A . n 
A 1 64  HIS 64  367 33 HIS HIS A . n 
A 1 65  GLU 65  368 34 GLU GLU A . n 
A 1 66  LYS 66  369 35 LYS LYS A . n 
A 1 67  PHE 67  370 36 PHE PHE A . n 
A 1 68  GLU 68  371 37 GLU GLU A . n 
A 1 69  HIS 69  372 38 HIS HIS A . n 
A 1 70  LEU 70  373 39 LEU LEU A . n 
A 1 71  LYS 71  374 40 LYS LYS A . n 
A 1 72  ARG 72  375 41 ARG ARG A . n 
A 1 73  VAL 73  376 42 VAL VAL A . n 
A 1 74  HIS 74  377 43 HIS HIS A . n 
A 1 75  GLN 75  378 44 GLN GLN A . n 
A 1 76  GLU 76  379 45 GLU GLU A . n 
A 1 77  GLU 77  380 46 GLU GLU A . n 
A 1 78  LYS 78  381 47 LYS LYS A . n 
A 1 79  ARG 79  382 48 ARG ARG A . n 
A 1 80  LYS 80  383 49 LYS LYS A . n 
A 1 81  VAL 81  384 50 VAL VAL A . n 
A 1 82  GLU 82  385 51 GLU GLU A . n 
A 1 83  GLU 83  386 52 GLU GLU A . n 
A 1 84  LYS 84  387 53 LYS LYS A . n 
A 1 85  ARG 85  388 54 ARG ARG A . n 
A 1 86  ARG 86  389 55 ARG ARG A . n 
A 1 87  GLU 87  390 56 GLU GLU A . n 
A 1 88  LEU 88  391 57 LEU LEU A . n 
A 1 89  GLU 89  392 58 GLU GLU A . n 
A 1 90  GLU 90  393 59 GLU GLU A . n 
A 1 91  GLU 91  394 60 GLU GLU A . n 
A 1 92  THR 92  395 61 THR THR A . n 
A 1 93  ASN 93  396 62 ASN ASN A . n 
A 1 94  ALA 94  397 63 ALA ALA A . n 
A 1 95  PHE 95  398 64 PHE PHE A . n 
A 1 96  ASN 96  399 65 ASN ASN A . n 
A 1 97  ARG 97  400 66 ARG ARG A . n 
A 1 98  ARG 98  401 67 ARG ARG A . n 
A 1 99  LYS 99  402 68 LYS LYS A . n 
A 1 100 ALA 100 403 69 ALA ALA A . n 
A 1 101 ALA 101 404 70 ALA ALA A . n 
A 1 102 VAL 102 405 71 VAL VAL A . n 
A 1 103 GLU 103 406 72 GLU GLU A . n 
A 1 104 ALA 104 407 73 ALA ALA A . n 
A 1 105 LEU 105 408 74 LEU LEU A . n 
A 1 106 GLN 106 409 ?  ?   ?   A . n 
A 1 107 SER 107 410 ?  ?   ?   A . n 
A 1 108 GLN 108 411 ?  ?   ?   A . n 
A 1 109 ALA 109 412 ?  ?   ?   A . n 
A 1 110 LEU 110 413 ?  ?   ?   A . n 
A 1 111 HIS 111 414 ?  ?   ?   A . n 
A 1 112 ALA 112 415 ?  ?   ?   A . n 
A 1 113 THR 113 416 ?  ?   ?   A . n 
A 1 114 SER 114 417 ?  ?   ?   A . n 
A 1 115 GLN 115 418 ?  ?   ?   A . n 
A 1 116 GLN 116 419 ?  ?   ?   A . n 
A 1 117 PRO 117 420 ?  ?   ?   A . n 
A 1 118 LEU 118 421 ?  ?   ?   A . n 
A 1 119 ARG 119 422 ?  ?   ?   A . n 
A 1 120 LYS 120 423 ?  ?   ?   A . n 
A 1 121 ASP 121 424 ?  ?   ?   A . n 
A 1 122 LYS 122 425 ?  ?   ?   A . n 
A 1 123 ASP 123 426 ?  ?   ?   A . n 
A 1 124 LYS 124 427 ?  ?   ?   A . n 
A 1 125 LYS 125 428 ?  ?   ?   A . n 
A 1 126 ASN 126 429 ?  ?   ?   A . n 
# 
loop_
_pdbx_nonpoly_scheme.asym_id 
_pdbx_nonpoly_scheme.entity_id 
_pdbx_nonpoly_scheme.mon_id 
_pdbx_nonpoly_scheme.ndb_seq_num 
_pdbx_nonpoly_scheme.pdb_seq_num 
_pdbx_nonpoly_scheme.auth_seq_num 
_pdbx_nonpoly_scheme.pdb_mon_id 
_pdbx_nonpoly_scheme.auth_mon_id 
_pdbx_nonpoly_scheme.pdb_strand_id 
_pdbx_nonpoly_scheme.pdb_ins_code 
B 2 SO4 1  101 2  SO4 SO4 A . 
C 2 SO4 1  102 3  SO4 SO4 A . 
D 2 SO4 1  103 4  SO4 SO4 A . 
E 3 HOH 1  201 12 HOH HOH A . 
E 3 HOH 2  202 7  HOH HOH A . 
E 3 HOH 3  203 2  HOH HOH A . 
E 3 HOH 4  204 6  HOH HOH A . 
E 3 HOH 5  205 10 HOH HOH A . 
E 3 HOH 6  206 3  HOH HOH A . 
E 3 HOH 7  207 14 HOH HOH A . 
E 3 HOH 8  208 13 HOH HOH A . 
E 3 HOH 9  209 4  HOH HOH A . 
E 3 HOH 10 210 5  HOH HOH A . 
E 3 HOH 11 211 20 HOH HOH A . 
E 3 HOH 12 212 19 HOH HOH A . 
E 3 HOH 13 213 16 HOH HOH A . 
E 3 HOH 14 214 17 HOH HOH A . 
E 3 HOH 15 215 15 HOH HOH A . 
E 3 HOH 16 216 21 HOH HOH A . 
E 3 HOH 17 217 18 HOH HOH A . 
# 
loop_
_pdbx_unobs_or_zero_occ_atoms.id 
_pdbx_unobs_or_zero_occ_atoms.PDB_model_num 
_pdbx_unobs_or_zero_occ_atoms.polymer_flag 
_pdbx_unobs_or_zero_occ_atoms.occupancy_flag 
_pdbx_unobs_or_zero_occ_atoms.auth_asym_id 
_pdbx_unobs_or_zero_occ_atoms.auth_comp_id 
_pdbx_unobs_or_zero_occ_atoms.auth_seq_id 
_pdbx_unobs_or_zero_occ_atoms.PDB_ins_code 
_pdbx_unobs_or_zero_occ_atoms.auth_atom_id 
_pdbx_unobs_or_zero_occ_atoms.label_alt_id 
_pdbx_unobs_or_zero_occ_atoms.label_asym_id 
_pdbx_unobs_or_zero_occ_atoms.label_comp_id 
_pdbx_unobs_or_zero_occ_atoms.label_seq_id 
_pdbx_unobs_or_zero_occ_atoms.label_atom_id 
1  1 Y 1 A SER 335 ? OG  ? A SER 32 OG  
2  1 Y 1 A GLU 336 ? CG  ? A GLU 33 CG  
3  1 Y 1 A GLU 336 ? CD  ? A GLU 33 CD  
4  1 Y 1 A GLU 336 ? OE1 ? A GLU 33 OE1 
5  1 Y 1 A GLU 336 ? OE2 ? A GLU 33 OE2 
6  1 Y 1 A LEU 337 ? CG  ? A LEU 34 CG  
7  1 Y 1 A LEU 337 ? CD1 ? A LEU 34 CD1 
8  1 Y 1 A LEU 337 ? CD2 ? A LEU 34 CD2 
9  1 Y 1 A ARG 339 ? CG  ? A ARG 36 CG  
10 1 Y 1 A ARG 339 ? CD  ? A ARG 36 CD  
11 1 Y 1 A ARG 339 ? NE  ? A ARG 36 NE  
12 1 Y 1 A ARG 339 ? CZ  ? A ARG 36 CZ  
13 1 Y 1 A ARG 339 ? NH1 ? A ARG 36 NH1 
14 1 Y 1 A ARG 339 ? NH2 ? A ARG 36 NH2 
15 1 Y 1 A GLU 342 ? CG  ? A GLU 39 CG  
16 1 Y 1 A GLU 342 ? CD  ? A GLU 39 CD  
17 1 Y 1 A GLU 342 ? OE1 ? A GLU 39 OE1 
18 1 Y 1 A GLU 342 ? OE2 ? A GLU 39 OE2 
19 1 Y 1 A ARG 345 ? CG  ? A ARG 42 CG  
20 1 Y 1 A ARG 345 ? CD  ? A ARG 42 CD  
21 1 Y 1 A ARG 345 ? NE  ? A ARG 42 NE  
22 1 Y 1 A ARG 345 ? CZ  ? A ARG 42 CZ  
23 1 Y 1 A ARG 345 ? NH1 ? A ARG 42 NH1 
24 1 Y 1 A ARG 345 ? NH2 ? A ARG 42 NH2 
25 1 Y 1 A MET 347 ? CG  ? A MET 44 CG  
26 1 Y 1 A MET 347 ? SD  ? A MET 44 SD  
27 1 Y 1 A MET 347 ? CE  ? A MET 44 CE  
28 1 Y 1 A PHE 348 ? CG  ? A PHE 45 CG  
29 1 Y 1 A PHE 348 ? CD1 ? A PHE 45 CD1 
30 1 Y 1 A PHE 348 ? CD2 ? A PHE 45 CD2 
31 1 Y 1 A PHE 348 ? CE1 ? A PHE 45 CE1 
32 1 Y 1 A PHE 348 ? CE2 ? A PHE 45 CE2 
33 1 Y 1 A PHE 348 ? CZ  ? A PHE 45 CZ  
34 1 Y 1 A LYS 351 ? CG  ? A LYS 48 CG  
35 1 Y 1 A LYS 351 ? CD  ? A LYS 48 CD  
36 1 Y 1 A LYS 351 ? CE  ? A LYS 48 CE  
37 1 Y 1 A LYS 351 ? NZ  ? A LYS 48 NZ  
38 1 Y 1 A GLU 354 ? CG  ? A GLU 51 CG  
39 1 Y 1 A GLU 354 ? CD  ? A GLU 51 CD  
40 1 Y 1 A GLU 354 ? OE1 ? A GLU 51 OE1 
41 1 Y 1 A GLU 354 ? OE2 ? A GLU 51 OE2 
42 1 Y 1 A GLU 361 ? CG  ? A GLU 58 CG  
43 1 Y 1 A GLU 361 ? CD  ? A GLU 58 CD  
44 1 Y 1 A GLU 361 ? OE1 ? A GLU 58 OE1 
45 1 Y 1 A GLU 361 ? OE2 ? A GLU 58 OE2 
46 1 Y 1 A LYS 362 ? CG  ? A LYS 59 CG  
47 1 Y 1 A LYS 362 ? CD  ? A LYS 59 CD  
48 1 Y 1 A LYS 362 ? CE  ? A LYS 59 CE  
49 1 Y 1 A LYS 362 ? NZ  ? A LYS 59 NZ  
50 1 Y 1 A LYS 369 ? CG  ? A LYS 66 CG  
51 1 Y 1 A LYS 369 ? CD  ? A LYS 66 CD  
52 1 Y 1 A LYS 369 ? CE  ? A LYS 66 CE  
53 1 Y 1 A LYS 369 ? NZ  ? A LYS 66 NZ  
54 1 Y 1 A ARG 375 ? CG  ? A ARG 72 CG  
55 1 Y 1 A ARG 375 ? CD  ? A ARG 72 CD  
56 1 Y 1 A ARG 375 ? NE  ? A ARG 72 NE  
57 1 Y 1 A ARG 375 ? CZ  ? A ARG 72 CZ  
58 1 Y 1 A ARG 375 ? NH1 ? A ARG 72 NH1 
59 1 Y 1 A ARG 375 ? NH2 ? A ARG 72 NH2 
60 1 Y 1 A GLN 378 ? CG  ? A GLN 75 CG  
61 1 Y 1 A GLN 378 ? CD  ? A GLN 75 CD  
62 1 Y 1 A GLN 378 ? OE1 ? A GLN 75 OE1 
63 1 Y 1 A GLN 378 ? NE2 ? A GLN 75 NE2 
64 1 Y 1 A GLU 379 ? CG  ? A GLU 76 CG  
65 1 Y 1 A GLU 379 ? CD  ? A GLU 76 CD  
66 1 Y 1 A GLU 379 ? OE1 ? A GLU 76 OE1 
67 1 Y 1 A GLU 379 ? OE2 ? A GLU 76 OE2 
68 1 Y 1 A GLU 380 ? CG  ? A GLU 77 CG  
69 1 Y 1 A GLU 380 ? CD  ? A GLU 77 CD  
70 1 Y 1 A GLU 380 ? OE1 ? A GLU 77 OE1 
71 1 Y 1 A GLU 380 ? OE2 ? A GLU 77 OE2 
72 1 Y 1 A ARG 382 ? CG  ? A ARG 79 CG  
73 1 Y 1 A ARG 382 ? CD  ? A ARG 79 CD  
74 1 Y 1 A ARG 382 ? NE  ? A ARG 79 NE  
75 1 Y 1 A ARG 382 ? CZ  ? A ARG 79 CZ  
76 1 Y 1 A ARG 382 ? NH1 ? A ARG 79 NH1 
77 1 Y 1 A ARG 382 ? NH2 ? A ARG 79 NH2 
78 1 Y 1 A GLU 390 ? CG  ? A GLU 87 CG  
79 1 Y 1 A GLU 390 ? CD  ? A GLU 87 CD  
80 1 Y 1 A GLU 390 ? OE1 ? A GLU 87 OE1 
81 1 Y 1 A GLU 390 ? OE2 ? A GLU 87 OE2 
82 1 Y 1 A PHE 398 ? CG  ? A PHE 95 CG  
83 1 Y 1 A PHE 398 ? CD1 ? A PHE 95 CD1 
84 1 Y 1 A PHE 398 ? CD2 ? A PHE 95 CD2 
85 1 Y 1 A PHE 398 ? CE1 ? A PHE 95 CE1 
86 1 Y 1 A PHE 398 ? CE2 ? A PHE 95 CE2 
87 1 Y 1 A PHE 398 ? CZ  ? A PHE 95 CZ  
88 1 Y 1 A ARG 401 ? CG  ? A ARG 98 CG  
89 1 Y 1 A ARG 401 ? CD  ? A ARG 98 CD  
90 1 Y 1 A ARG 401 ? NE  ? A ARG 98 NE  
91 1 Y 1 A ARG 401 ? CZ  ? A ARG 98 CZ  
92 1 Y 1 A ARG 401 ? NH1 ? A ARG 98 NH1 
93 1 Y 1 A ARG 401 ? NH2 ? A ARG 98 NH2 
# 
loop_
_software.citation_id 
_software.classification 
_software.compiler_name 
_software.compiler_version 
_software.contact_author 
_software.contact_author_email 
_software.date 
_software.description 
_software.dependencies 
_software.hardware 
_software.language 
_software.location 
_software.mods 
_software.name 
_software.os 
_software.os_version 
_software.type 
_software.version 
_software.pdbx_ordinal 
? 'data scaling'    ? ? ? ? ? ? ? ? ? ? ? Aimless     ? ? ? 0.7.4       1 
? 'data scaling'    ? ? ? ? ? ? ? ? ? ? ? STARANISO   ? ? ? .           2 
? refinement        ? ? ? ? ? ? ? ? ? ? ? PHENIX      ? ? ? 1.10.1_2155 3 
? 'data extraction' ? ? ? ? ? ? ? ? ? ? ? PDB_EXTRACT ? ? ? 3.25        4 
? 'data reduction'  ? ? ? ? ? ? ? ? ? ? ? xia2        ? ? ? .           5 
? phasing           ? ? ? ? ? ? ? ? ? ? ? Arcimboldo  ? ? ? .           6 
# 
_cell.angle_alpha                  90.000 
_cell.angle_alpha_esd              ? 
_cell.angle_beta                   90.000 
_cell.angle_beta_esd               ? 
_cell.angle_gamma                  120.000 
_cell.angle_gamma_esd              ? 
_cell.entry_id                     6WSM 
_cell.details                      ? 
_cell.formula_units_Z              ? 
_cell.length_a                     92.007 
_cell.length_a_esd                 ? 
_cell.length_b                     92.007 
_cell.length_b_esd                 ? 
_cell.length_c                     56.769 
_cell.length_c_esd                 ? 
_cell.volume                       ? 
_cell.volume_esd                   ? 
_cell.Z_PDB                        12 
_cell.reciprocal_angle_alpha       ? 
_cell.reciprocal_angle_beta        ? 
_cell.reciprocal_angle_gamma       ? 
_cell.reciprocal_angle_alpha_esd   ? 
_cell.reciprocal_angle_beta_esd    ? 
_cell.reciprocal_angle_gamma_esd   ? 
_cell.reciprocal_length_a          ? 
_cell.reciprocal_length_b          ? 
_cell.reciprocal_length_c          ? 
_cell.reciprocal_length_a_esd      ? 
_cell.reciprocal_length_b_esd      ? 
_cell.reciprocal_length_c_esd      ? 
_cell.pdbx_unique_axis             ? 
# 
_symmetry.entry_id                         6WSM 
_symmetry.cell_setting                     ? 
_symmetry.Int_Tables_number                182 
_symmetry.space_group_name_Hall            ? 
_symmetry.space_group_name_H-M             'P 63 2 2' 
_symmetry.pdbx_full_space_group_name_H-M   ? 
# 
_exptl.absorpt_coefficient_mu     ? 
_exptl.absorpt_correction_T_max   ? 
_exptl.absorpt_correction_T_min   ? 
_exptl.absorpt_correction_type    ? 
_exptl.absorpt_process_details    ? 
_exptl.entry_id                   6WSM 
_exptl.crystals_number            1 
_exptl.details                    ? 
_exptl.method                     'X-RAY DIFFRACTION' 
_exptl.method_details             ? 
# 
_exptl_crystal.colour                      ? 
_exptl_crystal.density_diffrn              ? 
_exptl_crystal.density_Matthews            2.27 
_exptl_crystal.density_method              ? 
_exptl_crystal.density_percent_sol         45.78 
_exptl_crystal.description                 ? 
_exptl_crystal.F_000                       ? 
_exptl_crystal.id                          1 
_exptl_crystal.preparation                 ? 
_exptl_crystal.size_max                    ? 
_exptl_crystal.size_mid                    ? 
_exptl_crystal.size_min                    ? 
_exptl_crystal.size_rad                    ? 
_exptl_crystal.colour_lustre               ? 
_exptl_crystal.colour_modifier             ? 
_exptl_crystal.colour_primary              ? 
_exptl_crystal.density_meas                ? 
_exptl_crystal.density_meas_esd            ? 
_exptl_crystal.density_meas_gt             ? 
_exptl_crystal.density_meas_lt             ? 
_exptl_crystal.density_meas_temp           ? 
_exptl_crystal.density_meas_temp_esd       ? 
_exptl_crystal.density_meas_temp_gt        ? 
_exptl_crystal.density_meas_temp_lt        ? 
_exptl_crystal.pdbx_crystal_image_url      ? 
_exptl_crystal.pdbx_crystal_image_format   ? 
_exptl_crystal.pdbx_mosaicity              ? 
_exptl_crystal.pdbx_mosaicity_esd          ? 
# 
_exptl_crystal_grow.apparatus       ? 
_exptl_crystal_grow.atmosphere      ? 
_exptl_crystal_grow.crystal_id      1 
_exptl_crystal_grow.details         ? 
_exptl_crystal_grow.method          'VAPOR DIFFUSION, HANGING DROP' 
_exptl_crystal_grow.method_ref      ? 
_exptl_crystal_grow.pH              3.5 
_exptl_crystal_grow.pressure        ? 
_exptl_crystal_grow.pressure_esd    ? 
_exptl_crystal_grow.seeding         ? 
_exptl_crystal_grow.seeding_ref     ? 
_exptl_crystal_grow.temp            291 
_exptl_crystal_grow.temp_details    ? 
_exptl_crystal_grow.temp_esd        ? 
_exptl_crystal_grow.time            ? 
_exptl_crystal_grow.pdbx_details    '100mM Citric acid, 1.25M Ammonium Sulphate' 
_exptl_crystal_grow.pdbx_pH_range   ? 
# 
_diffrn.ambient_environment              ? 
_diffrn.ambient_temp                     100 
_diffrn.ambient_temp_details             ? 
_diffrn.ambient_temp_esd                 ? 
_diffrn.crystal_id                       1 
_diffrn.crystal_support                  ? 
_diffrn.crystal_treatment                ? 
_diffrn.details                          ? 
_diffrn.id                               1 
_diffrn.ambient_pressure                 ? 
_diffrn.ambient_pressure_esd             ? 
_diffrn.ambient_pressure_gt              ? 
_diffrn.ambient_pressure_lt              ? 
_diffrn.ambient_temp_gt                  ? 
_diffrn.ambient_temp_lt                  ? 
_diffrn.pdbx_serial_crystal_experiment   N 
# 
_diffrn_detector.details                      ? 
_diffrn_detector.detector                     PIXEL 
_diffrn_detector.diffrn_id                    1 
_diffrn_detector.type                         'DECTRIS EIGER2 XE 16M' 
_diffrn_detector.area_resol_mean              ? 
_diffrn_detector.dtime                        ? 
_diffrn_detector.pdbx_frames_total            ? 
_diffrn_detector.pdbx_collection_time_total   ? 
_diffrn_detector.pdbx_collection_date         2019-07-06 
_diffrn_detector.pdbx_frequency               ? 
# 
_diffrn_radiation.collimation                      ? 
_diffrn_radiation.diffrn_id                        1 
_diffrn_radiation.filter_edge                      ? 
_diffrn_radiation.inhomogeneity                    ? 
_diffrn_radiation.monochromator                    ? 
_diffrn_radiation.polarisn_norm                    ? 
_diffrn_radiation.polarisn_ratio                   ? 
_diffrn_radiation.probe                            ? 
_diffrn_radiation.type                             ? 
_diffrn_radiation.xray_symbol                      ? 
_diffrn_radiation.wavelength_id                    1 
_diffrn_radiation.pdbx_monochromatic_or_laue_m_l   M 
_diffrn_radiation.pdbx_wavelength_list             ? 
_diffrn_radiation.pdbx_wavelength                  ? 
_diffrn_radiation.pdbx_diffrn_protocol             'SINGLE WAVELENGTH' 
_diffrn_radiation.pdbx_analyzer                    ? 
_diffrn_radiation.pdbx_scattering_type             x-ray 
# 
_diffrn_radiation_wavelength.id           1 
_diffrn_radiation_wavelength.wavelength   0.979499 
_diffrn_radiation_wavelength.wt           1.0 
# 
_diffrn_source.current                     ? 
_diffrn_source.details                     ? 
_diffrn_source.diffrn_id                   1 
_diffrn_source.power                       ? 
_diffrn_source.size                        ? 
_diffrn_source.source                      SYNCHROTRON 
_diffrn_source.target                      ? 
_diffrn_source.type                        'DIAMOND BEAMLINE I04' 
_diffrn_source.voltage                     ? 
_diffrn_source.take-off_angle              ? 
_diffrn_source.pdbx_wavelength_list        0.979499 
_diffrn_source.pdbx_wavelength             ? 
_diffrn_source.pdbx_synchrotron_beamline   I04 
_diffrn_source.pdbx_synchrotron_site       Diamond 
# 
_reflns.B_iso_Wilson_estimate            39.480 
_reflns.entry_id                         6WSM 
_reflns.data_reduction_details           ? 
_reflns.data_reduction_method            ? 
_reflns.d_resolution_high                2.450 
_reflns.d_resolution_low                 56.770 
_reflns.details                          ? 
_reflns.limit_h_max                      ? 
_reflns.limit_h_min                      ? 
_reflns.limit_k_max                      ? 
_reflns.limit_k_min                      ? 
_reflns.limit_l_max                      ? 
_reflns.limit_l_min                      ? 
_reflns.number_all                       ? 
_reflns.number_obs                       5585 
_reflns.observed_criterion               ? 
_reflns.observed_criterion_F_max         ? 
_reflns.observed_criterion_F_min         ? 
_reflns.observed_criterion_I_max         ? 
_reflns.observed_criterion_I_min         ? 
_reflns.observed_criterion_sigma_F       ? 
_reflns.observed_criterion_sigma_I       ? 
_reflns.percent_possible_obs             100.000 
_reflns.R_free_details                   ? 
_reflns.Rmerge_F_all                     ? 
_reflns.Rmerge_F_obs                     ? 
_reflns.Friedel_coverage                 ? 
_reflns.number_gt                        ? 
_reflns.threshold_expression             ? 
_reflns.pdbx_redundancy                  37.100 
_reflns.pdbx_Rmerge_I_obs                0.107 
_reflns.pdbx_Rmerge_I_all                ? 
_reflns.pdbx_Rsym_value                  ? 
_reflns.pdbx_netI_over_av_sigmaI         ? 
_reflns.pdbx_netI_over_sigmaI            15.000 
_reflns.pdbx_res_netI_over_av_sigmaI_2   ? 
_reflns.pdbx_res_netI_over_sigmaI_2      ? 
_reflns.pdbx_chi_squared                 ? 
_reflns.pdbx_scaling_rejects             647 
_reflns.pdbx_d_res_high_opt              ? 
_reflns.pdbx_d_res_low_opt               ? 
_reflns.pdbx_d_res_opt_method            ? 
_reflns.phase_calculation_details        ? 
_reflns.pdbx_Rrim_I_all                  0.109 
_reflns.pdbx_Rpim_I_all                  0.018 
_reflns.pdbx_d_opt                       ? 
_reflns.pdbx_number_measured_all         207457 
_reflns.pdbx_diffrn_id                   1 
_reflns.pdbx_ordinal                     1 
_reflns.pdbx_CC_half                     1.000 
_reflns.pdbx_CC_star                     ? 
_reflns.pdbx_R_split                     ? 
# 
loop_
_reflns_shell.d_res_high 
_reflns_shell.d_res_low 
_reflns_shell.meanI_over_sigI_all 
_reflns_shell.meanI_over_sigI_obs 
_reflns_shell.number_measured_all 
_reflns_shell.number_measured_obs 
_reflns_shell.number_possible 
_reflns_shell.number_unique_all 
_reflns_shell.number_unique_obs 
_reflns_shell.percent_possible_all 
_reflns_shell.percent_possible_obs 
_reflns_shell.Rmerge_F_all 
_reflns_shell.Rmerge_F_obs 
_reflns_shell.Rmerge_I_all 
_reflns_shell.Rmerge_I_obs 
_reflns_shell.meanI_over_sigI_gt 
_reflns_shell.meanI_over_uI_all 
_reflns_shell.meanI_over_uI_gt 
_reflns_shell.number_measured_gt 
_reflns_shell.number_unique_gt 
_reflns_shell.percent_possible_gt 
_reflns_shell.Rmerge_F_gt 
_reflns_shell.Rmerge_I_gt 
_reflns_shell.pdbx_redundancy 
_reflns_shell.pdbx_Rsym_value 
_reflns_shell.pdbx_chi_squared 
_reflns_shell.pdbx_netI_over_sigmaI_all 
_reflns_shell.pdbx_netI_over_sigmaI_obs 
_reflns_shell.pdbx_Rrim_I_all 
_reflns_shell.pdbx_Rpim_I_all 
_reflns_shell.pdbx_rejects 
_reflns_shell.pdbx_ordinal 
_reflns_shell.pdbx_diffrn_id 
_reflns_shell.pdbx_CC_half 
_reflns_shell.pdbx_CC_star 
_reflns_shell.pdbx_R_split 
2.450 2.550  ? ? 23154 ? ? ? 601 100.000 ? ? ? ? 1.873 ? ? ? ? ? ? ? ? 38.500 ? ? ? 1.600  1.898 0.304 ? 1 1 0.987 ? ? 
8.830 56.770 ? ? 4461  ? ? ? 161 99.700  ? ? ? ? 0.030 ? ? ? ? ? ? ? ? 27.700 ? ? ? 62.400 0.031 0.006 ? 2 1 1.000 ? ? 
# 
_refine.aniso_B[1][1]                            ? 
_refine.aniso_B[1][2]                            ? 
_refine.aniso_B[1][3]                            ? 
_refine.aniso_B[2][2]                            ? 
_refine.aniso_B[2][3]                            ? 
_refine.aniso_B[3][3]                            ? 
_refine.B_iso_max                                138.210 
_refine.B_iso_mean                               69.2468 
_refine.B_iso_min                                28.870 
_refine.correlation_coeff_Fo_to_Fc               ? 
_refine.correlation_coeff_Fo_to_Fc_free          ? 
_refine.details                                  ? 
_refine.diff_density_max                         ? 
_refine.diff_density_max_esd                     ? 
_refine.diff_density_min                         ? 
_refine.diff_density_min_esd                     ? 
_refine.diff_density_rms                         ? 
_refine.diff_density_rms_esd                     ? 
_refine.entry_id                                 6WSM 
_refine.pdbx_refine_id                           'X-RAY DIFFRACTION' 
_refine.ls_abs_structure_details                 ? 
_refine.ls_abs_structure_Flack                   ? 
_refine.ls_abs_structure_Flack_esd               ? 
_refine.ls_abs_structure_Rogers                  ? 
_refine.ls_abs_structure_Rogers_esd              ? 
_refine.ls_d_res_high                            2.4510 
_refine.ls_d_res_low                             46.2350 
_refine.ls_extinction_coef                       ? 
_refine.ls_extinction_coef_esd                   ? 
_refine.ls_extinction_expression                 ? 
_refine.ls_extinction_method                     ? 
_refine.ls_goodness_of_fit_all                   ? 
_refine.ls_goodness_of_fit_all_esd               ? 
_refine.ls_goodness_of_fit_obs                   ? 
_refine.ls_goodness_of_fit_obs_esd               ? 
_refine.ls_hydrogen_treatment                    ? 
_refine.ls_matrix_type                           ? 
_refine.ls_number_constraints                    ? 
_refine.ls_number_parameters                     ? 
_refine.ls_number_reflns_all                     ? 
_refine.ls_number_reflns_obs                     3684 
_refine.ls_number_reflns_R_free                  377 
_refine.ls_number_reflns_R_work                  ? 
_refine.ls_number_restraints                     ? 
_refine.ls_percent_reflns_obs                    66.2700 
_refine.ls_percent_reflns_R_free                 10.2300 
_refine.ls_R_factor_all                          ? 
_refine.ls_R_factor_obs                          0.3207 
_refine.ls_R_factor_R_free                       0.3389 
_refine.ls_R_factor_R_free_error                 ? 
_refine.ls_R_factor_R_free_error_details         ? 
_refine.ls_R_factor_R_work                       0.3185 
_refine.ls_R_Fsqd_factor_obs                     ? 
_refine.ls_R_I_factor_obs                        ? 
_refine.ls_redundancy_reflns_all                 ? 
_refine.ls_redundancy_reflns_obs                 ? 
_refine.ls_restrained_S_all                      ? 
_refine.ls_restrained_S_obs                      ? 
_refine.ls_shift_over_esd_max                    ? 
_refine.ls_shift_over_esd_mean                   ? 
_refine.ls_structure_factor_coef                 ? 
_refine.ls_weighting_details                     ? 
_refine.ls_weighting_scheme                      ? 
_refine.ls_wR_factor_all                         ? 
_refine.ls_wR_factor_obs                         ? 
_refine.ls_wR_factor_R_free                      ? 
_refine.ls_wR_factor_R_work                      ? 
_refine.occupancy_max                            ? 
_refine.occupancy_min                            ? 
_refine.solvent_model_details                    ? 
_refine.solvent_model_param_bsol                 ? 
_refine.solvent_model_param_ksol                 ? 
_refine.pdbx_R_complete                          ? 
_refine.ls_R_factor_gt                           ? 
_refine.ls_goodness_of_fit_gt                    ? 
_refine.ls_goodness_of_fit_ref                   ? 
_refine.ls_shift_over_su_max                     ? 
_refine.ls_shift_over_su_max_lt                  ? 
_refine.ls_shift_over_su_mean                    ? 
_refine.ls_shift_over_su_mean_lt                 ? 
_refine.pdbx_ls_sigma_I                          ? 
_refine.pdbx_ls_sigma_F                          1.330 
_refine.pdbx_ls_sigma_Fsqd                       ? 
_refine.pdbx_data_cutoff_high_absF               ? 
_refine.pdbx_data_cutoff_high_rms_absF           ? 
_refine.pdbx_data_cutoff_low_absF                ? 
_refine.pdbx_isotropic_thermal_model             ? 
_refine.pdbx_ls_cross_valid_method               THROUGHOUT 
_refine.pdbx_method_to_determine_struct          'AB INITIO PHASING' 
_refine.pdbx_starting_model                      ? 
_refine.pdbx_stereochemistry_target_values       ? 
_refine.pdbx_R_Free_selection_details            ? 
_refine.pdbx_stereochem_target_val_spec_case     ? 
_refine.pdbx_overall_ESU_R                       ? 
_refine.pdbx_overall_ESU_R_Free                  ? 
_refine.pdbx_solvent_vdw_probe_radii             1.1100 
_refine.pdbx_solvent_ion_probe_radii             ? 
_refine.pdbx_solvent_shrinkage_radii             0.9000 
_refine.pdbx_real_space_R                        ? 
_refine.pdbx_density_correlation                 ? 
_refine.pdbx_pd_number_of_powder_patterns        ? 
_refine.pdbx_pd_number_of_points                 ? 
_refine.pdbx_pd_meas_number_of_points            ? 
_refine.pdbx_pd_proc_ls_prof_R_factor            ? 
_refine.pdbx_pd_proc_ls_prof_wR_factor           ? 
_refine.pdbx_pd_Marquardt_correlation_coeff      ? 
_refine.pdbx_pd_Fsqrd_R_factor                   ? 
_refine.pdbx_pd_ls_matrix_band_width             ? 
_refine.pdbx_overall_phase_error                 38.8000 
_refine.pdbx_overall_SU_R_free_Cruickshank_DPI   ? 
_refine.pdbx_overall_SU_R_free_Blow_DPI          ? 
_refine.pdbx_overall_SU_R_Blow_DPI               ? 
_refine.pdbx_TLS_residual_ADP_flag               ? 
_refine.pdbx_diffrn_id                           1 
_refine.overall_SU_B                             ? 
_refine.overall_SU_ML                            0.2300 
_refine.overall_SU_R_Cruickshank_DPI             ? 
_refine.overall_SU_R_free                        ? 
_refine.overall_FOM_free_R_set                   ? 
_refine.overall_FOM_work_R_set                   ? 
_refine.pdbx_average_fsc_overall                 ? 
_refine.pdbx_average_fsc_work                    ? 
_refine.pdbx_average_fsc_free                    ? 
# 
_refine_hist.pdbx_refine_id                   'X-RAY DIFFRACTION' 
_refine_hist.cycle_id                         final 
_refine_hist.details                          ? 
_refine_hist.d_res_high                       2.4510 
_refine_hist.d_res_low                        46.2350 
_refine_hist.number_atoms_solvent             17 
_refine_hist.number_atoms_total               587 
_refine_hist.number_reflns_all                ? 
_refine_hist.number_reflns_obs                ? 
_refine_hist.number_reflns_R_free             ? 
_refine_hist.number_reflns_R_work             ? 
_refine_hist.R_factor_all                     ? 
_refine_hist.R_factor_obs                     ? 
_refine_hist.R_factor_R_free                  ? 
_refine_hist.R_factor_R_work                  ? 
_refine_hist.pdbx_number_residues_total       74 
_refine_hist.pdbx_B_iso_mean_ligand           109.93 
_refine_hist.pdbx_B_iso_mean_solvent          52.59 
_refine_hist.pdbx_number_atoms_protein        555 
_refine_hist.pdbx_number_atoms_nucleic_acid   0 
_refine_hist.pdbx_number_atoms_ligand         15 
_refine_hist.pdbx_number_atoms_lipid          ? 
_refine_hist.pdbx_number_atoms_carb           ? 
_refine_hist.pdbx_pseudo_atom_details         ? 
# 
loop_
_refine_ls_restr.pdbx_refine_id 
_refine_ls_restr.criterion 
_refine_ls_restr.dev_ideal 
_refine_ls_restr.dev_ideal_target 
_refine_ls_restr.number 
_refine_ls_restr.rejects 
_refine_ls_restr.type 
_refine_ls_restr.weight 
_refine_ls_restr.pdbx_restraint_function 
'X-RAY DIFFRACTION' ? 0.001  ? 570 ? f_bond_d           ? ? 
'X-RAY DIFFRACTION' ? 0.321  ? 766 ? f_angle_d          ? ? 
'X-RAY DIFFRACTION' ? 0.026  ? 87  ? f_chiral_restr     ? ? 
'X-RAY DIFFRACTION' ? 0.001  ? 100 ? f_plane_restr      ? ? 
'X-RAY DIFFRACTION' ? 16.715 ? 357 ? f_dihedral_angle_d ? ? 
# 
loop_
_refine_ls_shell.pdbx_refine_id 
_refine_ls_shell.d_res_high 
_refine_ls_shell.d_res_low 
_refine_ls_shell.number_reflns_all 
_refine_ls_shell.number_reflns_obs 
_refine_ls_shell.number_reflns_R_free 
_refine_ls_shell.number_reflns_R_work 
_refine_ls_shell.percent_reflns_obs 
_refine_ls_shell.percent_reflns_R_free 
_refine_ls_shell.R_factor_all 
_refine_ls_shell.R_factor_obs 
_refine_ls_shell.R_factor_R_free 
_refine_ls_shell.R_factor_R_free_error 
_refine_ls_shell.R_factor_R_work 
_refine_ls_shell.redundancy_reflns_all 
_refine_ls_shell.redundancy_reflns_obs 
_refine_ls_shell.wR_factor_all 
_refine_ls_shell.wR_factor_obs 
_refine_ls_shell.wR_factor_R_free 
_refine_ls_shell.wR_factor_R_work 
_refine_ls_shell.pdbx_R_complete 
_refine_ls_shell.pdbx_total_number_of_bins_used 
_refine_ls_shell.pdbx_phase_error 
_refine_ls_shell.pdbx_fsc_work 
_refine_ls_shell.pdbx_fsc_free 
'X-RAY DIFFRACTION' 2.4514 2.8061  . . 62  468  30.0000 . . . 0.4604 0.0000 0.4053 . . . . . . . . . . . 
'X-RAY DIFFRACTION' 2.8061 3.5352  . . 128 1119 68.0000 . . . 0.3315 0.0000 0.3328 . . . . . . . . . . . 
'X-RAY DIFFRACTION' 3.5352 46.2250 . . 187 1720 98.0000 . . . 0.3284 0.0000 0.3056 . . . . . . . . . . . 
# 
_struct.entry_id                     6WSM 
_struct.title                        'Crystal structure of coiled coil region of human septin 8' 
_struct.pdbx_model_details           ? 
_struct.pdbx_formula_weight          ? 
_struct.pdbx_formula_weight_method   ? 
_struct.pdbx_model_type_details      ? 
_struct.pdbx_CASP_flag               N 
# 
_struct_keywords.entry_id        6WSM 
_struct_keywords.text            'Coiled coil, Septin, STRUCTURAL PROTEIN' 
_struct_keywords.pdbx_keywords   'STRUCTURAL PROTEIN' 
# 
loop_
_struct_asym.id 
_struct_asym.pdbx_blank_PDB_chainid_flag 
_struct_asym.pdbx_modified 
_struct_asym.entity_id 
_struct_asym.details 
A N N 1 ? 
B N N 2 ? 
C N N 2 ? 
D N N 2 ? 
E N N 3 ? 
# 
_struct_ref.id                         1 
_struct_ref.db_name                    UNP 
_struct_ref.db_code                    SEPT8_HUMAN 
_struct_ref.pdbx_db_accession          Q92599 
_struct_ref.pdbx_db_isoform            ? 
_struct_ref.entity_id                  1 
_struct_ref.pdbx_seq_one_letter_code   
;GFQDSDGDSQPFSLQETYEAKRKEFLSELQRKEEEMRQMFVNKVKETELELKEKERELHEKFEHLKRVHQEEKRKVEEKR
RELEEETNAFNRRKAAVEALQSQALHATSQQPLRKDKDKKN
;
_struct_ref.pdbx_align_begin           309 
# 
_struct_ref_seq.align_id                      1 
_struct_ref_seq.ref_id                        1 
_struct_ref_seq.pdbx_PDB_id_code              6WSM 
_struct_ref_seq.pdbx_strand_id                A 
_struct_ref_seq.seq_align_beg                 6 
_struct_ref_seq.pdbx_seq_align_beg_ins_code   ? 
_struct_ref_seq.seq_align_end                 126 
_struct_ref_seq.pdbx_seq_align_end_ins_code   ? 
_struct_ref_seq.pdbx_db_accession             Q92599 
_struct_ref_seq.db_align_beg                  309 
_struct_ref_seq.pdbx_db_align_beg_ins_code    ? 
_struct_ref_seq.db_align_end                  429 
_struct_ref_seq.pdbx_db_align_end_ins_code    ? 
_struct_ref_seq.pdbx_auth_seq_align_beg       309 
_struct_ref_seq.pdbx_auth_seq_align_end       429 
# 
loop_
_struct_ref_seq_dif.align_id 
_struct_ref_seq_dif.pdbx_pdb_id_code 
_struct_ref_seq_dif.mon_id 
_struct_ref_seq_dif.pdbx_pdb_strand_id 
_struct_ref_seq_dif.seq_num 
_struct_ref_seq_dif.pdbx_pdb_ins_code 
_struct_ref_seq_dif.pdbx_seq_db_name 
_struct_ref_seq_dif.pdbx_seq_db_accession_code 
_struct_ref_seq_dif.db_mon_id 
_struct_ref_seq_dif.pdbx_seq_db_seq_num 
_struct_ref_seq_dif.details 
_struct_ref_seq_dif.pdbx_auth_seq_num 
_struct_ref_seq_dif.pdbx_ordinal 
1 6WSM GLY A 1 ? UNP Q92599 ? ? 'expression tag' 304 1 
1 6WSM SER A 2 ? UNP Q92599 ? ? 'expression tag' 305 2 
1 6WSM HIS A 3 ? UNP Q92599 ? ? 'expression tag' 306 3 
1 6WSM MET A 4 ? UNP Q92599 ? ? 'expression tag' 307 4 
1 6WSM TRP A 5 ? UNP Q92599 ? ? 'expression tag' 308 5 
# 
_pdbx_struct_assembly.id                   1 
_pdbx_struct_assembly.details              author_and_software_defined_assembly 
_pdbx_struct_assembly.method_details       PISA 
_pdbx_struct_assembly.oligomeric_details   dimeric 
_pdbx_struct_assembly.oligomeric_count     2 
# 
loop_
_pdbx_struct_assembly_prop.biol_id 
_pdbx_struct_assembly_prop.type 
_pdbx_struct_assembly_prop.value 
_pdbx_struct_assembly_prop.details 
1 'ABSA (A^2)' 3880  ? 
1 MORE         -92   ? 
1 'SSA (A^2)'  10880 ? 
# 
_pdbx_struct_assembly_gen.assembly_id       1 
_pdbx_struct_assembly_gen.oper_expression   1,2 
_pdbx_struct_assembly_gen.asym_id_list      A,B,C,D,E 
# 
_pdbx_struct_assembly_auth_evidence.id                     1 
_pdbx_struct_assembly_auth_evidence.assembly_id            1 
_pdbx_struct_assembly_auth_evidence.experimental_support   'equilibrium centrifugation' 
_pdbx_struct_assembly_auth_evidence.details                ? 
# 
loop_
_pdbx_struct_oper_list.id 
_pdbx_struct_oper_list.type 
_pdbx_struct_oper_list.name 
_pdbx_struct_oper_list.symmetry_operation 
_pdbx_struct_oper_list.matrix[1][1] 
_pdbx_struct_oper_list.matrix[1][2] 
_pdbx_struct_oper_list.matrix[1][3] 
_pdbx_struct_oper_list.vector[1] 
_pdbx_struct_oper_list.matrix[2][1] 
_pdbx_struct_oper_list.matrix[2][2] 
_pdbx_struct_oper_list.matrix[2][3] 
_pdbx_struct_oper_list.vector[2] 
_pdbx_struct_oper_list.matrix[3][1] 
_pdbx_struct_oper_list.matrix[3][2] 
_pdbx_struct_oper_list.matrix[3][3] 
_pdbx_struct_oper_list.vector[3] 
1 'identity operation'         1_555 x,y,z    1.0000000000  0.0000000000 0.0000000000  0.0000000000  0.0000000000 1.0000000000 0.0000000000  0.0000000000 0.0000000000  0.0000000000  1.0000000000  0.0000000000 
2 'crystal symmetry operation' 7_557 y,x,-z+2 -0.7718021230 0.6082781064 -0.1852544958 -3.9859791582 0.6082781064 0.6214097150 -0.4938093877 3.7150834870 -0.1852544958 -0.4938093877 -0.8496075920 7.2884167343 
# 
_struct_conf.conf_type_id            HELX_P 
_struct_conf.id                      HELX_P1 
_struct_conf.pdbx_PDB_helix_id       AA1 
_struct_conf.beg_label_comp_id       SER 
_struct_conf.beg_label_asym_id       A 
_struct_conf.beg_label_seq_id        32 
_struct_conf.pdbx_beg_PDB_ins_code   ? 
_struct_conf.end_label_comp_id       ALA 
_struct_conf.end_label_asym_id       A 
_struct_conf.end_label_seq_id        104 
_struct_conf.pdbx_end_PDB_ins_code   ? 
_struct_conf.beg_auth_comp_id        SER 
_struct_conf.beg_auth_asym_id        A 
_struct_conf.beg_auth_seq_id         335 
_struct_conf.end_auth_comp_id        ALA 
_struct_conf.end_auth_asym_id        A 
_struct_conf.end_auth_seq_id         407 
_struct_conf.pdbx_PDB_helix_class    1 
_struct_conf.details                 ? 
_struct_conf.pdbx_PDB_helix_length   73 
# 
_struct_conf_type.id          HELX_P 
_struct_conf_type.criteria    ? 
_struct_conf_type.reference   ? 
# 
loop_
_struct_site.id 
_struct_site.pdbx_evidence_code 
_struct_site.pdbx_auth_asym_id 
_struct_site.pdbx_auth_comp_id 
_struct_site.pdbx_auth_seq_id 
_struct_site.pdbx_auth_ins_code 
_struct_site.pdbx_num_residues 
_struct_site.details 
AC1 Software A SO4 101 ? 4 'binding site for residue SO4 A 101' 
AC2 Software A SO4 102 ? 2 'binding site for residue SO4 A 102' 
AC3 Software A SO4 103 ? 2 'binding site for residue SO4 A 103' 
# 
loop_
_struct_site_gen.id 
_struct_site_gen.site_id 
_struct_site_gen.pdbx_num_res 
_struct_site_gen.label_comp_id 
_struct_site_gen.label_asym_id 
_struct_site_gen.label_seq_id 
_struct_site_gen.pdbx_auth_ins_code 
_struct_site_gen.auth_comp_id 
_struct_site_gen.auth_asym_id 
_struct_site_gen.auth_seq_id 
_struct_site_gen.label_atom_id 
_struct_site_gen.label_alt_id 
_struct_site_gen.symmetry 
_struct_site_gen.details 
1 AC1 4 LYS A 57 ? LYS A 360 . ? 1_555  ? 
2 AC1 4 HIS A 64 ? HIS A 367 . ? 10_666 ? 
3 AC1 4 HIS A 74 ? HIS A 377 . ? 4_664  ? 
4 AC1 4 LYS A 78 ? LYS A 381 . ? 4_664  ? 
5 AC2 2 LYS A 50 ? LYS A 353 . ? 7_556  ? 
6 AC2 2 GLU A 68 ? GLU A 371 . ? 10_666 ? 
7 AC3 2 GLU A 53 ? GLU A 356 . ? 7_557  ? 
8 AC3 2 ARG A 85 ? ARG A 388 . ? 1_555  ? 
# 
_pdbx_validate_symm_contact.id                1 
_pdbx_validate_symm_contact.PDB_model_num     1 
_pdbx_validate_symm_contact.auth_atom_id_1    O 
_pdbx_validate_symm_contact.auth_asym_id_1    A 
_pdbx_validate_symm_contact.auth_comp_id_1    HOH 
_pdbx_validate_symm_contact.auth_seq_id_1     202 
_pdbx_validate_symm_contact.PDB_ins_code_1    ? 
_pdbx_validate_symm_contact.label_alt_id_1    ? 
_pdbx_validate_symm_contact.site_symmetry_1   1_555 
_pdbx_validate_symm_contact.auth_atom_id_2    O 
_pdbx_validate_symm_contact.auth_asym_id_2    A 
_pdbx_validate_symm_contact.auth_comp_id_2    HOH 
_pdbx_validate_symm_contact.auth_seq_id_2     205 
_pdbx_validate_symm_contact.PDB_ins_code_2    ? 
_pdbx_validate_symm_contact.label_alt_id_2    ? 
_pdbx_validate_symm_contact.site_symmetry_2   10_667 
_pdbx_validate_symm_contact.dist              2.18 
# 
loop_
_pdbx_struct_special_symmetry.id 
_pdbx_struct_special_symmetry.PDB_model_num 
_pdbx_struct_special_symmetry.auth_asym_id 
_pdbx_struct_special_symmetry.auth_comp_id 
_pdbx_struct_special_symmetry.auth_seq_id 
_pdbx_struct_special_symmetry.PDB_ins_code 
_pdbx_struct_special_symmetry.label_asym_id 
_pdbx_struct_special_symmetry.label_comp_id 
_pdbx_struct_special_symmetry.label_seq_id 
1 1 A HOH 213 ? E HOH . 
2 1 A HOH 216 ? E HOH . 
# 
_pdbx_refine_tls.pdbx_refine_id   'X-RAY DIFFRACTION' 
_pdbx_refine_tls.id               1 
_pdbx_refine_tls.details          ? 
_pdbx_refine_tls.method           refined 
_pdbx_refine_tls.origin_x         -0.4584 
_pdbx_refine_tls.origin_y         0.6450 
_pdbx_refine_tls.origin_z         -0.1593 
_pdbx_refine_tls.T[1][1]          0.1661 
_pdbx_refine_tls.T[2][2]          1.0796 
_pdbx_refine_tls.T[3][3]          0.0783 
_pdbx_refine_tls.T[1][2]          0.3110 
_pdbx_refine_tls.T[1][3]          -0.3780 
_pdbx_refine_tls.T[2][3]          -0.1229 
_pdbx_refine_tls.L[1][1]          1.9749 
_pdbx_refine_tls.L[2][2]          0.3949 
_pdbx_refine_tls.L[3][3]          0.2295 
_pdbx_refine_tls.L[1][2]          -0.3808 
_pdbx_refine_tls.L[1][3]          0.3962 
_pdbx_refine_tls.L[2][3]          -0.2047 
_pdbx_refine_tls.S[1][1]          0.0488 
_pdbx_refine_tls.S[2][2]          0.0139 
_pdbx_refine_tls.S[3][3]          0.0879 
_pdbx_refine_tls.S[1][2]          -0.0763 
_pdbx_refine_tls.S[1][3]          0.0114 
_pdbx_refine_tls.S[2][3]          -0.0380 
_pdbx_refine_tls.S[2][1]          -0.0733 
_pdbx_refine_tls.S[3][1]          0.1492 
_pdbx_refine_tls.S[3][2]          0.2032 
# 
_pdbx_refine_tls_group.pdbx_refine_id      'X-RAY DIFFRACTION' 
_pdbx_refine_tls_group.id                  1 
_pdbx_refine_tls_group.refine_tls_id       1 
_pdbx_refine_tls_group.beg_auth_asym_id    A 
_pdbx_refine_tls_group.beg_auth_seq_id     335 
_pdbx_refine_tls_group.end_auth_asym_id    A 
_pdbx_refine_tls_group.end_auth_seq_id     408 
_pdbx_refine_tls_group.selection_details   '( CHAIN A AND RESID 335:408 )' 
_pdbx_refine_tls_group.beg_label_asym_id   ? 
_pdbx_refine_tls_group.beg_label_seq_id    ? 
_pdbx_refine_tls_group.end_label_asym_id   ? 
_pdbx_refine_tls_group.end_label_seq_id    ? 
_pdbx_refine_tls_group.selection           ? 
# 
_pdbx_entry_details.entry_id                 6WSM 
_pdbx_entry_details.has_ligand_of_interest   Y 
_pdbx_entry_details.compound_details         ? 
_pdbx_entry_details.source_details           ? 
_pdbx_entry_details.nonpolymer_details       ? 
_pdbx_entry_details.sequence_details         ? 
# 
_pdbx_distant_solvent_atoms.id                                1 
_pdbx_distant_solvent_atoms.PDB_model_num                     1 
_pdbx_distant_solvent_atoms.auth_atom_id                      O 
_pdbx_distant_solvent_atoms.label_alt_id                      ? 
_pdbx_distant_solvent_atoms.auth_asym_id                      A 
_pdbx_distant_solvent_atoms.auth_comp_id                      HOH 
_pdbx_distant_solvent_atoms.auth_seq_id                       217 
_pdbx_distant_solvent_atoms.PDB_ins_code                      ? 
_pdbx_distant_solvent_atoms.neighbor_macromolecule_distance   8.52 
_pdbx_distant_solvent_atoms.neighbor_ligand_distance          . 
# 
loop_
_pdbx_unobs_or_zero_occ_residues.id 
_pdbx_unobs_or_zero_occ_residues.PDB_model_num 
_pdbx_unobs_or_zero_occ_residues.polymer_flag 
_pdbx_unobs_or_zero_occ_residues.occupancy_flag 
_pdbx_unobs_or_zero_occ_residues.auth_asym_id 
_pdbx_unobs_or_zero_occ_residues.auth_comp_id 
_pdbx_unobs_or_zero_occ_residues.auth_seq_id 
_pdbx_unobs_or_zero_occ_residues.PDB_ins_code 
_pdbx_unobs_or_zero_occ_residues.label_asym_id 
_pdbx_unobs_or_zero_occ_residues.label_comp_id 
_pdbx_unobs_or_zero_occ_residues.label_seq_id 
1  1 Y 1 A GLY 304 ? A GLY 1   
2  1 Y 1 A SER 305 ? A SER 2   
3  1 Y 1 A HIS 306 ? A HIS 3   
4  1 Y 1 A MET 307 ? A MET 4   
5  1 Y 1 A TRP 308 ? A TRP 5   
6  1 Y 1 A GLY 309 ? A GLY 6   
7  1 Y 1 A PHE 310 ? A PHE 7   
8  1 Y 1 A GLN 311 ? A GLN 8   
9  1 Y 1 A ASP 312 ? A ASP 9   
10 1 Y 1 A SER 313 ? A SER 10  
11 1 Y 1 A ASP 314 ? A ASP 11  
12 1 Y 1 A GLY 315 ? A GLY 12  
13 1 Y 1 A ASP 316 ? A ASP 13  
14 1 Y 1 A SER 317 ? A SER 14  
15 1 Y 1 A GLN 318 ? A GLN 15  
16 1 Y 1 A PRO 319 ? A PRO 16  
17 1 Y 1 A PHE 320 ? A PHE 17  
18 1 Y 1 A SER 321 ? A SER 18  
19 1 Y 1 A LEU 322 ? A LEU 19  
20 1 Y 1 A GLN 323 ? A GLN 20  
21 1 Y 1 A GLU 324 ? A GLU 21  
22 1 Y 1 A THR 325 ? A THR 22  
23 1 Y 1 A TYR 326 ? A TYR 23  
24 1 Y 1 A GLU 327 ? A GLU 24  
25 1 Y 1 A ALA 328 ? A ALA 25  
26 1 Y 1 A LYS 329 ? A LYS 26  
27 1 Y 1 A ARG 330 ? A ARG 27  
28 1 Y 1 A LYS 331 ? A LYS 28  
29 1 Y 1 A GLU 332 ? A GLU 29  
30 1 Y 1 A PHE 333 ? A PHE 30  
31 1 Y 1 A LEU 334 ? A LEU 31  
32 1 Y 1 A GLN 409 ? A GLN 106 
33 1 Y 1 A SER 410 ? A SER 107 
34 1 Y 1 A GLN 411 ? A GLN 108 
35 1 Y 1 A ALA 412 ? A ALA 109 
36 1 Y 1 A LEU 413 ? A LEU 110 
37 1 Y 1 A HIS 414 ? A HIS 111 
38 1 Y 1 A ALA 415 ? A ALA 112 
39 1 Y 1 A THR 416 ? A THR 113 
40 1 Y 1 A SER 417 ? A SER 114 
41 1 Y 1 A GLN 418 ? A GLN 115 
42 1 Y 1 A GLN 419 ? A GLN 116 
43 1 Y 1 A PRO 420 ? A PRO 117 
44 1 Y 1 A LEU 421 ? A LEU 118 
45 1 Y 1 A ARG 422 ? A ARG 119 
46 1 Y 1 A LYS 423 ? A LYS 120 
47 1 Y 1 A ASP 424 ? A ASP 121 
48 1 Y 1 A LYS 425 ? A LYS 122 
49 1 Y 1 A ASP 426 ? A ASP 123 
50 1 Y 1 A LYS 427 ? A LYS 124 
51 1 Y 1 A LYS 428 ? A LYS 125 
52 1 Y 1 A ASN 429 ? A ASN 126 
# 
loop_
_chem_comp_atom.comp_id 
_chem_comp_atom.atom_id 
_chem_comp_atom.type_symbol 
_chem_comp_atom.pdbx_aromatic_flag 
_chem_comp_atom.pdbx_stereo_config 
_chem_comp_atom.pdbx_ordinal 
ALA N    N N N 1   
ALA CA   C N S 2   
ALA C    C N N 3   
ALA O    O N N 4   
ALA CB   C N N 5   
ALA OXT  O N N 6   
ALA H    H N N 7   
ALA H2   H N N 8   
ALA HA   H N N 9   
ALA HB1  H N N 10  
ALA HB2  H N N 11  
ALA HB3  H N N 12  
ALA HXT  H N N 13  
ARG N    N N N 14  
ARG CA   C N S 15  
ARG C    C N N 16  
ARG O    O N N 17  
ARG CB   C N N 18  
ARG CG   C N N 19  
ARG CD   C N N 20  
ARG NE   N N N 21  
ARG CZ   C N N 22  
ARG NH1  N N N 23  
ARG NH2  N N N 24  
ARG OXT  O N N 25  
ARG H    H N N 26  
ARG H2   H N N 27  
ARG HA   H N N 28  
ARG HB2  H N N 29  
ARG HB3  H N N 30  
ARG HG2  H N N 31  
ARG HG3  H N N 32  
ARG HD2  H N N 33  
ARG HD3  H N N 34  
ARG HE   H N N 35  
ARG HH11 H N N 36  
ARG HH12 H N N 37  
ARG HH21 H N N 38  
ARG HH22 H N N 39  
ARG HXT  H N N 40  
ASN N    N N N 41  
ASN CA   C N S 42  
ASN C    C N N 43  
ASN O    O N N 44  
ASN CB   C N N 45  
ASN CG   C N N 46  
ASN OD1  O N N 47  
ASN ND2  N N N 48  
ASN OXT  O N N 49  
ASN H    H N N 50  
ASN H2   H N N 51  
ASN HA   H N N 52  
ASN HB2  H N N 53  
ASN HB3  H N N 54  
ASN HD21 H N N 55  
ASN HD22 H N N 56  
ASN HXT  H N N 57  
ASP N    N N N 58  
ASP CA   C N S 59  
ASP C    C N N 60  
ASP O    O N N 61  
ASP CB   C N N 62  
ASP CG   C N N 63  
ASP OD1  O N N 64  
ASP OD2  O N N 65  
ASP OXT  O N N 66  
ASP H    H N N 67  
ASP H2   H N N 68  
ASP HA   H N N 69  
ASP HB2  H N N 70  
ASP HB3  H N N 71  
ASP HD2  H N N 72  
ASP HXT  H N N 73  
GLN N    N N N 74  
GLN CA   C N S 75  
GLN C    C N N 76  
GLN O    O N N 77  
GLN CB   C N N 78  
GLN CG   C N N 79  
GLN CD   C N N 80  
GLN OE1  O N N 81  
GLN NE2  N N N 82  
GLN OXT  O N N 83  
GLN H    H N N 84  
GLN H2   H N N 85  
GLN HA   H N N 86  
GLN HB2  H N N 87  
GLN HB3  H N N 88  
GLN HG2  H N N 89  
GLN HG3  H N N 90  
GLN HE21 H N N 91  
GLN HE22 H N N 92  
GLN HXT  H N N 93  
GLU N    N N N 94  
GLU CA   C N S 95  
GLU C    C N N 96  
GLU O    O N N 97  
GLU CB   C N N 98  
GLU CG   C N N 99  
GLU CD   C N N 100 
GLU OE1  O N N 101 
GLU OE2  O N N 102 
GLU OXT  O N N 103 
GLU H    H N N 104 
GLU H2   H N N 105 
GLU HA   H N N 106 
GLU HB2  H N N 107 
GLU HB3  H N N 108 
GLU HG2  H N N 109 
GLU HG3  H N N 110 
GLU HE2  H N N 111 
GLU HXT  H N N 112 
GLY N    N N N 113 
GLY CA   C N N 114 
GLY C    C N N 115 
GLY O    O N N 116 
GLY OXT  O N N 117 
GLY H    H N N 118 
GLY H2   H N N 119 
GLY HA2  H N N 120 
GLY HA3  H N N 121 
GLY HXT  H N N 122 
HIS N    N N N 123 
HIS CA   C N S 124 
HIS C    C N N 125 
HIS O    O N N 126 
HIS CB   C N N 127 
HIS CG   C Y N 128 
HIS ND1  N Y N 129 
HIS CD2  C Y N 130 
HIS CE1  C Y N 131 
HIS NE2  N Y N 132 
HIS OXT  O N N 133 
HIS H    H N N 134 
HIS H2   H N N 135 
HIS HA   H N N 136 
HIS HB2  H N N 137 
HIS HB3  H N N 138 
HIS HD1  H N N 139 
HIS HD2  H N N 140 
HIS HE1  H N N 141 
HIS HE2  H N N 142 
HIS HXT  H N N 143 
HOH O    O N N 144 
HOH H1   H N N 145 
HOH H2   H N N 146 
LEU N    N N N 147 
LEU CA   C N S 148 
LEU C    C N N 149 
LEU O    O N N 150 
LEU CB   C N N 151 
LEU CG   C N N 152 
LEU CD1  C N N 153 
LEU CD2  C N N 154 
LEU OXT  O N N 155 
LEU H    H N N 156 
LEU H2   H N N 157 
LEU HA   H N N 158 
LEU HB2  H N N 159 
LEU HB3  H N N 160 
LEU HG   H N N 161 
LEU HD11 H N N 162 
LEU HD12 H N N 163 
LEU HD13 H N N 164 
LEU HD21 H N N 165 
LEU HD22 H N N 166 
LEU HD23 H N N 167 
LEU HXT  H N N 168 
LYS N    N N N 169 
LYS CA   C N S 170 
LYS C    C N N 171 
LYS O    O N N 172 
LYS CB   C N N 173 
LYS CG   C N N 174 
LYS CD   C N N 175 
LYS CE   C N N 176 
LYS NZ   N N N 177 
LYS OXT  O N N 178 
LYS H    H N N 179 
LYS H2   H N N 180 
LYS HA   H N N 181 
LYS HB2  H N N 182 
LYS HB3  H N N 183 
LYS HG2  H N N 184 
LYS HG3  H N N 185 
LYS HD2  H N N 186 
LYS HD3  H N N 187 
LYS HE2  H N N 188 
LYS HE3  H N N 189 
LYS HZ1  H N N 190 
LYS HZ2  H N N 191 
LYS HZ3  H N N 192 
LYS HXT  H N N 193 
MET N    N N N 194 
MET CA   C N S 195 
MET C    C N N 196 
MET O    O N N 197 
MET CB   C N N 198 
MET CG   C N N 199 
MET SD   S N N 200 
MET CE   C N N 201 
MET OXT  O N N 202 
MET H    H N N 203 
MET H2   H N N 204 
MET HA   H N N 205 
MET HB2  H N N 206 
MET HB3  H N N 207 
MET HG2  H N N 208 
MET HG3  H N N 209 
MET HE1  H N N 210 
MET HE2  H N N 211 
MET HE3  H N N 212 
MET HXT  H N N 213 
PHE N    N N N 214 
PHE CA   C N S 215 
PHE C    C N N 216 
PHE O    O N N 217 
PHE CB   C N N 218 
PHE CG   C Y N 219 
PHE CD1  C Y N 220 
PHE CD2  C Y N 221 
PHE CE1  C Y N 222 
PHE CE2  C Y N 223 
PHE CZ   C Y N 224 
PHE OXT  O N N 225 
PHE H    H N N 226 
PHE H2   H N N 227 
PHE HA   H N N 228 
PHE HB2  H N N 229 
PHE HB3  H N N 230 
PHE HD1  H N N 231 
PHE HD2  H N N 232 
PHE HE1  H N N 233 
PHE HE2  H N N 234 
PHE HZ   H N N 235 
PHE HXT  H N N 236 
PRO N    N N N 237 
PRO CA   C N S 238 
PRO C    C N N 239 
PRO O    O N N 240 
PRO CB   C N N 241 
PRO CG   C N N 242 
PRO CD   C N N 243 
PRO OXT  O N N 244 
PRO H    H N N 245 
PRO HA   H N N 246 
PRO HB2  H N N 247 
PRO HB3  H N N 248 
PRO HG2  H N N 249 
PRO HG3  H N N 250 
PRO HD2  H N N 251 
PRO HD3  H N N 252 
PRO HXT  H N N 253 
SER N    N N N 254 
SER CA   C N S 255 
SER C    C N N 256 
SER O    O N N 257 
SER CB   C N N 258 
SER OG   O N N 259 
SER OXT  O N N 260 
SER H    H N N 261 
SER H2   H N N 262 
SER HA   H N N 263 
SER HB2  H N N 264 
SER HB3  H N N 265 
SER HG   H N N 266 
SER HXT  H N N 267 
SO4 S    S N N 268 
SO4 O1   O N N 269 
SO4 O2   O N N 270 
SO4 O3   O N N 271 
SO4 O4   O N N 272 
THR N    N N N 273 
THR CA   C N S 274 
THR C    C N N 275 
THR O    O N N 276 
THR CB   C N R 277 
THR OG1  O N N 278 
THR CG2  C N N 279 
THR OXT  O N N 280 
THR H    H N N 281 
THR H2   H N N 282 
THR HA   H N N 283 
THR HB   H N N 284 
THR HG1  H N N 285 
THR HG21 H N N 286 
THR HG22 H N N 287 
THR HG23 H N N 288 
THR HXT  H N N 289 
TRP N    N N N 290 
TRP CA   C N S 291 
TRP C    C N N 292 
TRP O    O N N 293 
TRP CB   C N N 294 
TRP CG   C Y N 295 
TRP CD1  C Y N 296 
TRP CD2  C Y N 297 
TRP NE1  N Y N 298 
TRP CE2  C Y N 299 
TRP CE3  C Y N 300 
TRP CZ2  C Y N 301 
TRP CZ3  C Y N 302 
TRP CH2  C Y N 303 
TRP OXT  O N N 304 
TRP H    H N N 305 
TRP H2   H N N 306 
TRP HA   H N N 307 
TRP HB2  H N N 308 
TRP HB3  H N N 309 
TRP HD1  H N N 310 
TRP HE1  H N N 311 
TRP HE3  H N N 312 
TRP HZ2  H N N 313 
TRP HZ3  H N N 314 
TRP HH2  H N N 315 
TRP HXT  H N N 316 
TYR N    N N N 317 
TYR CA   C N S 318 
TYR C    C N N 319 
TYR O    O N N 320 
TYR CB   C N N 321 
TYR CG   C Y N 322 
TYR CD1  C Y N 323 
TYR CD2  C Y N 324 
TYR CE1  C Y N 325 
TYR CE2  C Y N 326 
TYR CZ   C Y N 327 
TYR OH   O N N 328 
TYR OXT  O N N 329 
TYR H    H N N 330 
TYR H2   H N N 331 
TYR HA   H N N 332 
TYR HB2  H N N 333 
TYR HB3  H N N 334 
TYR HD1  H N N 335 
TYR HD2  H N N 336 
TYR HE1  H N N 337 
TYR HE2  H N N 338 
TYR HH   H N N 339 
TYR HXT  H N N 340 
VAL N    N N N 341 
VAL CA   C N S 342 
VAL C    C N N 343 
VAL O    O N N 344 
VAL CB   C N N 345 
VAL CG1  C N N 346 
VAL CG2  C N N 347 
VAL OXT  O N N 348 
VAL H    H N N 349 
VAL H2   H N N 350 
VAL HA   H N N 351 
VAL HB   H N N 352 
VAL HG11 H N N 353 
VAL HG12 H N N 354 
VAL HG13 H N N 355 
VAL HG21 H N N 356 
VAL HG22 H N N 357 
VAL HG23 H N N 358 
VAL HXT  H N N 359 
# 
loop_
_chem_comp_bond.comp_id 
_chem_comp_bond.atom_id_1 
_chem_comp_bond.atom_id_2 
_chem_comp_bond.value_order 
_chem_comp_bond.pdbx_aromatic_flag 
_chem_comp_bond.pdbx_stereo_config 
_chem_comp_bond.pdbx_ordinal 
ALA N   CA   sing N N 1   
ALA N   H    sing N N 2   
ALA N   H2   sing N N 3   
ALA CA  C    sing N N 4   
ALA CA  CB   sing N N 5   
ALA CA  HA   sing N N 6   
ALA C   O    doub N N 7   
ALA C   OXT  sing N N 8   
ALA CB  HB1  sing N N 9   
ALA CB  HB2  sing N N 10  
ALA CB  HB3  sing N N 11  
ALA OXT HXT  sing N N 12  
ARG N   CA   sing N N 13  
ARG N   H    sing N N 14  
ARG N   H2   sing N N 15  
ARG CA  C    sing N N 16  
ARG CA  CB   sing N N 17  
ARG CA  HA   sing N N 18  
ARG C   O    doub N N 19  
ARG C   OXT  sing N N 20  
ARG CB  CG   sing N N 21  
ARG CB  HB2  sing N N 22  
ARG CB  HB3  sing N N 23  
ARG CG  CD   sing N N 24  
ARG CG  HG2  sing N N 25  
ARG CG  HG3  sing N N 26  
ARG CD  NE   sing N N 27  
ARG CD  HD2  sing N N 28  
ARG CD  HD3  sing N N 29  
ARG NE  CZ   sing N N 30  
ARG NE  HE   sing N N 31  
ARG CZ  NH1  sing N N 32  
ARG CZ  NH2  doub N N 33  
ARG NH1 HH11 sing N N 34  
ARG NH1 HH12 sing N N 35  
ARG NH2 HH21 sing N N 36  
ARG NH2 HH22 sing N N 37  
ARG OXT HXT  sing N N 38  
ASN N   CA   sing N N 39  
ASN N   H    sing N N 40  
ASN N   H2   sing N N 41  
ASN CA  C    sing N N 42  
ASN CA  CB   sing N N 43  
ASN CA  HA   sing N N 44  
ASN C   O    doub N N 45  
ASN C   OXT  sing N N 46  
ASN CB  CG   sing N N 47  
ASN CB  HB2  sing N N 48  
ASN CB  HB3  sing N N 49  
ASN CG  OD1  doub N N 50  
ASN CG  ND2  sing N N 51  
ASN ND2 HD21 sing N N 52  
ASN ND2 HD22 sing N N 53  
ASN OXT HXT  sing N N 54  
ASP N   CA   sing N N 55  
ASP N   H    sing N N 56  
ASP N   H2   sing N N 57  
ASP CA  C    sing N N 58  
ASP CA  CB   sing N N 59  
ASP CA  HA   sing N N 60  
ASP C   O    doub N N 61  
ASP C   OXT  sing N N 62  
ASP CB  CG   sing N N 63  
ASP CB  HB2  sing N N 64  
ASP CB  HB3  sing N N 65  
ASP CG  OD1  doub N N 66  
ASP CG  OD2  sing N N 67  
ASP OD2 HD2  sing N N 68  
ASP OXT HXT  sing N N 69  
GLN N   CA   sing N N 70  
GLN N   H    sing N N 71  
GLN N   H2   sing N N 72  
GLN CA  C    sing N N 73  
GLN CA  CB   sing N N 74  
GLN CA  HA   sing N N 75  
GLN C   O    doub N N 76  
GLN C   OXT  sing N N 77  
GLN CB  CG   sing N N 78  
GLN CB  HB2  sing N N 79  
GLN CB  HB3  sing N N 80  
GLN CG  CD   sing N N 81  
GLN CG  HG2  sing N N 82  
GLN CG  HG3  sing N N 83  
GLN CD  OE1  doub N N 84  
GLN CD  NE2  sing N N 85  
GLN NE2 HE21 sing N N 86  
GLN NE2 HE22 sing N N 87  
GLN OXT HXT  sing N N 88  
GLU N   CA   sing N N 89  
GLU N   H    sing N N 90  
GLU N   H2   sing N N 91  
GLU CA  C    sing N N 92  
GLU CA  CB   sing N N 93  
GLU CA  HA   sing N N 94  
GLU C   O    doub N N 95  
GLU C   OXT  sing N N 96  
GLU CB  CG   sing N N 97  
GLU CB  HB2  sing N N 98  
GLU CB  HB3  sing N N 99  
GLU CG  CD   sing N N 100 
GLU CG  HG2  sing N N 101 
GLU CG  HG3  sing N N 102 
GLU CD  OE1  doub N N 103 
GLU CD  OE2  sing N N 104 
GLU OE2 HE2  sing N N 105 
GLU OXT HXT  sing N N 106 
GLY N   CA   sing N N 107 
GLY N   H    sing N N 108 
GLY N   H2   sing N N 109 
GLY CA  C    sing N N 110 
GLY CA  HA2  sing N N 111 
GLY CA  HA3  sing N N 112 
GLY C   O    doub N N 113 
GLY C   OXT  sing N N 114 
GLY OXT HXT  sing N N 115 
HIS N   CA   sing N N 116 
HIS N   H    sing N N 117 
HIS N   H2   sing N N 118 
HIS CA  C    sing N N 119 
HIS CA  CB   sing N N 120 
HIS CA  HA   sing N N 121 
HIS C   O    doub N N 122 
HIS C   OXT  sing N N 123 
HIS CB  CG   sing N N 124 
HIS CB  HB2  sing N N 125 
HIS CB  HB3  sing N N 126 
HIS CG  ND1  sing Y N 127 
HIS CG  CD2  doub Y N 128 
HIS ND1 CE1  doub Y N 129 
HIS ND1 HD1  sing N N 130 
HIS CD2 NE2  sing Y N 131 
HIS CD2 HD2  sing N N 132 
HIS CE1 NE2  sing Y N 133 
HIS CE1 HE1  sing N N 134 
HIS NE2 HE2  sing N N 135 
HIS OXT HXT  sing N N 136 
HOH O   H1   sing N N 137 
HOH O   H2   sing N N 138 
LEU N   CA   sing N N 139 
LEU N   H    sing N N 140 
LEU N   H2   sing N N 141 
LEU CA  C    sing N N 142 
LEU CA  CB   sing N N 143 
LEU CA  HA   sing N N 144 
LEU C   O    doub N N 145 
LEU C   OXT  sing N N 146 
LEU CB  CG   sing N N 147 
LEU CB  HB2  sing N N 148 
LEU CB  HB3  sing N N 149 
LEU CG  CD1  sing N N 150 
LEU CG  CD2  sing N N 151 
LEU CG  HG   sing N N 152 
LEU CD1 HD11 sing N N 153 
LEU CD1 HD12 sing N N 154 
LEU CD1 HD13 sing N N 155 
LEU CD2 HD21 sing N N 156 
LEU CD2 HD22 sing N N 157 
LEU CD2 HD23 sing N N 158 
LEU OXT HXT  sing N N 159 
LYS N   CA   sing N N 160 
LYS N   H    sing N N 161 
LYS N   H2   sing N N 162 
LYS CA  C    sing N N 163 
LYS CA  CB   sing N N 164 
LYS CA  HA   sing N N 165 
LYS C   O    doub N N 166 
LYS C   OXT  sing N N 167 
LYS CB  CG   sing N N 168 
LYS CB  HB2  sing N N 169 
LYS CB  HB3  sing N N 170 
LYS CG  CD   sing N N 171 
LYS CG  HG2  sing N N 172 
LYS CG  HG3  sing N N 173 
LYS CD  CE   sing N N 174 
LYS CD  HD2  sing N N 175 
LYS CD  HD3  sing N N 176 
LYS CE  NZ   sing N N 177 
LYS CE  HE2  sing N N 178 
LYS CE  HE3  sing N N 179 
LYS NZ  HZ1  sing N N 180 
LYS NZ  HZ2  sing N N 181 
LYS NZ  HZ3  sing N N 182 
LYS OXT HXT  sing N N 183 
MET N   CA   sing N N 184 
MET N   H    sing N N 185 
MET N   H2   sing N N 186 
MET CA  C    sing N N 187 
MET CA  CB   sing N N 188 
MET CA  HA   sing N N 189 
MET C   O    doub N N 190 
MET C   OXT  sing N N 191 
MET CB  CG   sing N N 192 
MET CB  HB2  sing N N 193 
MET CB  HB3  sing N N 194 
MET CG  SD   sing N N 195 
MET CG  HG2  sing N N 196 
MET CG  HG3  sing N N 197 
MET SD  CE   sing N N 198 
MET CE  HE1  sing N N 199 
MET CE  HE2  sing N N 200 
MET CE  HE3  sing N N 201 
MET OXT HXT  sing N N 202 
PHE N   CA   sing N N 203 
PHE N   H    sing N N 204 
PHE N   H2   sing N N 205 
PHE CA  C    sing N N 206 
PHE CA  CB   sing N N 207 
PHE CA  HA   sing N N 208 
PHE C   O    doub N N 209 
PHE C   OXT  sing N N 210 
PHE CB  CG   sing N N 211 
PHE CB  HB2  sing N N 212 
PHE CB  HB3  sing N N 213 
PHE CG  CD1  doub Y N 214 
PHE CG  CD2  sing Y N 215 
PHE CD1 CE1  sing Y N 216 
PHE CD1 HD1  sing N N 217 
PHE CD2 CE2  doub Y N 218 
PHE CD2 HD2  sing N N 219 
PHE CE1 CZ   doub Y N 220 
PHE CE1 HE1  sing N N 221 
PHE CE2 CZ   sing Y N 222 
PHE CE2 HE2  sing N N 223 
PHE CZ  HZ   sing N N 224 
PHE OXT HXT  sing N N 225 
PRO N   CA   sing N N 226 
PRO N   CD   sing N N 227 
PRO N   H    sing N N 228 
PRO CA  C    sing N N 229 
PRO CA  CB   sing N N 230 
PRO CA  HA   sing N N 231 
PRO C   O    doub N N 232 
PRO C   OXT  sing N N 233 
PRO CB  CG   sing N N 234 
PRO CB  HB2  sing N N 235 
PRO CB  HB3  sing N N 236 
PRO CG  CD   sing N N 237 
PRO CG  HG2  sing N N 238 
PRO CG  HG3  sing N N 239 
PRO CD  HD2  sing N N 240 
PRO CD  HD3  sing N N 241 
PRO OXT HXT  sing N N 242 
SER N   CA   sing N N 243 
SER N   H    sing N N 244 
SER N   H2   sing N N 245 
SER CA  C    sing N N 246 
SER CA  CB   sing N N 247 
SER CA  HA   sing N N 248 
SER C   O    doub N N 249 
SER C   OXT  sing N N 250 
SER CB  OG   sing N N 251 
SER CB  HB2  sing N N 252 
SER CB  HB3  sing N N 253 
SER OG  HG   sing N N 254 
SER OXT HXT  sing N N 255 
SO4 S   O1   doub N N 256 
SO4 S   O2   doub N N 257 
SO4 S   O3   sing N N 258 
SO4 S   O4   sing N N 259 
THR N   CA   sing N N 260 
THR N   H    sing N N 261 
THR N   H2   sing N N 262 
THR CA  C    sing N N 263 
THR CA  CB   sing N N 264 
THR CA  HA   sing N N 265 
THR C   O    doub N N 266 
THR C   OXT  sing N N 267 
THR CB  OG1  sing N N 268 
THR CB  CG2  sing N N 269 
THR CB  HB   sing N N 270 
THR OG1 HG1  sing N N 271 
THR CG2 HG21 sing N N 272 
THR CG2 HG22 sing N N 273 
THR CG2 HG23 sing N N 274 
THR OXT HXT  sing N N 275 
TRP N   CA   sing N N 276 
TRP N   H    sing N N 277 
TRP N   H2   sing N N 278 
TRP CA  C    sing N N 279 
TRP CA  CB   sing N N 280 
TRP CA  HA   sing N N 281 
TRP C   O    doub N N 282 
TRP C   OXT  sing N N 283 
TRP CB  CG   sing N N 284 
TRP CB  HB2  sing N N 285 
TRP CB  HB3  sing N N 286 
TRP CG  CD1  doub Y N 287 
TRP CG  CD2  sing Y N 288 
TRP CD1 NE1  sing Y N 289 
TRP CD1 HD1  sing N N 290 
TRP CD2 CE2  doub Y N 291 
TRP CD2 CE3  sing Y N 292 
TRP NE1 CE2  sing Y N 293 
TRP NE1 HE1  sing N N 294 
TRP CE2 CZ2  sing Y N 295 
TRP CE3 CZ3  doub Y N 296 
TRP CE3 HE3  sing N N 297 
TRP CZ2 CH2  doub Y N 298 
TRP CZ2 HZ2  sing N N 299 
TRP CZ3 CH2  sing Y N 300 
TRP CZ3 HZ3  sing N N 301 
TRP CH2 HH2  sing N N 302 
TRP OXT HXT  sing N N 303 
TYR N   CA   sing N N 304 
TYR N   H    sing N N 305 
TYR N   H2   sing N N 306 
TYR CA  C    sing N N 307 
TYR CA  CB   sing N N 308 
TYR CA  HA   sing N N 309 
TYR C   O    doub N N 310 
TYR C   OXT  sing N N 311 
TYR CB  CG   sing N N 312 
TYR CB  HB2  sing N N 313 
TYR CB  HB3  sing N N 314 
TYR CG  CD1  doub Y N 315 
TYR CG  CD2  sing Y N 316 
TYR CD1 CE1  sing Y N 317 
TYR CD1 HD1  sing N N 318 
TYR CD2 CE2  doub Y N 319 
TYR CD2 HD2  sing N N 320 
TYR CE1 CZ   doub Y N 321 
TYR CE1 HE1  sing N N 322 
TYR CE2 CZ   sing Y N 323 
TYR CE2 HE2  sing N N 324 
TYR CZ  OH   sing N N 325 
TYR OH  HH   sing N N 326 
TYR OXT HXT  sing N N 327 
VAL N   CA   sing N N 328 
VAL N   H    sing N N 329 
VAL N   H2   sing N N 330 
VAL CA  C    sing N N 331 
VAL CA  CB   sing N N 332 
VAL CA  HA   sing N N 333 
VAL C   O    doub N N 334 
VAL C   OXT  sing N N 335 
VAL CB  CG1  sing N N 336 
VAL CB  CG2  sing N N 337 
VAL CB  HB   sing N N 338 
VAL CG1 HG11 sing N N 339 
VAL CG1 HG12 sing N N 340 
VAL CG1 HG13 sing N N 341 
VAL CG2 HG21 sing N N 342 
VAL CG2 HG22 sing N N 343 
VAL CG2 HG23 sing N N 344 
VAL OXT HXT  sing N N 345 
# 
loop_
_pdbx_audit_support.funding_organization 
_pdbx_audit_support.country 
_pdbx_audit_support.grant_number 
_pdbx_audit_support.ordinal 
'Sao Paulo Research Foundation (FAPESP)' Brazil 2016/04658-9 1 
'Sao Paulo Research Foundation (FAPESP)' Brazil 2018/19992-7 2 
'Sao Paulo Research Foundation (FAPESP)' Brazil 2015/00062-1 3 
'Sao Paulo Research Foundation (FAPESP)' Brazil 2014/15546-1 4 
# 
_pdbx_entity_instance_feature.ordinal        1 
_pdbx_entity_instance_feature.comp_id        SO4 
_pdbx_entity_instance_feature.asym_id        ? 
_pdbx_entity_instance_feature.seq_num        ? 
_pdbx_entity_instance_feature.auth_comp_id   SO4 
_pdbx_entity_instance_feature.auth_asym_id   ? 
_pdbx_entity_instance_feature.auth_seq_num   ? 
_pdbx_entity_instance_feature.feature_type   'SUBJECT OF INVESTIGATION' 
_pdbx_entity_instance_feature.details        ? 
# 
_atom_sites.entry_id                    6WSM 
_atom_sites.Cartn_transf_matrix[1][1]   ? 
_atom_sites.Cartn_transf_matrix[1][2]   ? 
_atom_sites.Cartn_transf_matrix[1][3]   ? 
_atom_sites.Cartn_transf_matrix[2][1]   ? 
_atom_sites.Cartn_transf_matrix[2][2]   ? 
_atom_sites.Cartn_transf_matrix[2][3]   ? 
_atom_sites.Cartn_transf_matrix[3][1]   ? 
_atom_sites.Cartn_transf_matrix[3][2]   ? 
_atom_sites.Cartn_transf_matrix[3][3]   ? 
_atom_sites.Cartn_transf_vector[1]      ? 
_atom_sites.Cartn_transf_vector[2]      ? 
_atom_sites.Cartn_transf_vector[3]      ? 
_atom_sites.fract_transf_matrix[1][1]   -0.00481154 
_atom_sites.fract_transf_matrix[1][2]   -0.01118862 
_atom_sites.fract_transf_matrix[1][3]   -0.00302896 
_atom_sites.fract_transf_matrix[2][1]   -0.00253110 
_atom_sites.fract_transf_matrix[2][2]   -0.00838365 
_atom_sites.fract_transf_matrix[2][3]   0.00898946 
_atom_sites.fract_transf_matrix[3][1]   -0.01626778 
_atom_sites.fract_transf_matrix[3][2]   0.00657561 
_atom_sites.fract_transf_matrix[3][3]   0.00155206 
_atom_sites.fract_transf_vector[1]      0.612480 
_atom_sites.fract_transf_vector[2]      0.568007 
_atom_sites.fract_transf_vector[3]      0.949694 
_atom_sites.solution_primary            ? 
_atom_sites.solution_secondary          ? 
_atom_sites.solution_hydrogens          ? 
_atom_sites.special_details             ? 
# 
loop_
_atom_type.symbol 
C 
N 
O 
S 
# 
loop_
_atom_site.group_PDB 
_atom_site.id 
_atom_site.type_symbol 
_atom_site.label_atom_id 
_atom_site.label_alt_id 
_atom_site.label_comp_id 
_atom_site.label_asym_id 
_atom_site.label_entity_id 
_atom_site.label_seq_id 
_atom_site.pdbx_PDB_ins_code 
_atom_site.Cartn_x 
_atom_site.Cartn_y 
_atom_site.Cartn_z 
_atom_site.occupancy 
_atom_site.B_iso_or_equiv 
_atom_site.pdbx_formal_charge 
_atom_site.auth_seq_id 
_atom_site.auth_comp_id 
_atom_site.auth_asym_id 
_atom_site.auth_atom_id 
_atom_site.pdbx_PDB_model_num 
ATOM   1   N N   . SER A 1 32  ? 49.438  -17.612 16.076  1.00 76.67  ? 335 SER A N   1 
ATOM   2   C CA  . SER A 1 32  ? 49.640  -18.965 15.568  1.00 93.93  ? 335 SER A CA  1 
ATOM   3   C C   . SER A 1 32  ? 48.324  -19.578 15.103  1.00 103.74 ? 335 SER A C   1 
ATOM   4   O O   . SER A 1 32  ? 47.494  -18.905 14.490  1.00 102.47 ? 335 SER A O   1 
ATOM   5   C CB  . SER A 1 32  ? 50.282  -19.850 16.639  1.00 91.70  ? 335 SER A CB  1 
ATOM   6   N N   . GLU A 1 33  ? 48.141  -20.865 15.403  1.00 104.44 ? 336 GLU A N   1 
ATOM   7   C CA  . GLU A 1 33  ? 46.899  -21.541 15.051  1.00 99.29  ? 336 GLU A CA  1 
ATOM   8   C C   . GLU A 1 33  ? 45.702  -20.970 15.797  1.00 109.02 ? 336 GLU A C   1 
ATOM   9   O O   . GLU A 1 33  ? 44.570  -21.104 15.319  1.00 102.05 ? 336 GLU A O   1 
ATOM   10  C CB  . GLU A 1 33  ? 47.018  -23.043 15.324  1.00 89.04  ? 336 GLU A CB  1 
ATOM   11  N N   . LEU A 1 34  ? 45.923  -20.346 16.955  1.00 115.82 ? 337 LEU A N   1 
ATOM   12  C CA  . LEU A 1 34  ? 44.821  -19.733 17.685  1.00 114.01 ? 337 LEU A CA  1 
ATOM   13  C C   . LEU A 1 34  ? 44.292  -18.511 16.946  1.00 105.03 ? 337 LEU A C   1 
ATOM   14  O O   . LEU A 1 34  ? 43.082  -18.257 16.948  1.00 98.60  ? 337 LEU A O   1 
ATOM   15  C CB  . LEU A 1 34  ? 45.272  -19.365 19.099  1.00 118.44 ? 337 LEU A CB  1 
ATOM   16  N N   . GLN A 1 35  ? 45.180  -17.747 16.307  1.00 102.83 ? 338 GLN A N   1 
ATOM   17  C CA  . GLN A 1 35  ? 44.759  -16.598 15.514  1.00 98.42  ? 338 GLN A CA  1 
ATOM   18  C C   . GLN A 1 35  ? 44.135  -16.998 14.185  1.00 88.23  ? 338 GLN A C   1 
ATOM   19  O O   . GLN A 1 35  ? 43.405  -16.196 13.592  1.00 77.64  ? 338 GLN A O   1 
ATOM   20  C CB  . GLN A 1 35  ? 45.943  -15.664 15.266  1.00 95.84  ? 338 GLN A CB  1 
ATOM   21  C CG  . GLN A 1 35  ? 46.258  -14.758 16.438  1.00 95.54  ? 338 GLN A CG  1 
ATOM   22  C CD  . GLN A 1 35  ? 45.078  -13.887 16.827  1.00 94.94  ? 338 GLN A CD  1 
ATOM   23  O OE1 . GLN A 1 35  ? 44.332  -13.412 15.970  1.00 94.54  ? 338 GLN A OE1 1 
ATOM   24  N NE2 . GLN A 1 35  ? 44.899  -13.682 18.127  1.00 81.49  ? 338 GLN A NE2 1 
ATOM   25  N N   . ARG A 1 36  ? 44.409  -18.210 13.700  1.00 85.27  ? 339 ARG A N   1 
ATOM   26  C CA  . ARG A 1 36  ? 43.727  -18.692 12.504  1.00 77.95  ? 339 ARG A CA  1 
ATOM   27  C C   . ARG A 1 36  ? 42.243  -18.902 12.777  1.00 92.93  ? 339 ARG A C   1 
ATOM   28  O O   . ARG A 1 36  ? 41.387  -18.424 12.024  1.00 97.21  ? 339 ARG A O   1 
ATOM   29  C CB  . ARG A 1 36  ? 44.373  -19.987 12.011  1.00 66.67  ? 339 ARG A CB  1 
ATOM   30  N N   . LYS A 1 37  ? 41.924  -19.618 13.857  1.00 97.51  ? 340 LYS A N   1 
ATOM   31  C CA  . LYS A 1 37  ? 40.533  -19.795 14.254  1.00 99.12  ? 340 LYS A CA  1 
ATOM   32  C C   . LYS A 1 37  ? 39.906  -18.499 14.741  1.00 99.05  ? 340 LYS A C   1 
ATOM   33  O O   . LYS A 1 37  ? 38.685  -18.344 14.649  1.00 90.10  ? 340 LYS A O   1 
ATOM   34  C CB  . LYS A 1 37  ? 40.427  -20.864 15.342  1.00 96.15  ? 340 LYS A CB  1 
ATOM   35  C CG  . LYS A 1 37  ? 41.107  -22.176 14.994  1.00 88.53  ? 340 LYS A CG  1 
ATOM   36  C CD  . LYS A 1 37  ? 40.392  -22.910 13.869  1.00 87.55  ? 340 LYS A CD  1 
ATOM   37  C CE  . LYS A 1 37  ? 39.038  -23.433 14.314  1.00 85.49  ? 340 LYS A CE  1 
ATOM   38  N NZ  . LYS A 1 37  ? 38.461  -24.379 13.316  1.00 83.13  ? 340 LYS A NZ  1 
ATOM   39  N N   . GLU A 1 38  ? 40.704  -17.571 15.261  1.00 101.38 ? 341 GLU A N   1 
ATOM   40  C CA  . GLU A 1 38  ? 40.180  -16.280 15.679  1.00 97.13  ? 341 GLU A CA  1 
ATOM   41  C C   . GLU A 1 38  ? 40.045  -15.310 14.519  1.00 94.36  ? 341 GLU A C   1 
ATOM   42  O O   . GLU A 1 38  ? 39.724  -14.137 14.734  1.00 90.90  ? 341 GLU A O   1 
ATOM   43  C CB  . GLU A 1 38  ? 41.069  -15.678 16.770  1.00 92.99  ? 341 GLU A CB  1 
ATOM   44  C CG  . GLU A 1 38  ? 40.288  -15.079 17.921  1.00 84.88  ? 341 GLU A CG  1 
ATOM   45  C CD  . GLU A 1 38  ? 41.106  -14.975 19.193  1.00 87.87  ? 341 GLU A CD  1 
ATOM   46  O OE1 . GLU A 1 38  ? 42.074  -14.190 19.217  1.00 90.97  ? 341 GLU A OE1 1 
ATOM   47  O OE2 . GLU A 1 38  ? 40.784  -15.683 20.168  1.00 86.47  ? 341 GLU A OE2 1 
ATOM   48  N N   . GLU A 1 39  ? 40.302  -15.768 13.298  1.00 98.32  ? 342 GLU A N   1 
ATOM   49  C CA  . GLU A 1 39  ? 40.070  -14.974 12.101  1.00 106.68 ? 342 GLU A CA  1 
ATOM   50  C C   . GLU A 1 39  ? 38.859  -15.462 11.318  1.00 116.84 ? 342 GLU A C   1 
ATOM   51  O O   . GLU A 1 39  ? 37.998  -14.661 10.944  1.00 125.92 ? 342 GLU A O   1 
ATOM   52  C CB  . GLU A 1 39  ? 41.314  -14.991 11.208  1.00 107.34 ? 342 GLU A CB  1 
ATOM   53  N N   . GLU A 1 40  ? 38.767  -16.773 11.081  1.00 117.81 ? 343 GLU A N   1 
ATOM   54  C CA  . GLU A 1 40  ? 37.616  -17.319 10.371  1.00 117.01 ? 343 GLU A CA  1 
ATOM   55  C C   . GLU A 1 40  ? 36.339  -17.174 11.187  1.00 121.00 ? 343 GLU A C   1 
ATOM   56  O O   . GLU A 1 40  ? 35.253  -17.017 10.617  1.00 125.00 ? 343 GLU A O   1 
ATOM   57  C CB  . GLU A 1 40  ? 37.869  -18.786 10.017  1.00 111.82 ? 343 GLU A CB  1 
ATOM   58  C CG  . GLU A 1 40  ? 38.511  -19.585 11.140  1.00 113.60 ? 343 GLU A CG  1 
ATOM   59  C CD  . GLU A 1 40  ? 39.190  -20.848 10.645  1.00 116.86 ? 343 GLU A CD  1 
ATOM   60  O OE1 . GLU A 1 40  ? 38.616  -21.537 9.775   1.00 126.54 ? 343 GLU A OE1 1 
ATOM   61  O OE2 . GLU A 1 40  ? 40.305  -21.144 11.118  1.00 107.70 ? 343 GLU A OE2 1 
ATOM   62  N N   . MET A 1 41  ? 36.443  -17.226 12.516  1.00 121.11 ? 344 MET A N   1 
ATOM   63  C CA  . MET A 1 41  ? 35.265  -17.005 13.346  1.00 123.86 ? 344 MET A CA  1 
ATOM   64  C C   . MET A 1 41  ? 34.882  -15.530 13.378  1.00 120.75 ? 344 MET A C   1 
ATOM   65  O O   . MET A 1 41  ? 33.693  -15.191 13.339  1.00 123.84 ? 344 MET A O   1 
ATOM   66  C CB  . MET A 1 41  ? 35.510  -17.532 14.761  1.00 128.94 ? 344 MET A CB  1 
ATOM   67  C CG  . MET A 1 41  ? 35.610  -19.048 14.876  1.00 134.13 ? 344 MET A CG  1 
ATOM   68  S SD  . MET A 1 41  ? 34.126  -19.915 14.344  1.00 138.21 ? 344 MET A SD  1 
ATOM   69  C CE  . MET A 1 41  ? 34.668  -20.518 12.748  1.00 136.65 ? 344 MET A CE  1 
ATOM   70  N N   . ARG A 1 42  ? 35.876  -14.639 13.436  1.00 113.61 ? 345 ARG A N   1 
ATOM   71  C CA  . ARG A 1 42  ? 35.585  -13.210 13.422  1.00 104.77 ? 345 ARG A CA  1 
ATOM   72  C C   . ARG A 1 42  ? 34.920  -12.789 12.117  1.00 97.89  ? 345 ARG A C   1 
ATOM   73  O O   . ARG A 1 42  ? 34.147  -11.827 12.099  1.00 92.12  ? 345 ARG A O   1 
ATOM   74  C CB  . ARG A 1 42  ? 36.866  -12.409 13.653  1.00 99.19  ? 345 ARG A CB  1 
ATOM   75  N N   . GLN A 1 43  ? 35.209  -13.494 11.023  1.00 95.51  ? 346 GLN A N   1 
ATOM   76  C CA  . GLN A 1 43  ? 34.536  -13.253 9.755   1.00 98.39  ? 346 GLN A CA  1 
ATOM   77  C C   . GLN A 1 43  ? 33.235  -14.034 9.627   1.00 95.33  ? 346 GLN A C   1 
ATOM   78  O O   . GLN A 1 43  ? 32.351  -13.623 8.867   1.00 97.71  ? 346 GLN A O   1 
ATOM   79  C CB  . GLN A 1 43  ? 35.457  -13.611 8.586   1.00 103.68 ? 346 GLN A CB  1 
ATOM   80  C CG  . GLN A 1 43  ? 36.758  -12.827 8.549   1.00 103.50 ? 346 GLN A CG  1 
ATOM   81  C CD  . GLN A 1 43  ? 36.543  -11.335 8.378   1.00 101.37 ? 346 GLN A CD  1 
ATOM   82  O OE1 . GLN A 1 43  ? 35.630  -10.901 7.675   1.00 103.94 ? 346 GLN A OE1 1 
ATOM   83  N NE2 . GLN A 1 43  ? 37.386  -10.541 9.027   1.00 91.73  ? 346 GLN A NE2 1 
ATOM   84  N N   . MET A 1 44  ? 33.100  -15.152 10.346  1.00 87.43  ? 347 MET A N   1 
ATOM   85  C CA  . MET A 1 44  ? 31.859  -15.919 10.289  1.00 82.33  ? 347 MET A CA  1 
ATOM   86  C C   . MET A 1 44  ? 30.699  -15.130 10.885  1.00 79.28  ? 347 MET A C   1 
ATOM   87  O O   . MET A 1 44  ? 29.563  -15.218 10.403  1.00 63.11  ? 347 MET A O   1 
ATOM   88  C CB  . MET A 1 44  ? 32.028  -17.254 11.014  1.00 74.71  ? 347 MET A CB  1 
ATOM   89  N N   . PHE A 1 45  ? 30.967  -14.353 11.935  1.00 83.88  ? 348 PHE A N   1 
ATOM   90  C CA  . PHE A 1 45  ? 29.924  -13.511 12.513  1.00 53.88  ? 348 PHE A CA  1 
ATOM   91  C C   . PHE A 1 45  ? 29.610  -12.328 11.607  1.00 82.89  ? 348 PHE A C   1 
ATOM   92  O O   . PHE A 1 45  ? 28.447  -11.932 11.476  1.00 90.33  ? 348 PHE A O   1 
ATOM   93  C CB  . PHE A 1 45  ? 30.348  -13.030 13.901  1.00 54.94  ? 348 PHE A CB  1 
ATOM   94  N N   . VAL A 1 46  ? 30.636  -11.750 10.979  1.00 73.82  ? 349 VAL A N   1 
ATOM   95  C CA  . VAL A 1 46  ? 30.420  -10.640 10.053  1.00 81.14  ? 349 VAL A CA  1 
ATOM   96  C C   . VAL A 1 46  ? 29.571  -11.093 8.872   1.00 72.16  ? 349 VAL A C   1 
ATOM   97  O O   . VAL A 1 46  ? 28.618  -10.414 8.474   1.00 67.90  ? 349 VAL A O   1 
ATOM   98  C CB  . VAL A 1 46  ? 31.767  -10.058 9.590   1.00 87.17  ? 349 VAL A CB  1 
ATOM   99  C CG1 . VAL A 1 46  ? 31.586  -9.233  8.322   1.00 87.12  ? 349 VAL A CG1 1 
ATOM   100 C CG2 . VAL A 1 46  ? 32.383  -9.212  10.692  1.00 89.13  ? 349 VAL A CG2 1 
ATOM   101 N N   . ASN A 1 47  ? 29.903  -12.253 8.300   1.00 52.53  ? 350 ASN A N   1 
ATOM   102 C CA  . ASN A 1 47  ? 29.135  -12.765 7.171   1.00 77.88  ? 350 ASN A CA  1 
ATOM   103 C C   . ASN A 1 47  ? 27.680  -13.010 7.550   1.00 85.01  ? 350 ASN A C   1 
ATOM   104 O O   . ASN A 1 47  ? 26.786  -12.860 6.709   1.00 51.28  ? 350 ASN A O   1 
ATOM   105 C CB  . ASN A 1 47  ? 29.779  -14.045 6.636   1.00 82.72  ? 350 ASN A CB  1 
ATOM   106 C CG  . ASN A 1 47  ? 31.147  -13.796 6.024   1.00 91.71  ? 350 ASN A CG  1 
ATOM   107 O OD1 . ASN A 1 47  ? 31.750  -12.743 6.230   1.00 100.88 ? 350 ASN A OD1 1 
ATOM   108 N ND2 . ASN A 1 47  ? 31.643  -14.769 5.268   1.00 81.16  ? 350 ASN A ND2 1 
ATOM   109 N N   . LYS A 1 48  ? 27.423  -13.375 8.807   1.00 71.03  ? 351 LYS A N   1 
ATOM   110 C CA  . LYS A 1 48  ? 26.051  -13.535 9.274   1.00 69.05  ? 351 LYS A CA  1 
ATOM   111 C C   . LYS A 1 48  ? 25.355  -12.195 9.483   1.00 80.27  ? 351 LYS A C   1 
ATOM   112 O O   . LYS A 1 48  ? 24.143  -12.093 9.265   1.00 86.89  ? 351 LYS A O   1 
ATOM   113 C CB  . LYS A 1 48  ? 26.026  -14.346 10.570  1.00 69.63  ? 351 LYS A CB  1 
ATOM   114 N N   . VAL A 1 49  ? 26.095  -11.163 9.898   1.00 78.17  ? 352 VAL A N   1 
ATOM   115 C CA  . VAL A 1 49  ? 25.486  -9.848  10.070  1.00 65.16  ? 352 VAL A CA  1 
ATOM   116 C C   . VAL A 1 49  ? 25.232  -9.198  8.717   1.00 72.66  ? 352 VAL A C   1 
ATOM   117 O O   . VAL A 1 49  ? 24.171  -8.602  8.489   1.00 71.27  ? 352 VAL A O   1 
ATOM   118 C CB  . VAL A 1 49  ? 26.366  -8.958  10.967  1.00 51.47  ? 352 VAL A CB  1 
ATOM   119 C CG1 . VAL A 1 49  ? 25.781  -7.559  11.052  1.00 60.58  ? 352 VAL A CG1 1 
ATOM   120 C CG2 . VAL A 1 49  ? 26.485  -9.563  12.355  1.00 74.37  ? 352 VAL A CG2 1 
ATOM   121 N N   . LYS A 1 50  ? 26.197  -9.300  7.798   1.00 72.72  ? 353 LYS A N   1 
ATOM   122 C CA  . LYS A 1 50  ? 26.012  -8.736  6.464   1.00 62.70  ? 353 LYS A CA  1 
ATOM   123 C C   . LYS A 1 50  ? 24.814  -9.354  5.754   1.00 53.81  ? 353 LYS A C   1 
ATOM   124 O O   . LYS A 1 50  ? 24.123  -8.669  4.992   1.00 61.94  ? 353 LYS A O   1 
ATOM   125 C CB  . LYS A 1 50  ? 27.277  -8.928  5.627   1.00 67.95  ? 353 LYS A CB  1 
ATOM   126 C CG  . LYS A 1 50  ? 28.524  -8.263  6.190   1.00 71.80  ? 353 LYS A CG  1 
ATOM   127 C CD  . LYS A 1 50  ? 28.419  -6.748  6.170   1.00 68.64  ? 353 LYS A CD  1 
ATOM   128 C CE  . LYS A 1 50  ? 29.719  -6.106  6.632   1.00 80.98  ? 353 LYS A CE  1 
ATOM   129 N NZ  . LYS A 1 50  ? 29.650  -4.620  6.599   1.00 85.83  ? 353 LYS A NZ  1 
ATOM   130 N N   . GLU A 1 51  ? 24.554  -10.641 5.992   1.00 52.03  ? 354 GLU A N   1 
ATOM   131 C CA  . GLU A 1 51  ? 23.390  -11.284 5.390   1.00 62.80  ? 354 GLU A CA  1 
ATOM   132 C C   . GLU A 1 51  ? 22.097  -10.748 5.994   1.00 71.23  ? 354 GLU A C   1 
ATOM   133 O O   . GLU A 1 51  ? 21.140  -10.448 5.270   1.00 69.66  ? 354 GLU A O   1 
ATOM   134 C CB  . GLU A 1 51  ? 23.481  -12.800 5.560   1.00 70.84  ? 354 GLU A CB  1 
ATOM   135 N N   . THR A 1 52  ? 22.050  -10.618 7.322   1.00 64.84  ? 355 THR A N   1 
ATOM   136 C CA  . THR A 1 52  ? 20.858  -10.077 7.968   1.00 62.50  ? 355 THR A CA  1 
ATOM   137 C C   . THR A 1 52  ? 20.690  -8.594  7.661   1.00 71.77  ? 355 THR A C   1 
ATOM   138 O O   . THR A 1 52  ? 19.564  -8.118  7.469   1.00 66.12  ? 355 THR A O   1 
ATOM   139 C CB  . THR A 1 52  ? 20.920  -10.305 9.478   1.00 59.63  ? 355 THR A CB  1 
ATOM   140 O OG1 . THR A 1 52  ? 21.129  -11.696 9.747   1.00 77.36  ? 355 THR A OG1 1 
ATOM   141 C CG2 . THR A 1 52  ? 19.622  -9.861  10.136  1.00 51.29  ? 355 THR A CG2 1 
ATOM   142 N N   . GLU A 1 53  ? 21.798  -7.849  7.610   1.00 72.86  ? 356 GLU A N   1 
ATOM   143 C CA  . GLU A 1 53  ? 21.725  -6.435  7.250   1.00 68.07  ? 356 GLU A CA  1 
ATOM   144 C C   . GLU A 1 53  ? 21.133  -6.243  5.861   1.00 70.42  ? 356 GLU A C   1 
ATOM   145 O O   . GLU A 1 53  ? 20.459  -5.237  5.605   1.00 69.72  ? 356 GLU A O   1 
ATOM   146 C CB  . GLU A 1 53  ? 23.113  -5.803  7.315   1.00 68.74  ? 356 GLU A CB  1 
ATOM   147 C CG  . GLU A 1 53  ? 23.258  -4.703  8.349   1.00 66.02  ? 356 GLU A CG  1 
ATOM   148 C CD  . GLU A 1 53  ? 24.646  -4.097  8.350   1.00 73.67  ? 356 GLU A CD  1 
ATOM   149 O OE1 . GLU A 1 53  ? 24.812  -2.981  7.814   1.00 81.94  ? 356 GLU A OE1 1 
ATOM   150 O OE2 . GLU A 1 53  ? 25.576  -4.747  8.873   1.00 65.65  ? 356 GLU A OE2 1 
ATOM   151 N N   . LEU A 1 54  ? 21.371  -7.192  4.956   1.00 63.01  ? 357 LEU A N   1 
ATOM   152 C CA  . LEU A 1 54  ? 20.857  -7.081  3.597   1.00 57.31  ? 357 LEU A CA  1 
ATOM   153 C C   . LEU A 1 54  ? 19.383  -7.461  3.522   1.00 47.66  ? 357 LEU A C   1 
ATOM   154 O O   . LEU A 1 54  ? 18.623  -6.852  2.759   1.00 55.33  ? 357 LEU A O   1 
ATOM   155 C CB  . LEU A 1 54  ? 21.685  -7.954  2.657   1.00 52.49  ? 357 LEU A CB  1 
ATOM   156 C CG  . LEU A 1 54  ? 21.363  -7.835  1.169   1.00 55.42  ? 357 LEU A CG  1 
ATOM   157 C CD1 . LEU A 1 54  ? 21.572  -6.405  0.700   1.00 67.38  ? 357 LEU A CD1 1 
ATOM   158 C CD2 . LEU A 1 54  ? 22.218  -8.799  0.364   1.00 65.44  ? 357 LEU A CD2 1 
ATOM   159 N N   . GLU A 1 55  ? 18.961  -8.462  4.300   1.00 62.73  ? 358 GLU A N   1 
ATOM   160 C CA  . GLU A 1 55  ? 17.558  -8.864  4.294   1.00 60.04  ? 358 GLU A CA  1 
ATOM   161 C C   . GLU A 1 55  ? 16.660  -7.738  4.788   1.00 69.17  ? 358 GLU A C   1 
ATOM   162 O O   . GLU A 1 55  ? 15.583  -7.501  4.228   1.00 68.16  ? 358 GLU A O   1 
ATOM   163 C CB  . GLU A 1 55  ? 17.363  -10.115 5.149   1.00 67.22  ? 358 GLU A CB  1 
ATOM   164 C CG  . GLU A 1 55  ? 17.993  -11.373 4.586   1.00 87.85  ? 358 GLU A CG  1 
ATOM   165 C CD  . GLU A 1 55  ? 17.637  -12.605 5.394   1.00 95.92  ? 358 GLU A CD  1 
ATOM   166 O OE1 . GLU A 1 55  ? 16.809  -12.488 6.322   1.00 93.49  ? 358 GLU A OE1 1 
ATOM   167 O OE2 . GLU A 1 55  ? 18.186  -13.688 5.099   1.00 98.73  ? 358 GLU A OE2 1 
ATOM   168 N N   . LEU A 1 56  ? 17.084  -7.035  5.842   1.00 72.56  ? 359 LEU A N   1 
ATOM   169 C CA  . LEU A 1 56  ? 16.316  -5.895  6.328   1.00 67.59  ? 359 LEU A CA  1 
ATOM   170 C C   . LEU A 1 56  ? 16.236  -4.803  5.269   1.00 46.70  ? 359 LEU A C   1 
ATOM   171 O O   . LEU A 1 56  ? 15.218  -4.111  5.154   1.00 46.36  ? 359 LEU A O   1 
ATOM   172 C CB  . LEU A 1 56  ? 16.939  -5.355  7.615   1.00 47.37  ? 359 LEU A CB  1 
ATOM   173 C CG  . LEU A 1 56  ? 16.938  -6.290  8.827   1.00 55.38  ? 359 LEU A CG  1 
ATOM   174 C CD1 . LEU A 1 56  ? 17.748  -5.680  9.959   1.00 52.22  ? 359 LEU A CD1 1 
ATOM   175 C CD2 . LEU A 1 56  ? 15.516  -6.589  9.283   1.00 47.50  ? 359 LEU A CD2 1 
ATOM   176 N N   . LYS A 1 57  ? 17.304  -4.635  4.484   1.00 47.59  ? 360 LYS A N   1 
ATOM   177 C CA  . LYS A 1 57  ? 17.271  -3.682  3.378   1.00 46.76  ? 360 LYS A CA  1 
ATOM   178 C C   . LYS A 1 57  ? 16.261  -4.107  2.319   1.00 51.84  ? 360 LYS A C   1 
ATOM   179 O O   . LYS A 1 57  ? 15.531  -3.269  1.776   1.00 46.39  ? 360 LYS A O   1 
ATOM   180 C CB  . LYS A 1 57  ? 18.666  -3.548  2.764   1.00 63.95  ? 360 LYS A CB  1 
ATOM   181 C CG  . LYS A 1 57  ? 18.812  -2.432  1.745   1.00 65.16  ? 360 LYS A CG  1 
ATOM   182 C CD  . LYS A 1 57  ? 18.946  -1.078  2.421   1.00 76.70  ? 360 LYS A CD  1 
ATOM   183 C CE  . LYS A 1 57  ? 19.370  -0.015  1.424   1.00 81.07  ? 360 LYS A CE  1 
ATOM   184 N NZ  . LYS A 1 57  ? 19.620  1.300   2.074   1.00 78.10  ? 360 LYS A NZ  1 
ATOM   185 N N   . GLU A 1 58  ? 16.205  -5.407  2.016   1.00 57.62  ? 361 GLU A N   1 
ATOM   186 C CA  . GLU A 1 58  ? 15.238  -5.899  1.039   1.00 46.16  ? 361 GLU A CA  1 
ATOM   187 C C   . GLU A 1 58  ? 13.818  -5.811  1.581   1.00 45.75  ? 361 GLU A C   1 
ATOM   188 O O   . GLU A 1 58  ? 12.893  -5.439  0.851   1.00 78.33  ? 361 GLU A O   1 
ATOM   189 C CB  . GLU A 1 58  ? 15.575  -7.335  0.642   1.00 75.69  ? 361 GLU A CB  1 
ATOM   190 N N   . LYS A 1 59  ? 13.626  -6.150  2.859   1.00 46.35  ? 362 LYS A N   1 
ATOM   191 C CA  . LYS A 1 59  ? 12.323  -5.973  3.486   1.00 67.76  ? 362 LYS A CA  1 
ATOM   192 C C   . LYS A 1 59  ? 11.954  -4.504  3.633   1.00 74.76  ? 362 LYS A C   1 
ATOM   193 O O   . LYS A 1 59  ? 10.764  -4.183  3.719   1.00 45.53  ? 362 LYS A O   1 
ATOM   194 C CB  . LYS A 1 59  ? 12.297  -6.656  4.854   1.00 45.71  ? 362 LYS A CB  1 
ATOM   195 N N   . GLU A 1 60  ? 12.944  -3.607  3.660   1.00 66.39  ? 363 GLU A N   1 
ATOM   196 C CA  . GLU A 1 60  ? 12.647  -2.183  3.765   1.00 59.96  ? 363 GLU A CA  1 
ATOM   197 C C   . GLU A 1 60  ? 12.037  -1.645  2.478   1.00 62.77  ? 363 GLU A C   1 
ATOM   198 O O   . GLU A 1 60  ? 11.184  -0.751  2.523   1.00 67.82  ? 363 GLU A O   1 
ATOM   199 C CB  . GLU A 1 60  ? 13.914  -1.408  4.118   1.00 69.57  ? 363 GLU A CB  1 
ATOM   200 C CG  . GLU A 1 60  ? 13.673  -0.200  4.997   1.00 66.27  ? 363 GLU A CG  1 
ATOM   201 C CD  . GLU A 1 60  ? 14.947  0.295   5.643   1.00 73.11  ? 363 GLU A CD  1 
ATOM   202 O OE1 . GLU A 1 60  ? 15.848  0.757   4.911   1.00 77.77  ? 363 GLU A OE1 1 
ATOM   203 O OE2 . GLU A 1 60  ? 15.058  0.198   6.883   1.00 70.35  ? 363 GLU A OE2 1 
ATOM   204 N N   . ARG A 1 61  ? 12.460  -2.170  1.328   1.00 57.95  ? 364 ARG A N   1 
ATOM   205 C CA  . ARG A 1 61  ? 11.807  -1.831  0.072   1.00 51.01  ? 364 ARG A CA  1 
ATOM   206 C C   . ARG A 1 61  ? 10.565  -2.674  -0.179  1.00 51.71  ? 364 ARG A C   1 
ATOM   207 O O   . ARG A 1 61  ? 9.724   -2.286  -0.996  1.00 72.85  ? 364 ARG A O   1 
ATOM   208 C CB  . ARG A 1 61  ? 12.786  -1.984  -1.093  1.00 62.99  ? 364 ARG A CB  1 
ATOM   209 C CG  . ARG A 1 61  ? 13.844  -0.896  -1.158  1.00 83.63  ? 364 ARG A CG  1 
ATOM   210 C CD  . ARG A 1 61  ? 13.207  0.482   -1.250  1.00 96.28  ? 364 ARG A CD  1 
ATOM   211 N NE  . ARG A 1 61  ? 12.303  0.592   -2.393  1.00 98.07  ? 364 ARG A NE  1 
ATOM   212 C CZ  . ARG A 1 61  ? 12.669  1.018   -3.596  1.00 99.48  ? 364 ARG A CZ  1 
ATOM   213 N NH1 . ARG A 1 61  ? 11.777  1.084   -4.576  1.00 89.94  ? 364 ARG A NH1 1 
ATOM   214 N NH2 . ARG A 1 61  ? 13.925  1.379   -3.820  1.00 100.96 ? 364 ARG A NH2 1 
ATOM   215 N N   . GLU A 1 62  ? 10.433  -3.814  0.504   1.00 45.35  ? 365 GLU A N   1 
ATOM   216 C CA  . GLU A 1 62  ? 9.233   -4.631  0.351   1.00 51.16  ? 365 GLU A CA  1 
ATOM   217 C C   . GLU A 1 62  ? 8.036   -3.978  1.028   1.00 65.52  ? 365 GLU A C   1 
ATOM   218 O O   . GLU A 1 62  ? 6.911   -4.053  0.518   1.00 69.41  ? 365 GLU A O   1 
ATOM   219 C CB  . GLU A 1 62  ? 9.479   -6.033  0.912   1.00 54.64  ? 365 GLU A CB  1 
ATOM   220 C CG  . GLU A 1 62  ? 8.339   -7.016  0.675   1.00 79.69  ? 365 GLU A CG  1 
ATOM   221 C CD  . GLU A 1 62  ? 7.336   -7.047  1.815   1.00 86.32  ? 365 GLU A CD  1 
ATOM   222 O OE1 . GLU A 1 62  ? 7.694   -6.624  2.935   1.00 89.69  ? 365 GLU A OE1 1 
ATOM   223 O OE2 . GLU A 1 62  ? 6.191   -7.492  1.588   1.00 83.73  ? 365 GLU A OE2 1 
ATOM   224 N N   . LEU A 1 63  ? 8.255   -3.333  2.176   1.00 61.95  ? 366 LEU A N   1 
ATOM   225 C CA  . LEU A 1 63  ? 7.175   -2.600  2.824   1.00 44.93  ? 366 LEU A CA  1 
ATOM   226 C C   . LEU A 1 63  ? 6.839   -1.313  2.084   1.00 51.58  ? 366 LEU A C   1 
ATOM   227 O O   . LEU A 1 63  ? 5.734   -0.787  2.254   1.00 69.29  ? 366 LEU A O   1 
ATOM   228 C CB  . LEU A 1 63  ? 7.533   -2.308  4.286   1.00 45.44  ? 366 LEU A CB  1 
ATOM   229 C CG  . LEU A 1 63  ? 8.875   -1.659  4.638   1.00 63.29  ? 366 LEU A CG  1 
ATOM   230 C CD1 . LEU A 1 63  ? 8.806   -0.139  4.564   1.00 74.51  ? 366 LEU A CD1 1 
ATOM   231 C CD2 . LEU A 1 63  ? 9.337   -2.107  6.020   1.00 46.09  ? 366 LEU A CD2 1 
ATOM   232 N N   . HIS A 1 64  ? 7.762   -0.799  1.265   1.00 43.89  ? 367 HIS A N   1 
ATOM   233 C CA  . HIS A 1 64  ? 7.436   0.334   0.405   1.00 57.92  ? 367 HIS A CA  1 
ATOM   234 C C   . HIS A 1 64  ? 6.500   -0.085  -0.721  1.00 63.94  ? 367 HIS A C   1 
ATOM   235 O O   . HIS A 1 64  ? 5.528   0.618   -1.021  1.00 67.33  ? 367 HIS A O   1 
ATOM   236 C CB  . HIS A 1 64  ? 8.714   0.950   -0.165  1.00 54.79  ? 367 HIS A CB  1 
ATOM   237 C CG  . HIS A 1 64  ? 8.466   1.967   -1.235  1.00 67.30  ? 367 HIS A CG  1 
ATOM   238 N ND1 . HIS A 1 64  ? 8.699   1.715   -2.571  1.00 74.60  ? 367 HIS A ND1 1 
ATOM   239 C CD2 . HIS A 1 64  ? 7.997   3.235   -1.169  1.00 72.88  ? 367 HIS A CD2 1 
ATOM   240 C CE1 . HIS A 1 64  ? 8.389   2.786   -3.279  1.00 75.25  ? 367 HIS A CE1 1 
ATOM   241 N NE2 . HIS A 1 64  ? 7.962   3.723   -2.453  1.00 80.20  ? 367 HIS A NE2 1 
ATOM   242 N N   . GLU A 1 65  ? 6.780   -1.227  -1.356  1.00 43.63  ? 368 GLU A N   1 
ATOM   243 C CA  . GLU A 1 65  ? 5.895   -1.729  -2.402  1.00 57.95  ? 368 GLU A CA  1 
ATOM   244 C C   . GLU A 1 65  ? 4.528   -2.088  -1.836  1.00 48.64  ? 368 GLU A C   1 
ATOM   245 O O   . GLU A 1 65  ? 3.496   -1.813  -2.460  1.00 64.91  ? 368 GLU A O   1 
ATOM   246 C CB  . GLU A 1 65  ? 6.528   -2.941  -3.085  1.00 43.76  ? 368 GLU A CB  1 
ATOM   247 C CG  . GLU A 1 65  ? 7.891   -2.663  -3.688  1.00 44.17  ? 368 GLU A CG  1 
ATOM   248 C CD  . GLU A 1 65  ? 7.827   -1.667  -4.827  1.00 66.89  ? 368 GLU A CD  1 
ATOM   249 O OE1 . GLU A 1 65  ? 6.985   -1.853  -5.730  1.00 65.85  ? 368 GLU A OE1 1 
ATOM   250 O OE2 . GLU A 1 65  ? 8.611   -0.695  -4.815  1.00 70.67  ? 368 GLU A OE2 1 
ATOM   251 N N   . LYS A 1 66  ? 4.502   -2.703  -0.652  1.00 48.63  ? 369 LYS A N   1 
ATOM   252 C CA  . LYS A 1 66  ? 3.238   -3.050  -0.014  1.00 42.86  ? 369 LYS A CA  1 
ATOM   253 C C   . LYS A 1 66  ? 2.472   -1.822  0.456   1.00 42.63  ? 369 LYS A C   1 
ATOM   254 O O   . LYS A 1 66  ? 1.251   -1.896  0.630   1.00 69.96  ? 369 LYS A O   1 
ATOM   255 C CB  . LYS A 1 66  ? 3.485   -3.990  1.167   1.00 49.51  ? 369 LYS A CB  1 
ATOM   256 N N   . PHE A 1 67  ? 3.157   -0.700  0.671   1.00 74.53  ? 370 PHE A N   1 
ATOM   257 C CA  . PHE A 1 67  ? 2.486   0.533   1.061   1.00 42.62  ? 370 PHE A CA  1 
ATOM   258 C C   . PHE A 1 67  ? 1.990   1.320   -0.146  1.00 47.37  ? 370 PHE A C   1 
ATOM   259 O O   . PHE A 1 67  ? 0.893   1.889   -0.104  1.00 68.90  ? 370 PHE A O   1 
ATOM   260 C CB  . PHE A 1 67  ? 3.419   1.401   1.907   1.00 48.18  ? 370 PHE A CB  1 
ATOM   261 C CG  . PHE A 1 67  ? 2.828   2.723   2.288   1.00 48.03  ? 370 PHE A CG  1 
ATOM   262 C CD1 . PHE A 1 67  ? 1.681   2.784   3.061   1.00 42.75  ? 370 PHE A CD1 1 
ATOM   263 C CD2 . PHE A 1 67  ? 3.420   3.905   1.878   1.00 49.96  ? 370 PHE A CD2 1 
ATOM   264 C CE1 . PHE A 1 67  ? 1.131   4.000   3.413   1.00 42.78  ? 370 PHE A CE1 1 
ATOM   265 C CE2 . PHE A 1 67  ? 2.876   5.125   2.228   1.00 53.90  ? 370 PHE A CE2 1 
ATOM   266 C CZ  . PHE A 1 67  ? 1.730   5.172   2.997   1.00 42.99  ? 370 PHE A CZ  1 
ATOM   267 N N   . GLU A 1 68  ? 2.778   1.364   -1.225  1.00 46.05  ? 371 GLU A N   1 
ATOM   268 C CA  . GLU A 1 68  ? 2.299   1.977   -2.459  1.00 42.59  ? 371 GLU A CA  1 
ATOM   269 C C   . GLU A 1 68  ? 1.108   1.218   -3.027  1.00 53.98  ? 371 GLU A C   1 
ATOM   270 O O   . GLU A 1 68  ? 0.268   1.807   -3.716  1.00 47.26  ? 371 GLU A O   1 
ATOM   271 C CB  . GLU A 1 68  ? 3.426   2.040   -3.491  1.00 42.95  ? 371 GLU A CB  1 
ATOM   272 C CG  . GLU A 1 68  ? 4.610   2.897   -3.076  1.00 54.51  ? 371 GLU A CG  1 
ATOM   273 C CD  . GLU A 1 68  ? 4.235   4.350   -2.859  1.00 74.35  ? 371 GLU A CD  1 
ATOM   274 O OE1 . GLU A 1 68  ? 3.411   4.878   -3.635  1.00 82.11  ? 371 GLU A OE1 1 
ATOM   275 O OE2 . GLU A 1 68  ? 4.760   4.961   -1.906  1.00 88.22  ? 371 GLU A OE2 1 
ATOM   276 N N   . HIS A 1 69  ? 1.023   -0.086  -2.754  1.00 50.68  ? 372 HIS A N   1 
ATOM   277 C CA  . HIS A 1 69  ? -0.133  -0.865  -3.186  1.00 48.18  ? 372 HIS A CA  1 
ATOM   278 C C   . HIS A 1 69  ? -1.400  -0.404  -2.477  1.00 47.81  ? 372 HIS A C   1 
ATOM   279 O O   . HIS A 1 69  ? -2.426  -0.147  -3.117  1.00 67.57  ? 372 HIS A O   1 
ATOM   280 C CB  . HIS A 1 69  ? 0.118   -2.352  -2.931  1.00 49.62  ? 372 HIS A CB  1 
ATOM   281 C CG  . HIS A 1 69  ? -1.130  -3.177  -2.888  1.00 61.42  ? 372 HIS A CG  1 
ATOM   282 N ND1 . HIS A 1 69  ? -1.783  -3.603  -4.024  1.00 71.47  ? 372 HIS A ND1 1 
ATOM   283 C CD2 . HIS A 1 69  ? -1.847  -3.653  -1.843  1.00 70.05  ? 372 HIS A CD2 1 
ATOM   284 C CE1 . HIS A 1 69  ? -2.846  -4.306  -3.681  1.00 79.00  ? 372 HIS A CE1 1 
ATOM   285 N NE2 . HIS A 1 69  ? -2.910  -4.350  -2.362  1.00 70.63  ? 372 HIS A NE2 1 
ATOM   286 N N   . LEU A 1 70  ? -1.344  -0.290  -1.148  1.00 41.75  ? 373 LEU A N   1 
ATOM   287 C CA  . LEU A 1 70  ? -2.522  0.119   -0.391  1.00 41.52  ? 373 LEU A CA  1 
ATOM   288 C C   . LEU A 1 70  ? -2.911  1.563   -0.679  1.00 41.43  ? 373 LEU A C   1 
ATOM   289 O O   . LEU A 1 70  ? -4.088  1.920   -0.555  1.00 50.58  ? 373 LEU A O   1 
ATOM   290 C CB  . LEU A 1 70  ? -2.283  -0.078  1.106   1.00 58.72  ? 373 LEU A CB  1 
ATOM   291 C CG  . LEU A 1 70  ? -2.160  -1.531  1.565   1.00 70.79  ? 373 LEU A CG  1 
ATOM   292 C CD1 . LEU A 1 70  ? -2.019  -1.608  3.079   1.00 84.35  ? 373 LEU A CD1 1 
ATOM   293 C CD2 . LEU A 1 70  ? -3.355  -2.341  1.092   1.00 64.24  ? 373 LEU A CD2 1 
ATOM   294 N N   . LYS A 1 71  ? -1.947  2.408   -1.054  1.00 41.62  ? 374 LYS A N   1 
ATOM   295 C CA  . LYS A 1 71  ? -2.288  3.761   -1.485  1.00 41.61  ? 374 LYS A CA  1 
ATOM   296 C C   . LYS A 1 71  ? -3.126  3.731   -2.755  1.00 63.82  ? 374 LYS A C   1 
ATOM   297 O O   . LYS A 1 71  ? -4.012  4.572   -2.947  1.00 78.05  ? 374 LYS A O   1 
ATOM   298 C CB  . LYS A 1 71  ? -1.021  4.589   -1.701  1.00 41.95  ? 374 LYS A CB  1 
ATOM   299 C CG  . LYS A 1 71  ? -0.310  4.999   -0.421  1.00 68.95  ? 374 LYS A CG  1 
ATOM   300 C CD  . LYS A 1 71  ? 0.895   5.900   -0.697  1.00 62.43  ? 374 LYS A CD  1 
ATOM   301 C CE  . LYS A 1 71  ? 0.486   7.338   -1.017  1.00 60.48  ? 374 LYS A CE  1 
ATOM   302 N NZ  . LYS A 1 71  ? -0.027  7.524   -2.405  1.00 57.16  ? 374 LYS A NZ  1 
ATOM   303 N N   . ARG A 1 72  ? -2.860  2.764   -3.636  1.00 56.13  ? 375 ARG A N   1 
ATOM   304 C CA  . ARG A 1 72  ? -3.643  2.629   -4.859  1.00 41.47  ? 375 ARG A CA  1 
ATOM   305 C C   . ARG A 1 72  ? -5.014  2.028   -4.581  1.00 41.16  ? 375 ARG A C   1 
ATOM   306 O O   . ARG A 1 72  ? -6.012  2.451   -5.175  1.00 61.27  ? 375 ARG A O   1 
ATOM   307 C CB  . ARG A 1 72  ? -2.884  1.776   -5.874  1.00 59.86  ? 375 ARG A CB  1 
ATOM   308 N N   . VAL A 1 73  ? -5.080  1.040   -3.686  1.00 41.09  ? 376 VAL A N   1 
ATOM   309 C CA  . VAL A 1 73  ? -6.365  0.462   -3.307  1.00 40.86  ? 376 VAL A CA  1 
ATOM   310 C C   . VAL A 1 73  ? -7.219  1.495   -2.583  1.00 40.65  ? 376 VAL A C   1 
ATOM   311 O O   . VAL A 1 73  ? -8.440  1.552   -2.770  1.00 74.99  ? 376 VAL A O   1 
ATOM   312 C CB  . VAL A 1 73  ? -6.146  -0.799  -2.453  1.00 40.93  ? 376 VAL A CB  1 
ATOM   313 C CG1 . VAL A 1 73  ? -7.472  -1.344  -1.947  1.00 40.75  ? 376 VAL A CG1 1 
ATOM   314 C CG2 . VAL A 1 73  ? -5.407  -1.857  -3.258  1.00 47.58  ? 376 VAL A CG2 1 
ATOM   315 N N   . HIS A 1 74  ? -6.592  2.331   -1.753  1.00 67.51  ? 377 HIS A N   1 
ATOM   316 C CA  . HIS A 1 74  ? -7.325  3.403   -1.086  1.00 58.37  ? 377 HIS A CA  1 
ATOM   317 C C   . HIS A 1 74  ? -7.858  4.411   -2.095  1.00 40.56  ? 377 HIS A C   1 
ATOM   318 O O   . HIS A 1 74  ? -9.037  4.785   -2.057  1.00 61.63  ? 377 HIS A O   1 
ATOM   319 C CB  . HIS A 1 74  ? -6.422  4.090   -0.062  1.00 49.09  ? 377 HIS A CB  1 
ATOM   320 C CG  . HIS A 1 74  ? -6.962  5.393   0.438   1.00 40.91  ? 377 HIS A CG  1 
ATOM   321 N ND1 . HIS A 1 74  ? -8.078  5.476   1.242   1.00 40.82  ? 377 HIS A ND1 1 
ATOM   322 C CD2 . HIS A 1 74  ? -6.543  6.665   0.242   1.00 46.07  ? 377 HIS A CD2 1 
ATOM   323 C CE1 . HIS A 1 74  ? -8.322  6.744   1.522   1.00 43.83  ? 377 HIS A CE1 1 
ATOM   324 N NE2 . HIS A 1 74  ? -7.405  7.486   0.927   1.00 45.63  ? 377 HIS A NE2 1 
ATOM   325 N N   . GLN A 1 75  ? -6.999  4.864   -3.012  1.00 40.75  ? 378 GLN A N   1 
ATOM   326 C CA  . GLN A 1 75  ? -7.433  5.821   -4.023  1.00 40.78  ? 378 GLN A CA  1 
ATOM   327 C C   . GLN A 1 75  ? -8.475  5.218   -4.956  1.00 67.35  ? 378 GLN A C   1 
ATOM   328 O O   . GLN A 1 75  ? -9.321  5.941   -5.494  1.00 65.18  ? 378 GLN A O   1 
ATOM   329 C CB  . GLN A 1 75  ? -6.229  6.321   -4.823  1.00 41.12  ? 378 GLN A CB  1 
ATOM   330 N N   . GLU A 1 76  ? -8.433  3.900   -5.159  1.00 55.15  ? 379 GLU A N   1 
ATOM   331 C CA  . GLU A 1 76  ? -9.437  3.244   -5.991  1.00 47.80  ? 379 GLU A CA  1 
ATOM   332 C C   . GLU A 1 76  ? -10.768 3.136   -5.257  1.00 56.98  ? 379 GLU A C   1 
ATOM   333 O O   . GLU A 1 76  ? -11.824 3.463   -5.812  1.00 72.31  ? 379 GLU A O   1 
ATOM   334 C CB  . GLU A 1 76  ? -8.941  1.863   -6.421  1.00 40.68  ? 379 GLU A CB  1 
ATOM   335 N N   . GLU A 1 77  ? -10.737 2.673   -4.003  1.00 56.29  ? 380 GLU A N   1 
ATOM   336 C CA  . GLU A 1 77  ? -11.966 2.573   -3.223  1.00 43.25  ? 380 GLU A CA  1 
ATOM   337 C C   . GLU A 1 77  ? -12.583 3.941   -2.973  1.00 54.81  ? 380 GLU A C   1 
ATOM   338 O O   . GLU A 1 77  ? -13.811 4.059   -2.879  1.00 56.49  ? 380 GLU A O   1 
ATOM   339 C CB  . GLU A 1 77  ? -11.693 1.864   -1.895  1.00 39.95  ? 380 GLU A CB  1 
ATOM   340 N N   . LYS A 1 78  ? -11.758 4.985   -2.864  1.00 64.18  ? 381 LYS A N   1 
ATOM   341 C CA  . LYS A 1 78  ? -12.298 6.330   -2.705  1.00 47.81  ? 381 LYS A CA  1 
ATOM   342 C C   . LYS A 1 78  ? -13.078 6.753   -3.940  1.00 47.18  ? 381 LYS A C   1 
ATOM   343 O O   . LYS A 1 78  ? -14.232 7.184   -3.837  1.00 59.43  ? 381 LYS A O   1 
ATOM   344 C CB  . LYS A 1 78  ? -11.178 7.326   -2.414  1.00 40.35  ? 381 LYS A CB  1 
ATOM   345 C CG  . LYS A 1 78  ? -11.674 8.670   -1.899  1.00 43.39  ? 381 LYS A CG  1 
ATOM   346 C CD  . LYS A 1 78  ? -10.537 9.497   -1.324  1.00 65.96  ? 381 LYS A CD  1 
ATOM   347 C CE  . LYS A 1 78  ? -9.586  9.968   -2.412  1.00 65.64  ? 381 LYS A CE  1 
ATOM   348 N NZ  . LYS A 1 78  ? -10.233 10.961  -3.313  1.00 62.82  ? 381 LYS A NZ  1 
ATOM   349 N N   . ARG A 1 79  ? -12.465 6.626   -5.121  1.00 56.86  ? 382 ARG A N   1 
ATOM   350 C CA  . ARG A 1 79  ? -13.147 6.994   -6.356  1.00 49.17  ? 382 ARG A CA  1 
ATOM   351 C C   . ARG A 1 79  ? -14.402 6.161   -6.570  1.00 48.64  ? 382 ARG A C   1 
ATOM   352 O O   . ARG A 1 79  ? -15.347 6.621   -7.220  1.00 39.80  ? 382 ARG A O   1 
ATOM   353 C CB  . ARG A 1 79  ? -12.196 6.840   -7.542  1.00 50.66  ? 382 ARG A CB  1 
ATOM   354 N N   . LYS A 1 80  ? -14.434 4.940   -6.032  1.00 48.77  ? 383 LYS A N   1 
ATOM   355 C CA  . LYS A 1 80  ? -15.628 4.109   -6.149  1.00 39.58  ? 383 LYS A CA  1 
ATOM   356 C C   . LYS A 1 80  ? -16.785 4.700   -5.353  1.00 58.78  ? 383 LYS A C   1 
ATOM   357 O O   . LYS A 1 80  ? -17.914 4.793   -5.849  1.00 82.21  ? 383 LYS A O   1 
ATOM   358 C CB  . LYS A 1 80  ? -15.318 2.684   -5.685  1.00 47.65  ? 383 LYS A CB  1 
ATOM   359 C CG  . LYS A 1 80  ? -16.470 1.711   -5.846  1.00 51.71  ? 383 LYS A CG  1 
ATOM   360 C CD  . LYS A 1 80  ? -16.155 0.377   -5.187  1.00 58.85  ? 383 LYS A CD  1 
ATOM   361 C CE  . LYS A 1 80  ? -17.340 -0.574  -5.264  1.00 75.48  ? 383 LYS A CE  1 
ATOM   362 N NZ  . LYS A 1 80  ? -17.124 -1.785  -4.420  1.00 82.67  ? 383 LYS A NZ  1 
ATOM   363 N N   . VAL A 1 81  ? -16.518 5.118   -4.113  1.00 58.19  ? 384 VAL A N   1 
ATOM   364 C CA  . VAL A 1 81  ? -17.557 5.733   -3.294  1.00 39.20  ? 384 VAL A CA  1 
ATOM   365 C C   . VAL A 1 81  ? -17.887 7.132   -3.800  1.00 51.56  ? 384 VAL A C   1 
ATOM   366 O O   . VAL A 1 81  ? -19.044 7.569   -3.732  1.00 50.58  ? 384 VAL A O   1 
ATOM   367 C CB  . VAL A 1 81  ? -17.119 5.752   -1.817  1.00 39.29  ? 384 VAL A CB  1 
ATOM   368 C CG1 . VAL A 1 81  ? -18.200 6.375   -0.941  1.00 39.27  ? 384 VAL A CG1 1 
ATOM   369 C CG2 . VAL A 1 81  ? -16.794 4.345   -1.350  1.00 52.09  ? 384 VAL A CG2 1 
ATOM   370 N N   . GLU A 1 82  ? -16.891 7.854   -4.318  1.00 47.56  ? 385 GLU A N   1 
ATOM   371 C CA  . GLU A 1 82  ? -17.124 9.222   -4.765  1.00 39.94  ? 385 GLU A CA  1 
ATOM   372 C C   . GLU A 1 82  ? -18.070 9.275   -5.958  1.00 63.92  ? 385 GLU A C   1 
ATOM   373 O O   . GLU A 1 82  ? -18.769 10.276  -6.147  1.00 73.85  ? 385 GLU A O   1 
ATOM   374 C CB  . GLU A 1 82  ? -15.795 9.897   -5.105  1.00 49.31  ? 385 GLU A CB  1 
ATOM   375 C CG  . GLU A 1 82  ? -14.996 10.331  -3.891  1.00 75.32  ? 385 GLU A CG  1 
ATOM   376 C CD  . GLU A 1 82  ? -13.687 10.998  -4.264  1.00 70.63  ? 385 GLU A CD  1 
ATOM   377 O OE1 . GLU A 1 82  ? -13.231 10.816  -5.414  1.00 67.95  ? 385 GLU A OE1 1 
ATOM   378 O OE2 . GLU A 1 82  ? -13.121 11.709  -3.407  1.00 77.32  ? 385 GLU A OE2 1 
ATOM   379 N N   . GLU A 1 83  ? -18.115 8.214   -6.761  1.00 72.50  ? 386 GLU A N   1 
ATOM   380 C CA  . GLU A 1 83  ? -19.015 8.161   -7.906  1.00 59.59  ? 386 GLU A CA  1 
ATOM   381 C C   . GLU A 1 83  ? -20.362 7.531   -7.577  1.00 39.22  ? 386 GLU A C   1 
ATOM   382 O O   . GLU A 1 83  ? -21.338 7.784   -8.292  1.00 58.12  ? 386 GLU A O   1 
ATOM   383 C CB  . GLU A 1 83  ? -18.356 7.399   -9.061  1.00 53.73  ? 386 GLU A CB  1 
ATOM   384 C CG  . GLU A 1 83  ? -17.047 8.025   -9.520  1.00 53.85  ? 386 GLU A CG  1 
ATOM   385 C CD  . GLU A 1 83  ? -17.193 9.498   -9.851  1.00 75.07  ? 386 GLU A CD  1 
ATOM   386 O OE1 . GLU A 1 83  ? -17.706 9.823   -10.944 1.00 83.39  ? 386 GLU A OE1 1 
ATOM   387 O OE2 . GLU A 1 83  ? -16.810 10.332  -9.004  1.00 77.37  ? 386 GLU A OE2 1 
ATOM   388 N N   . LYS A 1 84  ? -20.440 6.719   -6.520  1.00 39.17  ? 387 LYS A N   1 
ATOM   389 C CA  . LYS A 1 84  ? -21.741 6.248   -6.060  1.00 39.88  ? 387 LYS A CA  1 
ATOM   390 C C   . LYS A 1 84  ? -22.585 7.406   -5.545  1.00 58.91  ? 387 LYS A C   1 
ATOM   391 O O   . LYS A 1 84  ? -23.801 7.445   -5.766  1.00 72.70  ? 387 LYS A O   1 
ATOM   392 C CB  . LYS A 1 84  ? -21.571 5.185   -4.973  1.00 51.30  ? 387 LYS A CB  1 
ATOM   393 C CG  . LYS A 1 84  ? -21.174 3.814   -5.487  1.00 49.47  ? 387 LYS A CG  1 
ATOM   394 C CD  . LYS A 1 84  ? -21.250 2.782   -4.372  1.00 61.60  ? 387 LYS A CD  1 
ATOM   395 C CE  . LYS A 1 84  ? -20.964 1.380   -4.890  1.00 71.78  ? 387 LYS A CE  1 
ATOM   396 N NZ  . LYS A 1 84  ? -21.118 0.352   -3.820  1.00 70.87  ? 387 LYS A NZ  1 
ATOM   397 N N   . ARG A 1 85  ? -21.954 8.362   -4.857  1.00 60.85  ? 388 ARG A N   1 
ATOM   398 C CA  . ARG A 1 85  ? -22.679 9.544   -4.403  1.00 59.26  ? 388 ARG A CA  1 
ATOM   399 C C   . ARG A 1 85  ? -23.067 10.440  -5.570  1.00 53.29  ? 388 ARG A C   1 
ATOM   400 O O   . ARG A 1 85  ? -24.067 11.162  -5.490  1.00 67.12  ? 388 ARG A O   1 
ATOM   401 C CB  . ARG A 1 85  ? -21.843 10.318  -3.384  1.00 56.31  ? 388 ARG A CB  1 
ATOM   402 C CG  . ARG A 1 85  ? -21.625 9.567   -2.083  1.00 65.27  ? 388 ARG A CG  1 
ATOM   403 C CD  . ARG A 1 85  ? -20.912 10.413  -1.042  1.00 75.75  ? 388 ARG A CD  1 
ATOM   404 N NE  . ARG A 1 85  ? -21.661 11.616  -0.691  1.00 85.23  ? 388 ARG A NE  1 
ATOM   405 C CZ  . ARG A 1 85  ? -21.353 12.838  -1.110  1.00 79.54  ? 388 ARG A CZ  1 
ATOM   406 N NH1 . ARG A 1 85  ? -20.301 13.024  -1.898  1.00 85.30  ? 388 ARG A NH1 1 
ATOM   407 N NH2 . ARG A 1 85  ? -22.092 13.874  -0.739  1.00 56.02  ? 388 ARG A NH2 1 
ATOM   408 N N   . ARG A 1 86  ? -22.294 10.409  -6.657  1.00 40.20  ? 389 ARG A N   1 
ATOM   409 C CA  . ARG A 1 86  ? -22.720 11.071  -7.884  1.00 59.63  ? 389 ARG A CA  1 
ATOM   410 C C   . ARG A 1 86  ? -23.771 10.251  -8.621  1.00 71.39  ? 389 ARG A C   1 
ATOM   411 O O   . ARG A 1 86  ? -24.593 10.813  -9.351  1.00 66.34  ? 389 ARG A O   1 
ATOM   412 C CB  . ARG A 1 86  ? -21.515 11.333  -8.789  1.00 52.06  ? 389 ARG A CB  1 
ATOM   413 C CG  . ARG A 1 86  ? -21.822 12.220  -9.984  1.00 65.07  ? 389 ARG A CG  1 
ATOM   414 C CD  . ARG A 1 86  ? -20.581 12.479  -10.818 1.00 80.58  ? 389 ARG A CD  1 
ATOM   415 N NE  . ARG A 1 86  ? -20.883 13.287  -11.996 1.00 84.06  ? 389 ARG A NE  1 
ATOM   416 C CZ  . ARG A 1 86  ? -19.985 13.651  -12.904 1.00 83.05  ? 389 ARG A CZ  1 
ATOM   417 N NH1 . ARG A 1 86  ? -18.718 13.281  -12.774 1.00 84.21  ? 389 ARG A NH1 1 
ATOM   418 N NH2 . ARG A 1 86  ? -20.353 14.389  -13.943 1.00 79.48  ? 389 ARG A NH2 1 
ATOM   419 N N   . GLU A 1 87  ? -23.765 8.928   -8.439  1.00 71.73  ? 390 GLU A N   1 
ATOM   420 C CA  . GLU A 1 87  ? -24.821 8.084   -8.990  1.00 52.10  ? 390 GLU A CA  1 
ATOM   421 C C   . GLU A 1 87  ? -26.119 8.188   -8.201  1.00 62.95  ? 390 GLU A C   1 
ATOM   422 O O   . GLU A 1 87  ? -27.173 7.789   -8.710  1.00 85.23  ? 390 GLU A O   1 
ATOM   423 C CB  . GLU A 1 87  ? -24.364 6.624   -9.036  1.00 48.26  ? 390 GLU A CB  1 
ATOM   424 N N   . LEU A 1 88  ? -26.065 8.706   -6.973  1.00 59.52  ? 391 LEU A N   1 
ATOM   425 C CA  . LEU A 1 88  ? -27.262 8.995   -6.193  1.00 38.52  ? 391 LEU A CA  1 
ATOM   426 C C   . LEU A 1 88  ? -27.697 10.448  -6.292  1.00 53.07  ? 391 LEU A C   1 
ATOM   427 O O   . LEU A 1 88  ? -28.894 10.733  -6.172  1.00 53.09  ? 391 LEU A O   1 
ATOM   428 C CB  . LEU A 1 88  ? -27.041 8.643   -4.717  1.00 39.22  ? 391 LEU A CB  1 
ATOM   429 C CG  . LEU A 1 88  ? -26.953 7.157   -4.363  1.00 63.12  ? 391 LEU A CG  1 
ATOM   430 C CD1 . LEU A 1 88  ? -26.821 6.965   -2.858  1.00 59.44  ? 391 LEU A CD1 1 
ATOM   431 C CD2 . LEU A 1 88  ? -28.165 6.412   -4.898  1.00 71.33  ? 391 LEU A CD2 1 
ATOM   432 N N   . GLU A 1 89  ? -26.754 11.370  -6.507  1.00 43.09  ? 392 GLU A N   1 
ATOM   433 C CA  . GLU A 1 89  ? -27.109 12.775  -6.674  1.00 51.74  ? 392 GLU A CA  1 
ATOM   434 C C   . GLU A 1 89  ? -27.957 12.988  -7.922  1.00 63.24  ? 392 GLU A C   1 
ATOM   435 O O   . GLU A 1 89  ? -28.769 13.919  -7.970  1.00 84.37  ? 392 GLU A O   1 
ATOM   436 C CB  . GLU A 1 89  ? -25.839 13.629  -6.731  1.00 70.87  ? 392 GLU A CB  1 
ATOM   437 C CG  . GLU A 1 89  ? -26.073 15.136  -6.756  1.00 88.74  ? 392 GLU A CG  1 
ATOM   438 C CD  . GLU A 1 89  ? -25.832 15.748  -8.126  1.00 100.54 ? 392 GLU A CD  1 
ATOM   439 O OE1 . GLU A 1 89  ? -26.021 15.042  -9.140  1.00 97.88  ? 392 GLU A OE1 1 
ATOM   440 O OE2 . GLU A 1 89  ? -25.446 16.934  -8.187  1.00 108.80 ? 392 GLU A OE2 1 
ATOM   441 N N   . GLU A 1 90  ? -27.791 12.134  -8.935  1.00 64.59  ? 393 GLU A N   1 
ATOM   442 C CA  . GLU A 1 90  ? -28.600 12.223  -10.143 1.00 65.70  ? 393 GLU A CA  1 
ATOM   443 C C   . GLU A 1 90  ? -29.936 11.504  -10.011 1.00 56.51  ? 393 GLU A C   1 
ATOM   444 O O   . GLU A 1 90  ? -30.846 11.772  -10.802 1.00 63.43  ? 393 GLU A O   1 
ATOM   445 C CB  . GLU A 1 90  ? -27.830 11.656  -11.340 1.00 75.93  ? 393 GLU A CB  1 
ATOM   446 C CG  . GLU A 1 90  ? -26.477 12.305  -11.589 1.00 87.70  ? 393 GLU A CG  1 
ATOM   447 C CD  . GLU A 1 90  ? -26.569 13.679  -12.234 1.00 94.81  ? 393 GLU A CD  1 
ATOM   448 O OE1 . GLU A 1 90  ? -27.644 14.314  -12.175 1.00 87.42  ? 393 GLU A OE1 1 
ATOM   449 O OE2 . GLU A 1 90  ? -25.553 14.121  -12.810 1.00 99.95  ? 393 GLU A OE2 1 
ATOM   450 N N   . GLU A 1 91  ? -30.075 10.595  -9.041  1.00 55.51  ? 394 GLU A N   1 
ATOM   451 C CA  . GLU A 1 91  ? -31.363 9.941   -8.829  1.00 51.29  ? 394 GLU A CA  1 
ATOM   452 C C   . GLU A 1 91  ? -32.344 10.877  -8.137  1.00 63.25  ? 394 GLU A C   1 
ATOM   453 O O   . GLU A 1 91  ? -33.548 10.844  -8.418  1.00 71.40  ? 394 GLU A O   1 
ATOM   454 C CB  . GLU A 1 91  ? -31.178 8.654   -8.022  1.00 50.05  ? 394 GLU A CB  1 
ATOM   455 C CG  . GLU A 1 91  ? -30.512 7.531   -8.795  1.00 50.39  ? 394 GLU A CG  1 
ATOM   456 C CD  . GLU A 1 91  ? -30.501 6.221   -8.027  1.00 67.06  ? 394 GLU A CD  1 
ATOM   457 O OE1 . GLU A 1 91  ? -31.122 6.158   -6.945  1.00 71.89  ? 394 GLU A OE1 1 
ATOM   458 O OE2 . GLU A 1 91  ? -29.870 5.255   -8.508  1.00 65.88  ? 394 GLU A OE2 1 
ATOM   459 N N   . THR A 1 92  ? -31.849 11.718  -7.225  1.00 68.80  ? 395 THR A N   1 
ATOM   460 C CA  . THR A 1 92  ? -32.704 12.735  -6.619  1.00 74.20  ? 395 THR A CA  1 
ATOM   461 C C   . THR A 1 92  ? -33.112 13.786  -7.643  1.00 79.51  ? 395 THR A C   1 
ATOM   462 O O   . THR A 1 92  ? -34.249 14.271  -7.623  1.00 88.53  ? 395 THR A O   1 
ATOM   463 C CB  . THR A 1 92  ? -31.988 13.390  -5.439  1.00 68.97  ? 395 THR A CB  1 
ATOM   464 O OG1 . THR A 1 92  ? -30.696 13.846  -5.858  1.00 77.23  ? 395 THR A OG1 1 
ATOM   465 C CG2 . THR A 1 92  ? -31.825 12.402  -4.299  1.00 72.50  ? 395 THR A CG2 1 
ATOM   466 N N   . ASN A 1 93  ? -32.195 14.150  -8.542  1.00 67.78  ? 396 ASN A N   1 
ATOM   467 C CA  . ASN A 1 93  ? -32.532 15.095  -9.602  1.00 67.47  ? 396 ASN A CA  1 
ATOM   468 C C   . ASN A 1 93  ? -33.564 14.507  -10.555 1.00 61.25  ? 396 ASN A C   1 
ATOM   469 O O   . ASN A 1 93  ? -34.492 15.205  -10.981 1.00 48.98  ? 396 ASN A O   1 
ATOM   470 C CB  . ASN A 1 93  ? -31.271 15.501  -10.362 1.00 74.20  ? 396 ASN A CB  1 
ATOM   471 C CG  . ASN A 1 93  ? -30.283 16.251  -9.493  1.00 89.74  ? 396 ASN A CG  1 
ATOM   472 O OD1 . ASN A 1 93  ? -30.395 16.255  -8.268  1.00 94.96  ? 396 ASN A OD1 1 
ATOM   473 N ND2 . ASN A 1 93  ? -29.307 16.893  -10.125 1.00 97.69  ? 396 ASN A ND2 1 
ATOM   474 N N   . ALA A 1 94  ? -33.419 13.224  -10.900 1.00 60.58  ? 397 ALA A N   1 
ATOM   475 C CA  . ALA A 1 94  ? -34.394 12.576  -11.768 1.00 56.17  ? 397 ALA A CA  1 
ATOM   476 C C   . ALA A 1 94  ? -35.763 12.510  -11.104 1.00 61.99  ? 397 ALA A C   1 
ATOM   477 O O   . ALA A 1 94  ? -36.793 12.684  -11.766 1.00 73.66  ? 397 ALA A O   1 
ATOM   478 C CB  . ALA A 1 94  ? -33.912 11.176  -12.149 1.00 43.62  ? 397 ALA A CB  1 
ATOM   479 N N   . PHE A 1 95  ? -35.794 12.259  -9.792  1.00 53.59  ? 398 PHE A N   1 
ATOM   480 C CA  . PHE A 1 95  ? -37.063 12.258  -9.073  1.00 38.54  ? 398 PHE A CA  1 
ATOM   481 C C   . PHE A 1 95  ? -37.622 13.666  -8.925  1.00 51.75  ? 398 PHE A C   1 
ATOM   482 O O   . PHE A 1 95  ? -38.845 13.847  -8.922  1.00 58.47  ? 398 PHE A O   1 
ATOM   483 C CB  . PHE A 1 95  ? -36.891 11.603  -7.703  1.00 65.03  ? 398 PHE A CB  1 
ATOM   484 N N   . ASN A 1 96  ? -36.751 14.673  -8.804  1.00 51.19  ? 399 ASN A N   1 
ATOM   485 C CA  . ASN A 1 96  ? -37.216 16.055  -8.758  1.00 52.60  ? 399 ASN A CA  1 
ATOM   486 C C   . ASN A 1 96  ? -37.772 16.506  -10.102 1.00 44.82  ? 399 ASN A C   1 
ATOM   487 O O   . ASN A 1 96  ? -38.685 17.338  -10.144 1.00 55.46  ? 399 ASN A O   1 
ATOM   488 C CB  . ASN A 1 96  ? -36.081 16.980  -8.320  1.00 57.61  ? 399 ASN A CB  1 
ATOM   489 C CG  . ASN A 1 96  ? -35.898 17.006  -6.816  1.00 61.62  ? 399 ASN A CG  1 
ATOM   490 O OD1 . ASN A 1 96  ? -36.871 16.993  -6.061  1.00 70.35  ? 399 ASN A OD1 1 
ATOM   491 N ND2 . ASN A 1 96  ? -34.648 17.040  -6.374  1.00 66.20  ? 399 ASN A ND2 1 
ATOM   492 N N   . ARG A 1 97  ? -37.233 15.980  -11.205 1.00 51.73  ? 400 ARG A N   1 
ATOM   493 C CA  . ARG A 1 97  ? -37.782 16.305  -12.517 1.00 62.70  ? 400 ARG A CA  1 
ATOM   494 C C   . ARG A 1 97  ? -39.109 15.590  -12.739 1.00 45.11  ? 400 ARG A C   1 
ATOM   495 O O   . ARG A 1 97  ? -40.015 16.133  -13.381 1.00 45.11  ? 400 ARG A O   1 
ATOM   496 C CB  . ARG A 1 97  ? -36.770 15.954  -13.613 1.00 68.60  ? 400 ARG A CB  1 
ATOM   497 C CG  . ARG A 1 97  ? -35.596 16.912  -13.667 1.00 63.54  ? 400 ARG A CG  1 
ATOM   498 C CD  . ARG A 1 97  ? -34.295 16.196  -13.988 1.00 68.70  ? 400 ARG A CD  1 
ATOM   499 N NE  . ARG A 1 97  ? -33.134 17.021  -13.666 1.00 92.07  ? 400 ARG A NE  1 
ATOM   500 C CZ  . ARG A 1 97  ? -31.888 16.565  -13.606 1.00 98.51  ? 400 ARG A CZ  1 
ATOM   501 N NH1 . ARG A 1 97  ? -31.639 15.285  -13.844 1.00 90.69  ? 400 ARG A NH1 1 
ATOM   502 N NH2 . ARG A 1 97  ? -30.893 17.387  -13.302 1.00 103.47 ? 400 ARG A NH2 1 
ATOM   503 N N   . ARG A 1 98  ? -39.241 14.365  -12.222 1.00 47.26  ? 401 ARG A N   1 
ATOM   504 C CA  . ARG A 1 98  ? -40.527 13.676  -12.292 1.00 43.19  ? 401 ARG A CA  1 
ATOM   505 C C   . ARG A 1 98  ? -41.583 14.402  -11.470 1.00 39.02  ? 401 ARG A C   1 
ATOM   506 O O   . ARG A 1 98  ? -42.755 14.455  -11.860 1.00 46.28  ? 401 ARG A O   1 
ATOM   507 C CB  . ARG A 1 98  ? -40.380 12.232  -11.813 1.00 38.89  ? 401 ARG A CB  1 
ATOM   508 N N   . LYS A 1 99  ? -41.186 14.962  -10.327 1.00 38.93  ? 402 LYS A N   1 
ATOM   509 C CA  . LYS A 1 99  ? -42.117 15.742  -9.522  1.00 38.96  ? 402 LYS A CA  1 
ATOM   510 C C   . LYS A 1 99  ? -42.416 17.086  -10.176 1.00 59.16  ? 402 LYS A C   1 
ATOM   511 O O   . LYS A 1 99  ? -43.564 17.543  -10.165 1.00 56.67  ? 402 LYS A O   1 
ATOM   512 C CB  . LYS A 1 99  ? -41.549 15.930  -8.115  1.00 53.60  ? 402 LYS A CB  1 
ATOM   513 C CG  . LYS A 1 99  ? -42.298 16.922  -7.244  1.00 67.52  ? 402 LYS A CG  1 
ATOM   514 C CD  . LYS A 1 99  ? -41.846 16.803  -5.798  1.00 76.85  ? 402 LYS A CD  1 
ATOM   515 C CE  . LYS A 1 99  ? -41.891 18.147  -5.083  1.00 79.92  ? 402 LYS A CE  1 
ATOM   516 N NZ  . LYS A 1 99  ? -41.484 18.004  -3.655  1.00 75.45  ? 402 LYS A NZ  1 
ATOM   517 N N   . ALA A 1 100 ? -41.401 17.725  -10.765 1.00 62.77  ? 403 ALA A N   1 
ATOM   518 C CA  . ALA A 1 100 ? -41.618 19.017  -11.406 1.00 51.92  ? 403 ALA A CA  1 
ATOM   519 C C   . ALA A 1 100 ? -42.441 18.883  -12.679 1.00 53.84  ? 403 ALA A C   1 
ATOM   520 O O   . ALA A 1 100 ? -43.227 19.781  -13.006 1.00 60.51  ? 403 ALA A O   1 
ATOM   521 C CB  . ALA A 1 100 ? -40.278 19.684  -11.712 1.00 54.11  ? 403 ALA A CB  1 
ATOM   522 N N   . ALA A 1 101 ? -42.271 17.782  -13.413 1.00 54.76  ? 404 ALA A N   1 
ATOM   523 C CA  . ALA A 1 101 ? -43.043 17.575  -14.632 1.00 40.15  ? 404 ALA A CA  1 
ATOM   524 C C   . ALA A 1 101 ? -44.527 17.383  -14.359 1.00 49.49  ? 404 ALA A C   1 
ATOM   525 O O   . ALA A 1 101 ? -45.343 17.668  -15.239 1.00 64.70  ? 404 ALA A O   1 
ATOM   526 C CB  . ALA A 1 101 ? -42.500 16.373  -15.407 1.00 40.16  ? 404 ALA A CB  1 
ATOM   527 N N   . VAL A 1 102 ? -44.891 16.899  -13.176 1.00 39.69  ? 405 VAL A N   1 
ATOM   528 C CA  . VAL A 1 102 ? -46.295 16.725  -12.820 1.00 59.18  ? 405 VAL A CA  1 
ATOM   529 C C   . VAL A 1 102 ? -46.902 18.018  -12.293 1.00 62.89  ? 405 VAL A C   1 
ATOM   530 O O   . VAL A 1 102 ? -48.051 18.340  -12.602 1.00 61.07  ? 405 VAL A O   1 
ATOM   531 C CB  . VAL A 1 102 ? -46.429 15.581  -11.797 1.00 61.72  ? 405 VAL A CB  1 
ATOM   532 C CG1 . VAL A 1 102 ? -47.865 15.467  -11.313 1.00 57.83  ? 405 VAL A CG1 1 
ATOM   533 C CG2 . VAL A 1 102 ? -45.963 14.267  -12.405 1.00 54.66  ? 405 VAL A CG2 1 
ATOM   534 N N   . GLU A 1 103 ? -46.144 18.778  -11.500 1.00 64.21  ? 406 GLU A N   1 
ATOM   535 C CA  . GLU A 1 103 ? -46.662 20.024  -10.947 1.00 66.30  ? 406 GLU A CA  1 
ATOM   536 C C   . GLU A 1 103 ? -46.836 21.101  -12.007 1.00 63.33  ? 406 GLU A C   1 
ATOM   537 O O   . GLU A 1 103 ? -47.550 22.079  -11.768 1.00 76.11  ? 406 GLU A O   1 
ATOM   538 C CB  . GLU A 1 103 ? -45.742 20.530  -9.832  1.00 62.15  ? 406 GLU A CB  1 
ATOM   539 C CG  . GLU A 1 103 ? -45.544 19.531  -8.702  1.00 84.36  ? 406 GLU A CG  1 
ATOM   540 C CD  . GLU A 1 103 ? -45.552 20.183  -7.333  1.00 98.72  ? 406 GLU A CD  1 
ATOM   541 O OE1 . GLU A 1 103 ? -44.781 21.143  -7.117  1.00 110.36 ? 406 GLU A OE1 1 
ATOM   542 O OE2 . GLU A 1 103 ? -46.339 19.735  -6.473  1.00 96.06  ? 406 GLU A OE2 1 
ATOM   543 N N   . ALA A 1 104 ? -46.209 20.940  -13.171 1.00 62.89  ? 407 ALA A N   1 
ATOM   544 C CA  . ALA A 1 104 ? -46.370 21.876  -14.275 1.00 59.31  ? 407 ALA A CA  1 
ATOM   545 C C   . ALA A 1 104 ? -47.670 21.667  -15.041 1.00 71.65  ? 407 ALA A C   1 
ATOM   546 O O   . ALA A 1 104 ? -47.903 22.365  -16.035 1.00 83.08  ? 407 ALA A O   1 
ATOM   547 C CB  . ALA A 1 104 ? -45.182 21.765  -15.234 1.00 41.29  ? 407 ALA A CB  1 
ATOM   548 N N   . LEU A 1 105 ? -48.514 20.736  -14.607 1.00 64.40  ? 408 LEU A N   1 
ATOM   549 C CA  . LEU A 1 105 ? -49.773 20.456  -15.283 1.00 57.17  ? 408 LEU A CA  1 
ATOM   550 C C   . LEU A 1 105 ? -50.914 21.268  -14.682 1.00 59.05  ? 408 LEU A C   1 
ATOM   551 O O   . LEU A 1 105 ? -50.852 22.497  -14.624 1.00 57.91  ? 408 LEU A O   1 
ATOM   552 C CB  . LEU A 1 105 ? -50.094 18.962  -15.208 1.00 44.41  ? 408 LEU A CB  1 
ATOM   553 C CG  . LEU A 1 105 ? -49.035 18.021  -15.784 1.00 48.12  ? 408 LEU A CG  1 
ATOM   554 C CD1 . LEU A 1 105 ? -49.345 16.579  -15.423 1.00 41.11  ? 408 LEU A CD1 1 
ATOM   555 C CD2 . LEU A 1 105 ? -48.934 18.186  -17.292 1.00 58.39  ? 408 LEU A CD2 1 
HETATM 556 S S   . SO4 B 2 .   ? 19.675  3.577   0.254   0.76 75.24  ? 101 SO4 A S   1 
HETATM 557 O O1  . SO4 B 2 .   ? 19.240  2.486   -0.616  0.76 75.53  ? 101 SO4 A O1  1 
HETATM 558 O O2  . SO4 B 2 .   ? 21.013  3.289   0.766   0.76 79.35  ? 101 SO4 A O2  1 
HETATM 559 O O3  . SO4 B 2 .   ? 19.705  4.826   -0.502  0.76 68.48  ? 101 SO4 A O3  1 
HETATM 560 O O4  . SO4 B 2 .   ? 18.742  3.704   1.370   0.76 83.73  ? 101 SO4 A O4  1 
HETATM 561 S S   . SO4 C 2 .   ? 21.709  -2.392  -3.642  1.00 115.86 ? 102 SO4 A S   1 
HETATM 562 O O1  . SO4 C 2 .   ? 22.383  -3.617  -4.065  1.00 117.83 ? 102 SO4 A O1  1 
HETATM 563 O O2  . SO4 C 2 .   ? 22.416  -1.234  -4.185  1.00 112.82 ? 102 SO4 A O2  1 
HETATM 564 O O3  . SO4 C 2 .   ? 21.702  -2.317  -2.183  1.00 117.15 ? 102 SO4 A O3  1 
HETATM 565 O O4  . SO4 C 2 .   ? 20.335  -2.399  -4.136  1.00 112.08 ? 102 SO4 A O4  1 
HETATM 566 S S   . SO4 D 2 .   ? -24.222 15.206  0.555   1.00 129.45 ? 103 SO4 A S   1 
HETATM 567 O O1  . SO4 D 2 .   ? -24.281 13.791  0.198   1.00 128.67 ? 103 SO4 A O1  1 
HETATM 568 O O2  . SO4 D 2 .   ? -22.968 15.478  1.251   1.00 132.14 ? 103 SO4 A O2  1 
HETATM 569 O O3  . SO4 D 2 .   ? -24.292 16.019  -0.655  1.00 126.92 ? 103 SO4 A O3  1 
HETATM 570 O O4  . SO4 D 2 .   ? -25.346 15.536  1.429   1.00 123.55 ? 103 SO4 A O4  1 
HETATM 571 O O   . HOH E 3 .   ? -37.060 15.446  -4.378  1.00 74.84  ? 201 HOH A O   1 
HETATM 572 O O   . HOH E 3 .   ? -9.453  12.729  -4.639  1.00 28.87  ? 202 HOH A O   1 
HETATM 573 O O   . HOH E 3 .   ? 7.647   1.157   -6.225  1.00 46.20  ? 203 HOH A O   1 
HETATM 574 O O   . HOH E 3 .   ? -2.068  -2.451  -6.284  1.00 39.33  ? 204 HOH A O   1 
HETATM 575 O O   . HOH E 3 .   ? -18.244 11.522  -2.494  1.00 54.80  ? 205 HOH A O   1 
HETATM 576 O O   . HOH E 3 .   ? -40.441 18.901  -1.371  1.00 49.71  ? 206 HOH A O   1 
HETATM 577 O O   . HOH E 3 .   ? -16.744 13.361  -10.860 1.00 50.35  ? 207 HOH A O   1 
HETATM 578 O O   . HOH E 3 .   ? -30.117 3.784   -5.979  1.00 54.51  ? 208 HOH A O   1 
HETATM 579 O O   . HOH E 3 .   ? -29.210 13.097  -14.212 1.00 50.75  ? 209 HOH A O   1 
HETATM 580 O O   . HOH E 3 .   ? -17.336 8.390   -13.377 1.00 53.88  ? 210 HOH A O   1 
HETATM 581 O O   . HOH E 3 .   ? 48.603  -22.355 18.726  1.00 66.84  ? 211 HOH A O   1 
HETATM 582 O O   . HOH E 3 .   ? -6.736  -0.374  -7.663  1.00 38.33  ? 212 HOH A O   1 
HETATM 583 O O   . HOH E 3 .   ? -25.905 18.590  4.276   0.50 50.30  ? 213 HOH A O   1 
HETATM 584 O O   . HOH E 3 .   ? -20.989 14.718  -18.720 1.00 51.12  ? 214 HOH A O   1 
HETATM 585 O O   . HOH E 3 .   ? -28.611 0.536   -7.300  1.00 55.77  ? 215 HOH A O   1 
HETATM 586 O O   . HOH E 3 .   ? -54.135 23.696  -19.251 0.33 93.18  ? 216 HOH A O   1 
HETATM 587 O O   . HOH E 3 .   ? 16.772  -21.991 6.384   1.00 51.49  ? 217 HOH A O   1 
# 
loop_
_atom_site_anisotrop.id 
_atom_site_anisotrop.type_symbol 
_atom_site_anisotrop.pdbx_label_atom_id 
_atom_site_anisotrop.pdbx_label_alt_id 
_atom_site_anisotrop.pdbx_label_comp_id 
_atom_site_anisotrop.pdbx_label_asym_id 
_atom_site_anisotrop.pdbx_label_seq_id 
_atom_site_anisotrop.pdbx_PDB_ins_code 
_atom_site_anisotrop.U[1][1] 
_atom_site_anisotrop.U[2][2] 
_atom_site_anisotrop.U[3][3] 
_atom_site_anisotrop.U[1][2] 
_atom_site_anisotrop.U[1][3] 
_atom_site_anisotrop.U[2][3] 
_atom_site_anisotrop.pdbx_auth_seq_id 
_atom_site_anisotrop.pdbx_auth_comp_id 
_atom_site_anisotrop.pdbx_auth_asym_id 
_atom_site_anisotrop.pdbx_auth_atom_id 
1   N N   . SER A 32  ? 0.7173 1.4620 0.7336 0.3142 -0.1405 0.0233  335 SER A N   
2   C CA  . SER A 32  ? 0.9357 1.6767 0.9567 0.3191 -0.1411 0.0269  335 SER A CA  
3   C C   . SER A 32  ? 1.0646 1.7950 1.0819 0.3194 -0.1399 0.0237  335 SER A C   
4   O O   . SER A 32  ? 1.0525 1.7779 1.0630 0.3167 -0.1372 0.0172  335 SER A O   
5   C CB  . SER A 32  ? 0.9030 1.6495 0.9316 0.3218 -0.1445 0.0354  335 SER A CB  
6   N N   . GLU A 33  ? 1.0727 1.7996 1.0959 0.3228 -0.1425 0.0289  336 GLU A N   
7   C CA  . GLU A 33  ? 1.0113 1.7281 1.0331 0.3230 -0.1426 0.0269  336 GLU A CA  
8   C C   . GLU A 33  ? 1.1377 1.8523 1.1521 0.3185 -0.1416 0.0255  336 GLU A C   
9   O O   . GLU A 33  ? 1.0537 1.7596 1.0643 0.3175 -0.1406 0.0215  336 GLU A O   
10  C CB  . GLU A 33  ? 0.8787 1.5926 0.9118 0.3274 -0.1469 0.0341  336 GLU A CB  
11  N N   . LEU A 34  ? 1.2218 1.9447 1.2341 0.3162 -0.1418 0.0283  337 LEU A N   
12  C CA  . LEU A 34  ? 1.2013 1.9240 1.2066 0.3125 -0.1406 0.0263  337 LEU A CA  
13  C C   . LEU A 34  ? 1.0914 1.8103 1.0890 0.3089 -0.1372 0.0169  337 LEU A C   
14  O O   . LEU A 34  ? 1.0136 1.7270 1.0057 0.3065 -0.1358 0.0132  337 LEU A O   
15  C CB  . LEU A 34  ? 1.2533 1.9879 1.2588 0.3118 -0.1420 0.0309  337 LEU A CB  
16  N N   . GLN A 35  ? 1.0623 1.7845 1.0603 0.3085 -0.1363 0.0136  338 GLN A N   
17  C CA  . GLN A 35  ? 1.0092 1.7283 1.0020 0.3051 -0.1337 0.0059  338 GLN A CA  
18  C C   . GLN A 35  ? 0.8840 1.5940 0.8745 0.3062 -0.1314 0.0016  338 GLN A C   
19  O O   . GLN A 35  ? 0.7528 1.4587 0.7384 0.3033 -0.1291 -0.0043 338 GLN A O   
20  C CB  . GLN A 35  ? 0.9731 1.6995 0.9689 0.3041 -0.1341 0.0052  338 GLN A CB  
21  C CG  . GLN A 35  ? 0.9664 1.7009 0.9630 0.3014 -0.1365 0.0057  338 GLN A CG  
22  C CD  . GLN A 35  ? 0.9616 1.6930 0.9525 0.2976 -0.1357 0.0001  338 GLN A CD  
23  O OE1 . GLN A 35  ? 0.9600 1.6845 0.9474 0.2955 -0.1333 -0.0050 338 GLN A OE1 
24  N NE2 . GLN A 35  ? 0.7898 1.5272 0.7795 0.2972 -0.1376 0.0011  338 GLN A NE2 
25  N N   . ARG A 36  ? 0.8459 1.5530 0.8408 0.3106 -0.1326 0.0044  339 ARG A N   
26  C CA  . ARG A 36  ? 0.7568 1.4554 0.7495 0.3124 -0.1312 -0.0003 339 ARG A CA  
27  C C   . ARG A 36  ? 0.9507 1.6409 0.9395 0.3103 -0.1312 -0.0021 339 ARG A C   
28  O O   . ARG A 36  ? 1.0085 1.6932 0.9919 0.3083 -0.1287 -0.0085 339 ARG A O   
29  C CB  . ARG A 36  ? 0.6118 1.3095 0.6117 0.3182 -0.1335 0.0026  339 ARG A CB  
30  N N   . LYS A 37  ? 1.0075 1.6974 0.9998 0.3105 -0.1340 0.0040  340 LYS A N   
31  C CA  . LYS A 37  ? 1.0311 1.7145 1.0205 0.3083 -0.1342 0.0037  340 LYS A CA  
32  C C   . LYS A 37  ? 1.0319 1.7179 1.0137 0.3035 -0.1313 -0.0004 340 LYS A C   
33  O O   . LYS A 37  ? 0.9221 1.6016 0.8997 0.3013 -0.1301 -0.0036 340 LYS A O   
34  C CB  . LYS A 37  ? 0.9909 1.6756 0.9870 0.3097 -0.1380 0.0130  340 LYS A CB  
35  C CG  . LYS A 37  ? 0.8915 1.5741 0.8982 0.3147 -0.1419 0.0180  340 LYS A CG  
36  C CD  . LYS A 37  ? 0.8820 1.5534 0.8913 0.3166 -0.1433 0.0138  340 LYS A CD  
37  C CE  . LYS A 37  ? 0.8575 1.5220 0.8687 0.3147 -0.1456 0.0166  340 LYS A CE  
38  N NZ  . LYS A 37  ? 0.8290 1.4828 0.8467 0.3174 -0.1489 0.0138  340 LYS A NZ  
39  N N   . GLU A 38  ? 1.0587 1.7534 1.0397 0.3021 -0.1307 -0.0005 341 GLU A N   
40  C CA  . GLU A 38  ? 1.0059 1.7029 0.9817 0.2980 -0.1289 -0.0053 341 GLU A CA  
41  C C   . GLU A 38  ? 0.9731 1.6663 0.9459 0.2957 -0.1265 -0.0125 341 GLU A C   
42  O O   . GLU A 38  ? 0.9294 1.6244 0.8999 0.2922 -0.1256 -0.0167 341 GLU A O   
43  C CB  . GLU A 38  ? 0.9491 1.6576 0.9267 0.2975 -0.1306 -0.0027 341 GLU A CB  
44  C CG  . GLU A 38  ? 0.8461 1.5588 0.8201 0.2953 -0.1306 -0.0039 341 GLU A CG  
45  C CD  . GLU A 38  ? 0.8792 1.6043 0.8553 0.2966 -0.1329 0.0004  341 GLU A CD  
46  O OE1 . GLU A 38  ? 0.9157 1.6464 0.8943 0.2959 -0.1344 -0.0014 341 GLU A OE1 
47  O OE2 . GLU A 38  ? 0.8598 1.5897 0.8360 0.2982 -0.1338 0.0061  341 GLU A OE2 
48  N N   . GLU A 39  ? 1.0243 1.7133 0.9981 0.2979 -0.1255 -0.0141 342 GLU A N   
49  C CA  . GLU A 39  ? 1.1322 1.8182 1.1031 0.2962 -0.1228 -0.0201 342 GLU A CA  
50  C C   . GLU A 39  ? 1.2653 1.9417 1.2324 0.2966 -0.1214 -0.0242 342 GLU A C   
51  O O   . GLU A 39  ? 1.3827 2.0554 1.3461 0.2934 -0.1194 -0.0290 342 GLU A O   
52  C CB  . GLU A 39  ? 1.1377 1.8290 1.1118 0.2988 -0.1225 -0.0192 342 GLU A CB  
53  N N   . GLU A 40  ? 1.2783 1.9503 1.2476 0.3005 -0.1230 -0.0221 343 GLU A N   
54  C CA  . GLU A 40  ? 1.2722 1.9346 1.2391 0.3011 -0.1228 -0.0259 343 GLU A CA  
55  C C   . GLU A 40  ? 1.3252 1.9828 1.2896 0.2976 -0.1229 -0.0257 343 GLU A C   
56  O O   . GLU A 40  ? 1.3794 2.0299 1.3401 0.2961 -0.1217 -0.0304 343 GLU A O   
57  C CB  . GLU A 40  ? 1.2059 1.8648 1.1780 0.3062 -0.1261 -0.0236 343 GLU A CB  
58  C CG  . GLU A 40  ? 1.2249 1.8874 1.2038 0.3080 -0.1296 -0.0151 343 GLU A CG  
59  C CD  . GLU A 40  ? 1.2640 1.9254 1.2508 0.3136 -0.1331 -0.0128 343 GLU A CD  
60  O OE1 . GLU A 40  ? 1.3887 2.0427 1.3767 0.3160 -0.1345 -0.0168 343 GLU A OE1 
61  O OE2 . GLU A 40  ? 1.1440 1.8120 1.1363 0.3157 -0.1346 -0.0075 343 GLU A OE2 
62  N N   . MET A 41  ? 1.3245 1.9865 1.2905 0.2966 -0.1245 -0.0202 344 MET A N   
63  C CA  . MET A 41  ? 1.3610 2.0209 1.3242 0.2937 -0.1243 -0.0198 344 MET A CA  
64  C C   . MET A 41  ? 1.3225 1.9844 1.2811 0.2896 -0.1214 -0.0256 344 MET A C   
65  O O   . MET A 41  ? 1.3643 2.0212 1.3197 0.2871 -0.1201 -0.0289 344 MET A O   
66  C CB  . MET A 41  ? 1.4220 2.0886 1.3887 0.2945 -0.1267 -0.0118 344 MET A CB  
67  C CG  . MET A 41  ? 1.4864 2.1500 1.4600 0.2978 -0.1306 -0.0045 344 MET A CG  
68  S SD  . MET A 41  ? 1.5418 2.1929 1.5167 0.2974 -0.1325 -0.0050 344 MET A SD  
69  C CE  . MET A 41  ? 1.5233 2.1674 1.5014 0.3012 -0.1337 -0.0100 344 MET A CE  
70  N N   . ARG A 42  ? 1.2293 1.8985 1.1888 0.2889 -0.1209 -0.0266 345 ARG A N   
71  C CA  . ARG A 42  ? 1.1175 1.7883 1.0748 0.2850 -0.1195 -0.0318 345 ARG A CA  
72  C C   . ARG A 42  ? 1.0336 1.6971 0.9886 0.2834 -0.1171 -0.0374 345 ARG A C   
73  O O   . ARG A 42  ? 0.9618 1.6234 0.9150 0.2799 -0.1160 -0.0416 345 ARG A O   
74  C CB  . ARG A 42  ? 1.0429 1.7223 1.0036 0.2845 -0.1207 -0.0310 345 ARG A CB  
75  N N   . GLN A 43  ? 1.0045 1.6649 0.9597 0.2861 -0.1164 -0.0377 346 GLN A N   
76  C CA  . GLN A 43  ? 1.0438 1.6984 0.9963 0.2855 -0.1141 -0.0429 346 GLN A CA  
77  C C   . GLN A 43  ? 1.0089 1.6542 0.9589 0.2859 -0.1142 -0.0445 346 GLN A C   
78  O O   . GLN A 43  ? 1.0417 1.6818 0.9890 0.2842 -0.1124 -0.0492 346 GLN A O   
79  C CB  . GLN A 43  ? 1.1095 1.7669 1.0631 0.2889 -0.1134 -0.0432 346 GLN A CB  
80  C CG  . GLN A 43  ? 1.1030 1.7697 1.0598 0.2884 -0.1134 -0.0409 346 GLN A CG  
81  C CD  . GLN A 43  ? 1.0752 1.7439 1.0325 0.2833 -0.1125 -0.0432 346 GLN A CD  
82  O OE1 . GLN A 43  ? 1.1101 1.7742 1.0647 0.2814 -0.1107 -0.0471 346 GLN A OE1 
83  N NE2 . GLN A 43  ? 0.9496 1.6249 0.9109 0.2812 -0.1145 -0.0406 346 GLN A NE2 
84  N N   . MET A 44  ? 0.9090 1.5522 0.8608 0.2880 -0.1168 -0.0400 347 MET A N   
85  C CA  . MET A 44  ? 0.8475 1.4820 0.7986 0.2880 -0.1180 -0.0405 347 MET A CA  
86  C C   . MET A 44  ? 0.8106 1.4431 0.7586 0.2838 -0.1166 -0.0423 347 MET A C   
87  O O   . MET A 44  ? 0.6090 1.2339 0.5551 0.2826 -0.1161 -0.0456 347 MET A O   
88  C CB  . MET A 44  ? 0.7497 1.3834 0.7055 0.2909 -0.1220 -0.0335 347 MET A CB  
89  N N   . PHE A 45  ? 0.8663 1.5061 0.8143 0.2818 -0.1161 -0.0407 348 PHE A N   
90  C CA  . PHE A 45  ? 0.4876 1.1268 0.4330 0.2784 -0.1148 -0.0433 348 PHE A CA  
91  C C   . PHE A 45  ? 0.8563 1.4930 0.8001 0.2755 -0.1125 -0.0499 348 PHE A C   
92  O O   . PHE A 45  ? 0.9530 1.5845 0.8948 0.2731 -0.1113 -0.0533 348 PHE A O   
93  C CB  . PHE A 45  ? 0.4975 1.1465 0.4434 0.2780 -0.1155 -0.0406 348 PHE A CB  
94  N N   . VAL A 46  ? 0.7397 1.3802 0.6850 0.2756 -0.1120 -0.0511 349 VAL A N   
95  C CA  . VAL A 46  ? 0.8329 1.4719 0.7779 0.2727 -0.1104 -0.0559 349 VAL A CA  
96  C C   . VAL A 46  ? 0.7227 1.3539 0.6653 0.2733 -0.1088 -0.0590 349 VAL A C   
97  O O   . VAL A 46  ? 0.6705 1.2976 0.6119 0.2704 -0.1074 -0.0627 349 VAL A O   
98  C CB  . VAL A 46  ? 0.9061 1.5521 0.8541 0.2729 -0.1107 -0.0548 349 VAL A CB  
99  C CG1 . VAL A 46  ? 0.9057 1.5503 0.8540 0.2707 -0.1090 -0.0579 349 VAL A CG1 
100 C CG2 . VAL A 46  ? 0.9276 1.5805 0.8786 0.2710 -0.1130 -0.0535 349 VAL A CG2 
101 N N   . ASN A 47  ? 0.4748 1.1041 0.4171 0.2773 -0.1092 -0.0578 350 ASN A N   
102 C CA  . ASN A 47  ? 0.7987 1.4213 0.7389 0.2786 -0.1084 -0.0616 350 ASN A CA  
103 C C   . ASN A 47  ? 0.8923 1.5066 0.8309 0.2768 -0.1090 -0.0627 350 ASN A C   
104 O O   . ASN A 47  ? 0.4677 1.0764 0.4045 0.2758 -0.1079 -0.0670 350 ASN A O   
105 C CB  . ASN A 47  ? 0.8600 1.4821 0.8010 0.2839 -0.1100 -0.0606 350 ASN A CB  
106 C CG  . ASN A 47  ? 0.9707 1.6014 0.9127 0.2863 -0.1090 -0.0601 350 ASN A CG  
107 O OD1 . ASN A 47  ? 1.0842 1.7214 1.0274 0.2837 -0.1077 -0.0588 350 ASN A OD1 
108 N ND2 . ASN A 47  ? 0.8368 1.4679 0.7790 0.2913 -0.1098 -0.0610 350 ASN A ND2 
109 N N   . LYS A 48  ? 0.7149 1.3294 0.6544 0.2761 -0.1107 -0.0586 351 LYS A N   
110 C CA  . LYS A 48  ? 0.6923 1.3007 0.6308 0.2741 -0.1113 -0.0587 351 LYS A CA  
111 C C   . LYS A 48  ? 0.8347 1.4438 0.7717 0.2699 -0.1090 -0.0622 351 LYS A C   
112 O O   . LYS A 48  ? 0.9210 1.5238 0.8567 0.2680 -0.1084 -0.0646 351 LYS A O   
113 C CB  . LYS A 48  ? 0.6982 1.3089 0.6386 0.2749 -0.1138 -0.0521 351 LYS A CB  
114 N N   . VAL A 49  ? 0.8053 1.4217 0.7433 0.2685 -0.1083 -0.0626 352 VAL A N   
115 C CA  . VAL A 49  ? 0.6402 1.2571 0.5783 0.2647 -0.1072 -0.0662 352 VAL A CA  
116 C C   . VAL A 49  ? 0.7365 1.3494 0.6746 0.2628 -0.1056 -0.0703 352 VAL A C   
117 O O   . VAL A 49  ? 0.7207 1.3291 0.6583 0.2601 -0.1048 -0.0734 352 VAL A O   
118 C CB  . VAL A 49  ? 0.4633 1.0888 0.4034 0.2638 -0.1083 -0.0656 352 VAL A CB  
119 C CG1 . VAL A 49  ? 0.5783 1.2036 0.5197 0.2600 -0.1084 -0.0700 352 VAL A CG1 
120 C CG2 . VAL A 49  ? 0.7516 1.3826 0.6913 0.2658 -0.1095 -0.0617 352 VAL A CG2 
121 N N   . LYS A 50  ? 0.7362 1.3518 0.6750 0.2646 -0.1052 -0.0699 353 LYS A N   
122 C CA  . LYS A 50  ? 0.6097 1.2241 0.5486 0.2633 -0.1036 -0.0729 353 LYS A CA  
123 C C   . LYS A 50  ? 0.5008 1.1069 0.4369 0.2640 -0.1026 -0.0758 353 LYS A C   
124 O O   . LYS A 50  ? 0.6047 1.2084 0.5405 0.2615 -0.1013 -0.0787 353 LYS A O   
125 C CB  . LYS A 50  ? 0.6738 1.2944 0.6135 0.2660 -0.1030 -0.0713 353 LYS A CB  
126 C CG  . LYS A 50  ? 0.7187 1.3474 0.6618 0.2651 -0.1045 -0.0681 353 LYS A CG  
127 C CD  . LYS A 50  ? 0.6769 1.3074 0.6235 0.2600 -0.1054 -0.0687 353 LYS A CD  
128 C CE  . LYS A 50  ? 0.8291 1.4673 0.7802 0.2591 -0.1078 -0.0654 353 LYS A CE  
129 N NZ  . LYS A 50  ? 0.8885 1.5280 0.8445 0.2540 -0.1102 -0.0658 353 LYS A NZ  
130 N N   . GLU A 51  ? 0.4802 1.0820 0.4148 0.2671 -0.1039 -0.0749 354 GLU A N   
131 C CA  . GLU A 51  ? 0.6199 1.2135 0.5527 0.2675 -0.1042 -0.0777 354 GLU A CA  
132 C C   . GLU A 51  ? 0.7284 1.3171 0.6610 0.2636 -0.1040 -0.0785 354 GLU A C   
133 O O   . GLU A 51  ? 0.7104 1.2941 0.6422 0.2620 -0.1031 -0.0819 354 GLU A O   
134 C CB  . GLU A 51  ? 0.7230 1.3128 0.6559 0.2715 -0.1070 -0.0756 354 GLU A CB  
135 N N   . THR A 52  ? 0.6463 1.2374 0.5797 0.2623 -0.1048 -0.0754 355 THR A N   
136 C CA  . THR A 52  ? 0.6178 1.2060 0.5509 0.2592 -0.1045 -0.0763 355 THR A CA  
137 C C   . THR A 52  ? 0.7343 1.3240 0.6684 0.2557 -0.1030 -0.0798 355 THR A C   
138 O O   . THR A 52  ? 0.6644 1.2495 0.5985 0.2530 -0.1025 -0.0824 355 THR A O   
139 C CB  . THR A 52  ? 0.5797 1.1728 0.5130 0.2596 -0.1057 -0.0723 355 THR A CB  
140 O OG1 . THR A 52  ? 0.8047 1.3965 0.7381 0.2624 -0.1078 -0.0675 355 THR A OG1 
141 C CG2 . THR A 52  ? 0.4750 1.0662 0.4077 0.2570 -0.1052 -0.0732 355 THR A CG2 
142 N N   . GLU A 53  ? 0.7452 1.3417 0.6814 0.2553 -0.1030 -0.0795 356 GLU A N   
143 C CA  . GLU A 53  ? 0.6834 1.2809 0.6219 0.2515 -0.1030 -0.0819 356 GLU A CA  
144 C C   . GLU A 53  ? 0.7148 1.3079 0.6529 0.2503 -0.1015 -0.0841 356 GLU A C   
145 O O   . GLU A 53  ? 0.7061 1.2971 0.6459 0.2466 -0.1016 -0.0861 356 GLU A O   
146 C CB  . GLU A 53  ? 0.6883 1.2936 0.6298 0.2513 -0.1041 -0.0802 356 GLU A CB  
147 C CG  . GLU A 53  ? 0.6517 1.2606 0.5960 0.2489 -0.1065 -0.0811 356 GLU A CG  
148 C CD  . GLU A 53  ? 0.7449 1.3609 0.6933 0.2484 -0.1087 -0.0791 356 GLU A CD  
149 O OE1 . GLU A 53  ? 0.8482 1.4647 0.8005 0.2449 -0.1105 -0.0795 356 GLU A OE1 
150 O OE2 . GLU A 53  ? 0.6420 1.2628 0.5896 0.2513 -0.1091 -0.0765 356 GLU A OE2 
151 N N   . LEU A 54  ? 0.6220 1.2139 0.5580 0.2535 -0.1005 -0.0841 357 LEU A N   
152 C CA  . LEU A 54  ? 0.5508 1.1403 0.4862 0.2532 -0.0991 -0.0865 357 LEU A CA  
153 C C   . LEU A 54  ? 0.4320 1.0130 0.3659 0.2523 -0.0992 -0.0890 357 LEU A C   
154 O O   . LEU A 54  ? 0.5298 1.1083 0.4641 0.2499 -0.0983 -0.0911 357 LEU A O   
155 C CB  . LEU A 54  ? 0.4892 1.0824 0.4229 0.2578 -0.0984 -0.0865 357 LEU A CB  
156 C CG  . LEU A 54  ? 0.5262 1.1205 0.4589 0.2586 -0.0966 -0.0892 357 LEU A CG  
157 C CD1 . LEU A 54  ? 0.6749 1.2747 0.6105 0.2543 -0.0958 -0.0876 357 LEU A CD1 
158 C CD2 . LEU A 54  ? 0.6522 1.2514 0.5828 0.2643 -0.0960 -0.0901 357 LEU A CD2 
159 N N   . GLU A 55  ? 0.6248 1.2013 0.5572 0.2540 -0.1004 -0.0881 358 GLU A N   
160 C CA  . GLU A 55  ? 0.5938 1.1621 0.5251 0.2530 -0.1011 -0.0898 358 GLU A CA  
161 C C   . GLU A 55  ? 0.7095 1.2765 0.6422 0.2484 -0.1005 -0.0906 358 GLU A C   
162 O O   . GLU A 55  ? 0.6985 1.2601 0.6312 0.2465 -0.1002 -0.0930 358 GLU A O   
163 C CB  . GLU A 55  ? 0.6861 1.2511 0.6168 0.2551 -0.1034 -0.0869 358 GLU A CB  
164 C CG  . GLU A 55  ? 0.9480 1.5119 0.8780 0.2596 -0.1052 -0.0866 358 GLU A CG  
165 C CD  . GLU A 55  ? 1.0515 1.6109 0.9822 0.2609 -0.1087 -0.0827 358 GLU A CD  
166 O OE1 . GLU A 55  ? 1.0211 1.5789 0.9522 0.2583 -0.1092 -0.0800 358 GLU A OE1 
167 O OE2 . GLU A 55  ? 1.0872 1.6455 1.0187 0.2645 -0.1113 -0.0818 358 GLU A OE2 
168 N N   . LEU A 56  ? 0.7503 1.3223 0.6844 0.2472 -0.1008 -0.0893 359 LEU A N   
169 C CA  . LEU A 56  ? 0.6870 1.2584 0.6227 0.2434 -0.1008 -0.0910 359 LEU A CA  
170 C C   . LEU A 56  ? 0.4217 0.9928 0.3598 0.2403 -0.1005 -0.0930 359 LEU A C   
171 O O   . LEU A 56  ? 0.4185 0.9854 0.3575 0.2372 -0.1006 -0.0949 359 LEU A O   
172 C CB  . LEU A 56  ? 0.4282 1.0066 0.3651 0.2434 -0.1018 -0.0901 359 LEU A CB  
173 C CG  . LEU A 56  ? 0.5293 1.1105 0.4644 0.2461 -0.1022 -0.0873 359 LEU A CG  
174 C CD1 . LEU A 56  ? 0.4860 1.0760 0.4223 0.2467 -0.1031 -0.0870 359 LEU A CD1 
175 C CD2 . LEU A 56  ? 0.4313 1.0082 0.3652 0.2452 -0.1019 -0.0874 359 LEU A CD2 
176 N N   . LYS A 57  ? 0.4313 1.0067 0.3701 0.2410 -0.1002 -0.0919 360 LYS A N   
177 C CA  . LYS A 57  ? 0.4197 0.9962 0.3608 0.2381 -0.1000 -0.0922 360 LYS A CA  
178 C C   . LYS A 57  ? 0.4865 1.0577 0.4257 0.2383 -0.0986 -0.0942 360 LYS A C   
179 O O   . LYS A 57  ? 0.4175 0.9866 0.3585 0.2347 -0.0988 -0.0949 360 LYS A O   
180 C CB  . LYS A 57  ? 0.6343 1.2186 0.5767 0.2392 -0.0999 -0.0897 360 LYS A CB  
181 C CG  . LYS A 57  ? 0.6475 1.2351 0.5931 0.2357 -0.1004 -0.0881 360 LYS A CG  
182 C CD  . LYS A 57  ? 0.7917 1.3800 0.7426 0.2309 -0.1039 -0.0870 360 LYS A CD  
183 C CE  . LYS A 57  ? 0.8440 1.4369 0.7994 0.2271 -0.1055 -0.0835 360 LYS A CE  
184 N NZ  . LYS A 57  ? 0.8041 1.3973 0.7661 0.2225 -0.1105 -0.0822 360 LYS A NZ  
185 N N   . GLU A 58  ? 0.5614 1.1304 0.4974 0.2424 -0.0978 -0.0950 361 GLU A N   
186 C CA  . GLU A 58  ? 0.4186 0.9824 0.3529 0.2431 -0.0973 -0.0977 361 GLU A CA  
187 C C   . GLU A 58  ? 0.4160 0.9719 0.3505 0.2404 -0.0981 -0.0989 361 GLU A C   
188 O O   . GLU A 58  ? 0.8296 1.3819 0.7645 0.2382 -0.0979 -0.1006 361 GLU A O   
189 C CB  . GLU A 58  ? 0.7939 1.3567 0.7254 0.2485 -0.0976 -0.0989 361 GLU A CB  
190 N N   . LYS A 59  ? 0.4244 0.9781 0.3586 0.2405 -0.0991 -0.0976 362 LYS A N   
191 C CA  . LYS A 59  ? 0.6973 1.2454 0.6318 0.2379 -0.0997 -0.0982 362 LYS A CA  
192 C C   . LYS A 59  ? 0.7847 1.3340 0.7220 0.2336 -0.0996 -0.0992 362 LYS A C   
193 O O   . LYS A 59  ? 0.4159 0.9604 0.3538 0.2311 -0.0999 -0.1005 362 LYS A O   
194 C CB  . LYS A 59  ? 0.4183 0.9669 0.3517 0.2393 -0.1006 -0.0958 362 LYS A CB  
195 N N   . GLU A 60  ? 0.6759 1.2313 0.6153 0.2326 -0.0998 -0.0985 363 GLU A N   
196 C CA  . GLU A 60  ? 0.5932 1.1489 0.5360 0.2283 -0.1011 -0.0993 363 GLU A CA  
197 C C   . GLU A 60  ? 0.6293 1.1822 0.5735 0.2254 -0.1009 -0.0997 363 GLU A C   
198 O O   . GLU A 60  ? 0.6936 1.2433 0.6401 0.2217 -0.1021 -0.1008 363 GLU A O   
199 C CB  . GLU A 60  ? 0.7117 1.2744 0.6574 0.2277 -0.1027 -0.0980 363 GLU A CB  
200 C CG  . GLU A 60  ? 0.6685 1.2315 0.6177 0.2247 -0.1054 -0.0997 363 GLU A CG  
201 C CD  . GLU A 60  ? 0.7520 1.3217 0.7039 0.2251 -0.1077 -0.0988 363 GLU A CD  
202 O OE1 . GLU A 60  ? 0.8091 1.3819 0.7637 0.2236 -0.1090 -0.0963 363 GLU A OE1 
203 O OE2 . GLU A 60  ? 0.7164 1.2889 0.6677 0.2270 -0.1083 -0.1004 363 GLU A OE2 
204 N N   . ARG A 61  ? 0.5681 1.1230 0.5108 0.2273 -0.0995 -0.0989 364 ARG A N   
205 C CA  . ARG A 61  ? 0.4805 1.0340 0.4238 0.2253 -0.0990 -0.0992 364 ARG A CA  
206 C C   . ARG A 61  ? 0.4926 1.0389 0.4333 0.2265 -0.0984 -0.1019 364 ARG A C   
207 O O   . ARG A 61  ? 0.7610 1.3048 0.7024 0.2242 -0.0984 -0.1026 364 ARG A O   
208 C CB  . ARG A 61  ? 0.6297 1.1911 0.5725 0.2274 -0.0977 -0.0976 364 ARG A CB  
209 C CG  . ARG A 61  ? 0.8874 1.4562 0.8340 0.2247 -0.0990 -0.0938 364 ARG A CG  
210 C CD  . ARG A 61  ? 1.0469 1.6134 0.9979 0.2186 -0.1016 -0.0924 364 ARG A CD  
211 N NE  . ARG A 61  ? 1.0700 1.6355 1.0205 0.2172 -0.1006 -0.0924 364 ARG A NE  
212 C CZ  . ARG A 61  ? 1.0851 1.6580 1.0367 0.2161 -0.1003 -0.0890 364 ARG A CZ  
213 N NH1 . ARG A 61  ? 0.9647 1.5370 0.9156 0.2151 -0.0994 -0.0893 364 ARG A NH1 
214 N NH2 . ARG A 61  ? 1.1001 1.6819 1.0539 0.2161 -0.1008 -0.0849 364 ARG A NH2 
215 N N   . GLU A 62  ? 0.4140 0.9568 0.3521 0.2297 -0.0985 -0.1028 365 GLU A N   
216 C CA  . GLU A 62  ? 0.4907 1.0258 0.4273 0.2303 -0.0991 -0.1046 365 GLU A CA  
217 C C   . GLU A 62  ? 0.6738 1.2038 0.6119 0.2264 -0.0998 -0.1048 365 GLU A C   
218 O O   . GLU A 62  ? 0.7249 1.2493 0.6630 0.2249 -0.1003 -0.1062 365 GLU A O   
219 C CB  . GLU A 62  ? 0.5362 1.0692 0.4704 0.2344 -0.1000 -0.1042 365 GLU A CB  
220 C CG  . GLU A 62  ? 0.8567 1.3814 0.7898 0.2350 -0.1019 -0.1057 365 GLU A CG  
221 C CD  . GLU A 62  ? 0.9421 1.4620 0.8756 0.2326 -0.1029 -0.1039 365 GLU A CD  
222 O OE1 . GLU A 62  ? 0.9832 1.5072 0.9172 0.2319 -0.1022 -0.1019 365 GLU A OE1 
223 O OE2 . GLU A 62  ? 0.9118 1.4246 0.8451 0.2316 -0.1046 -0.1046 365 GLU A OE2 
224 N N   . LEU A 63  ? 0.6273 1.1599 0.5667 0.2251 -0.1001 -0.1039 366 LEU A N   
225 C CA  . LEU A 63  ? 0.4122 0.9415 0.3533 0.2219 -0.1007 -0.1048 366 LEU A CA  
226 C C   . LEU A 63  ? 0.4956 1.0245 0.4398 0.2177 -0.1014 -0.1056 366 LEU A C   
227 O O   . LEU A 63  ? 0.7209 1.2455 0.6664 0.2149 -0.1022 -0.1067 366 LEU A O   
228 C CB  . LEU A 63  ? 0.4170 0.9509 0.3587 0.2226 -0.1011 -0.1046 366 LEU A CB  
229 C CG  . LEU A 63  ? 0.6402 1.1812 0.5834 0.2230 -0.1016 -0.1042 366 LEU A CG  
230 C CD1 . LEU A 63  ? 0.7807 1.3224 0.7280 0.2192 -0.1036 -0.1056 366 LEU A CD1 
231 C CD2 . LEU A 63  ? 0.4211 0.9672 0.3629 0.2259 -0.1016 -0.1035 366 LEU A CD2 
232 N N   . HIS A 64  ? 0.3962 0.9296 0.3419 0.2170 -0.1015 -0.1042 367 HIS A N   
233 C CA  . HIS A 64  ? 0.5728 1.1061 0.5216 0.2127 -0.1026 -0.1036 367 HIS A CA  
234 C C   . HIS A 64  ? 0.6509 1.1803 0.5982 0.2124 -0.1018 -0.1042 367 HIS A C   
235 O O   . HIS A 64  ? 0.6944 1.2200 0.6437 0.2087 -0.1029 -0.1044 367 HIS A O   
236 C CB  . HIS A 64  ? 0.5301 1.0707 0.4810 0.2119 -0.1034 -0.1007 367 HIS A CB  
237 C CG  . HIS A 64  ? 0.6870 1.2288 0.6413 0.2076 -0.1048 -0.0983 367 HIS A CG  
238 N ND1 . HIS A 64  ? 0.7783 1.3250 0.7314 0.2084 -0.1032 -0.0964 367 HIS A ND1 
239 C CD2 . HIS A 64  ? 0.7568 1.2965 0.7157 0.2024 -0.1081 -0.0973 367 HIS A CD2 
240 C CE1 . HIS A 64  ? 0.7850 1.3326 0.7416 0.2037 -0.1052 -0.0934 367 HIS A CE1 
241 N NE2 . HIS A 64  ? 0.8479 1.3908 0.8086 0.1998 -0.1085 -0.0938 367 HIS A NE2 
242 N N   . GLU A 65  ? 0.3944 0.9248 0.3385 0.2164 -0.1003 -0.1048 368 GLU A N   
243 C CA  . GLU A 65  ? 0.5773 1.1044 0.5199 0.2169 -0.0999 -0.1064 368 GLU A CA  
244 C C   . GLU A 65  ? 0.4625 0.9807 0.4048 0.2157 -0.1009 -0.1081 368 GLU A C   
245 O O   . GLU A 65  ? 0.6698 1.1840 0.6127 0.2133 -0.1016 -0.1088 368 GLU A O   
246 C CB  . GLU A 65  ? 0.3978 0.9278 0.3373 0.2223 -0.0989 -0.1079 368 GLU A CB  
247 C CG  . GLU A 65  ? 0.3995 0.9398 0.3392 0.2240 -0.0976 -0.1060 368 GLU A CG  
248 C CD  . GLU A 65  ? 0.6847 1.2308 0.6261 0.2210 -0.0972 -0.1040 368 GLU A CD  
249 O OE1 . GLU A 65  ? 0.6721 1.2170 0.6127 0.2211 -0.0972 -0.1057 368 GLU A OE1 
250 O OE2 . GLU A 65  ? 0.7295 1.2819 0.6736 0.2183 -0.0975 -0.1002 368 GLU A OE2 
251 N N   . LYS A 66  ? 0.4637 0.9792 0.4049 0.2173 -0.1013 -0.1082 369 LYS A N   
252 C CA  . LYS A 66  ? 0.3931 0.9015 0.3340 0.2162 -0.1023 -0.1087 369 LYS A CA  
253 C C   . LYS A 66  ? 0.3897 0.8968 0.3333 0.2118 -0.1027 -0.1088 369 LYS A C   
254 O O   . LYS A 66  ? 0.7376 1.2392 0.6815 0.2101 -0.1035 -0.1093 369 LYS A O   
255 C CB  . LYS A 66  ? 0.4779 0.9863 0.4171 0.2189 -0.1026 -0.1076 369 LYS A CB  
256 N N   . PHE A 67  ? 0.7912 1.3033 0.7373 0.2101 -0.1028 -0.1083 370 PHE A N   
257 C CA  . PHE A 67  ? 0.3865 0.8972 0.3358 0.2061 -0.1041 -0.1089 370 PHE A CA  
258 C C   . PHE A 67  ? 0.4465 0.9553 0.3981 0.2023 -0.1052 -0.1082 370 PHE A C   
259 O O   . PHE A 67  ? 0.7201 1.2244 0.6733 0.1992 -0.1063 -0.1090 370 PHE A O   
260 C CB  . PHE A 67  ? 0.4543 0.9705 0.4059 0.2059 -0.1051 -0.1090 370 PHE A CB  
261 C CG  . PHE A 67  ? 0.4516 0.9663 0.4071 0.2022 -0.1076 -0.1105 370 PHE A CG  
262 C CD1 . PHE A 67  ? 0.3857 0.8973 0.3411 0.2019 -0.1077 -0.1128 370 PHE A CD1 
263 C CD2 . PHE A 67  ? 0.4739 0.9907 0.4337 0.1989 -0.1104 -0.1095 370 PHE A CD2 
264 C CE1 . PHE A 67  ? 0.3853 0.8958 0.3445 0.1991 -0.1103 -0.1149 370 PHE A CE1 
265 C CE2 . PHE A 67  ? 0.5230 1.0377 0.4873 0.1956 -0.1137 -0.1111 370 PHE A CE2 
266 C CZ  . PHE A 67  ? 0.3859 0.8974 0.3499 0.1959 -0.1136 -0.1143 370 PHE A CZ  
267 N N   . GLU A 68  ? 0.4285 0.9414 0.3800 0.2025 -0.1048 -0.1064 371 GLU A N   
268 C CA  . GLU A 68  ? 0.3841 0.8970 0.3372 0.1992 -0.1056 -0.1049 371 GLU A CA  
269 C C   . GLU A 68  ? 0.5309 1.0382 0.4818 0.1998 -0.1050 -0.1066 371 GLU A C   
270 O O   . GLU A 68  ? 0.4461 0.9511 0.3986 0.1963 -0.1061 -0.1059 371 GLU A O   
271 C CB  . GLU A 68  ? 0.3859 0.9070 0.3389 0.2001 -0.1048 -0.1023 371 GLU A CB  
272 C CG  . GLU A 68  ? 0.5294 1.0562 0.4855 0.1987 -0.1063 -0.0997 371 GLU A CG  
273 C CD  . GLU A 68  ? 0.7796 1.3042 0.7412 0.1930 -0.1102 -0.0979 371 GLU A CD  
274 O OE1 . GLU A 68  ? 0.8779 1.4006 0.8412 0.1895 -0.1113 -0.0964 371 GLU A OE1 
275 O OE2 . GLU A 68  ? 0.9540 1.4791 0.9186 0.1921 -0.1125 -0.0982 371 GLU A OE2 
276 N N   . HIS A 69  ? 0.4911 0.9958 0.4387 0.2038 -0.1040 -0.1086 372 HIS A N   
277 C CA  . HIS A 69  ? 0.4620 0.9603 0.4082 0.2042 -0.1046 -0.1103 372 HIS A CA  
278 C C   . HIS A 69  ? 0.4590 0.9508 0.4068 0.2008 -0.1059 -0.1105 372 HIS A C   
279 O O   . HIS A 69  ? 0.7103 1.1981 0.6589 0.1981 -0.1069 -0.1107 372 HIS A O   
280 C CB  . HIS A 69  ? 0.4820 0.9783 0.4250 0.2090 -0.1046 -0.1118 372 HIS A CB  
281 C CG  . HIS A 69  ? 0.6345 1.1226 0.5767 0.2089 -0.1064 -0.1132 372 HIS A CG  
282 N ND1 . HIS A 69  ? 0.7630 1.2481 0.7045 0.2093 -0.1078 -0.1151 372 HIS A ND1 
283 C CD2 . HIS A 69  ? 0.7457 1.2283 0.6876 0.2084 -0.1076 -0.1124 372 HIS A CD2 
284 C CE1 . HIS A 69  ? 0.8610 1.3382 0.8023 0.2087 -0.1101 -0.1157 372 HIS A CE1 
285 N NE2 . HIS A 69  ? 0.7554 1.2311 0.6969 0.2080 -0.1100 -0.1136 372 HIS A NE2 
286 N N   . LEU A 70  ? 0.3822 0.8738 0.3304 0.2010 -0.1057 -0.1104 373 LEU A N   
287 C CA  . LEU A 70  ? 0.3803 0.8676 0.3298 0.1985 -0.1066 -0.1109 373 LEU A CA  
288 C C   . LEU A 70  ? 0.3780 0.8650 0.3310 0.1941 -0.1078 -0.1109 373 LEU A C   
289 O O   . LEU A 70  ? 0.4950 0.9775 0.4494 0.1915 -0.1088 -0.1114 373 LEU A O   
290 C CB  . LEU A 70  ? 0.5975 1.0874 0.5463 0.2005 -0.1059 -0.1111 373 LEU A CB  
291 C CG  . LEU A 70  ? 0.7516 1.2406 0.6974 0.2042 -0.1056 -0.1100 373 LEU A CG  
292 C CD1 . LEU A 70  ? 0.9220 1.4157 0.8672 0.2058 -0.1049 -0.1094 373 LEU A CD1 
293 C CD2 . LEU A 70  ? 0.6714 1.1532 0.6163 0.2032 -0.1072 -0.1097 373 LEU A CD2 
294 N N   . LYS A 71  ? 0.3781 0.8701 0.3333 0.1929 -0.1082 -0.1098 374 LYS A N   
295 C CA  . LYS A 71  ? 0.3768 0.8681 0.3360 0.1881 -0.1107 -0.1087 374 LYS A CA  
296 C C   . LYS A 71  ? 0.6591 1.1476 0.6183 0.1857 -0.1111 -0.1074 374 LYS A C   
297 O O   . LYS A 71  ? 0.8395 1.3245 0.8014 0.1817 -0.1131 -0.1069 374 LYS A O   
298 C CB  . LYS A 71  ? 0.3781 0.8755 0.3401 0.1870 -0.1120 -0.1066 374 LYS A CB  
299 C CG  . LYS A 71  ? 0.7187 1.2187 0.6822 0.1883 -0.1129 -0.1083 374 LYS A CG  
300 C CD  . LYS A 71  ? 0.6332 1.1384 0.6005 0.1864 -0.1155 -0.1057 374 LYS A CD  
301 C CE  . LYS A 71  ? 0.6070 1.1102 0.5807 0.1808 -0.1203 -0.1040 374 LYS A CE  
302 N NZ  . LYS A 71  ? 0.5650 1.0676 0.5394 0.1773 -0.1207 -0.1001 374 LYS A NZ  
303 N N   . ARG A 72  ? 0.5622 1.0524 0.5182 0.1885 -0.1095 -0.1072 375 ARG A N   
304 C CA  . ARG A 72  ? 0.3772 0.8657 0.3327 0.1870 -0.1100 -0.1067 375 ARG A CA  
305 C C   . ARG A 72  ? 0.3764 0.8568 0.3308 0.1867 -0.1106 -0.1087 375 ARG A C   
306 O O   . ARG A 72  ? 0.6317 1.1089 0.5875 0.1835 -0.1120 -0.1082 375 ARG A O   
307 C CB  . ARG A 72  ? 0.6092 1.1035 0.5615 0.1908 -0.1083 -0.1070 375 ARG A CB  
308 N N   . VAL A 73  ? 0.3772 0.8546 0.3294 0.1899 -0.1099 -0.1105 376 VAL A N   
309 C CA  . VAL A 73  ? 0.3769 0.8469 0.3286 0.1893 -0.1109 -0.1115 376 VAL A CA  
310 C C   . VAL A 73  ? 0.3741 0.8416 0.3286 0.1856 -0.1118 -0.1111 376 VAL A C   
311 O O   . VAL A 73  ? 0.8106 1.2729 0.7659 0.1831 -0.1131 -0.1112 376 VAL A O   
312 C CB  . VAL A 73  ? 0.3791 0.8477 0.3284 0.1931 -0.1106 -0.1121 376 VAL A CB  
313 C CG1 . VAL A 73  ? 0.3792 0.8410 0.3282 0.1919 -0.1122 -0.1118 376 VAL A CG1 
314 C CG2 . VAL A 73  ? 0.4637 0.9339 0.4104 0.1971 -0.1107 -0.1131 376 VAL A CG2 
315 N N   . HIS A 74  ? 0.7124 1.1839 0.6687 0.1853 -0.1114 -0.1112 377 HIS A N   
316 C CA  . HIS A 74  ? 0.5961 1.0660 0.5556 0.1823 -0.1127 -0.1119 377 HIS A CA  
317 C C   . HIS A 74  ? 0.3702 0.8382 0.3329 0.1776 -0.1148 -0.1105 377 HIS A C   
318 O O   . HIS A 74  ? 0.6381 1.1013 0.6022 0.1750 -0.1162 -0.1109 377 HIS A O   
319 C CB  . HIS A 74  ? 0.4762 0.9516 0.4373 0.1835 -0.1126 -0.1131 377 HIS A CB  
320 C CG  . HIS A 74  ? 0.3715 0.8461 0.3368 0.1807 -0.1150 -0.1147 377 HIS A CG  
321 N ND1 . HIS A 74  ? 0.3709 0.8434 0.3366 0.1807 -0.1151 -0.1168 377 HIS A ND1 
322 C CD2 . HIS A 74  ? 0.4349 0.9108 0.4047 0.1777 -0.1179 -0.1146 377 HIS A CD2 
323 C CE1 . HIS A 74  ? 0.4075 0.8801 0.3776 0.1784 -0.1177 -0.1187 377 HIS A CE1 
324 N NE2 . HIS A 74  ? 0.4289 0.9029 0.4019 0.1763 -0.1200 -0.1173 377 HIS A NE2 
325 N N   . GLN A 75  ? 0.3710 0.8428 0.3347 0.1765 -0.1154 -0.1084 378 GLN A N   
326 C CA  . GLN A 75  ? 0.3705 0.8416 0.3374 0.1717 -0.1178 -0.1058 378 GLN A CA  
327 C C   . GLN A 75  ? 0.7089 1.1764 0.6738 0.1710 -0.1177 -0.1055 378 GLN A C   
328 O O   . GLN A 75  ? 0.6814 1.1462 0.6488 0.1669 -0.1199 -0.1039 378 GLN A O   
329 C CB  . GLN A 75  ? 0.3720 0.8502 0.3403 0.1709 -0.1184 -0.1025 378 GLN A CB  
330 N N   . GLU A 76  ? 0.5560 1.0228 0.5168 0.1750 -0.1158 -0.1071 379 GLU A N   
331 C CA  . GLU A 76  ? 0.4647 0.9275 0.4239 0.1745 -0.1165 -0.1077 379 GLU A CA  
332 C C   . GLU A 76  ? 0.5833 1.0385 0.5432 0.1729 -0.1176 -0.1088 379 GLU A C   
333 O O   . GLU A 76  ? 0.7783 1.2297 0.7394 0.1697 -0.1193 -0.1081 379 GLU A O   
334 C CB  . GLU A 76  ? 0.3755 0.8396 0.3308 0.1795 -0.1153 -0.1097 379 GLU A CB  
335 N N   . GLU A 77  ? 0.5754 1.0291 0.5344 0.1752 -0.1166 -0.1101 380 GLU A N   
336 C CA  . GLU A 77  ? 0.4117 0.8602 0.3714 0.1739 -0.1174 -0.1106 380 GLU A CA  
337 C C   . GLU A 77  ? 0.5571 1.0048 0.5207 0.1699 -0.1188 -0.1103 380 GLU A C   
338 O O   . GLU A 77  ? 0.5794 1.0226 0.5442 0.1677 -0.1200 -0.1103 380 GLU A O   
339 C CB  . GLU A 77  ? 0.3701 0.8200 0.3281 0.1772 -0.1161 -0.1112 380 GLU A CB  
340 N N   . LYS A 78  ? 0.6734 1.1255 0.6395 0.1691 -0.1190 -0.1101 381 LYS A N   
341 C CA  . LYS A 78  ? 0.4651 0.9159 0.4356 0.1652 -0.1215 -0.1101 381 LYS A CA  
342 C C   . LYS A 78  ? 0.4576 0.9051 0.4299 0.1609 -0.1237 -0.1076 381 LYS A C   
343 O O   . LYS A 78  ? 0.6135 1.0566 0.5879 0.1582 -0.1255 -0.1078 381 LYS A O   
344 C CB  . LYS A 78  ? 0.3680 0.8235 0.3416 0.1649 -0.1227 -0.1101 381 LYS A CB  
345 C CG  . LYS A 78  ? 0.4051 0.8591 0.3842 0.1618 -0.1261 -0.1114 381 LYS A CG  
346 C CD  . LYS A 78  ? 0.6884 1.1470 0.6710 0.1624 -0.1279 -0.1125 381 LYS A CD  
347 C CE  . LYS A 78  ? 0.6827 1.1438 0.6675 0.1596 -0.1300 -0.1079 381 LYS A CE  
348 N NZ  . LYS A 78  ? 0.6460 1.1044 0.6363 0.1538 -0.1343 -0.1042 381 LYS A NZ  
349 N N   . ARG A 79  ? 0.5796 1.0300 0.5509 0.1603 -0.1237 -0.1051 382 ARG A N   
350 C CA  . ARG A 79  ? 0.4821 0.9314 0.4546 0.1566 -0.1257 -0.1024 382 ARG A CA  
351 C C   . ARG A 79  ? 0.4780 0.9215 0.4484 0.1567 -0.1258 -0.1037 382 ARG A C   
352 O O   . ARG A 79  ? 0.3665 0.8071 0.3386 0.1530 -0.1280 -0.1020 382 ARG A O   
353 C CB  . ARG A 79  ? 0.4992 0.9554 0.4702 0.1573 -0.1252 -0.0998 382 ARG A CB  
354 N N   . LYS A 80  ? 0.4816 0.9231 0.4484 0.1606 -0.1239 -0.1062 383 LYS A N   
355 C CA  . LYS A 80  ? 0.3678 0.8031 0.3331 0.1605 -0.1248 -0.1071 383 LYS A CA  
356 C C   . LYS A 80  ? 0.6116 1.0422 0.5797 0.1576 -0.1261 -0.1070 383 LYS A C   
357 O O   . LYS A 80  ? 0.9094 1.3356 0.8786 0.1546 -0.1281 -0.1062 383 LYS A O   
358 C CB  . LYS A 80  ? 0.4715 0.9058 0.4334 0.1650 -0.1236 -0.1089 383 LYS A CB  
359 C CG  . LYS A 80  ? 0.5255 0.9530 0.4864 0.1647 -0.1257 -0.1094 383 LYS A CG  
360 C CD  . LYS A 80  ? 0.6172 1.0433 0.5757 0.1685 -0.1256 -0.1103 383 LYS A CD  
361 C CE  . LYS A 80  ? 0.8303 1.2491 0.7887 0.1676 -0.1289 -0.1101 383 LYS A CE  
362 N NZ  . LYS A 80  ? 0.9223 1.3394 0.8794 0.1704 -0.1297 -0.1096 383 LYS A NZ  
363 N N   . VAL A 81  ? 0.6030 1.0356 0.5724 0.1588 -0.1249 -0.1082 384 VAL A N   
364 C CA  . VAL A 81  ? 0.3624 0.7926 0.3345 0.1569 -0.1260 -0.1090 384 VAL A CA  
365 C C   . VAL A 81  ? 0.5176 0.9470 0.4943 0.1525 -0.1286 -0.1079 384 VAL A C   
366 O O   . VAL A 81  ? 0.5057 0.9312 0.4847 0.1497 -0.1305 -0.1078 384 VAL A O   
367 C CB  . VAL A 81  ? 0.3623 0.7967 0.3340 0.1603 -0.1240 -0.1113 384 VAL A CB  
368 C CG1 . VAL A 81  ? 0.3613 0.7951 0.3355 0.1593 -0.1248 -0.1128 384 VAL A CG1 
369 C CG2 . VAL A 81  ? 0.5254 0.9608 0.4929 0.1642 -0.1220 -0.1111 384 VAL A CG2 
370 N N   . GLU A 82  ? 0.4652 0.8981 0.4436 0.1514 -0.1295 -0.1066 385 GLU A N   
371 C CA  . GLU A 82  ? 0.3672 0.7996 0.3510 0.1468 -0.1330 -0.1046 385 GLU A CA  
372 C C   . GLU A 82  ? 0.6717 1.1008 0.6561 0.1428 -0.1351 -0.1014 385 GLU A C   
373 O O   . GLU A 82  ? 0.7967 1.2233 0.7859 0.1387 -0.1385 -0.0998 385 GLU A O   
374 C CB  . GLU A 82  ? 0.4833 0.9209 0.4694 0.1462 -0.1341 -0.1025 385 GLU A CB  
375 C CG  . GLU A 82  ? 0.8112 1.2516 0.7990 0.1487 -0.1340 -0.1057 385 GLU A CG  
376 C CD  . GLU A 82  ? 0.7492 1.1944 0.7400 0.1476 -0.1360 -0.1031 385 GLU A CD  
377 O OE1 . GLU A 82  ? 0.7147 1.1627 0.7043 0.1462 -0.1359 -0.0989 385 GLU A OE1 
378 O OE2 . GLU A 82  ? 0.8321 1.2791 0.8267 0.1483 -0.1379 -0.1054 385 GLU A OE2 
379 N N   . GLU A 83  ? 0.7818 1.2109 0.7619 0.1443 -0.1336 -0.1008 386 GLU A N   
380 C CA  . GLU A 83  ? 0.6191 1.0459 0.5990 0.1412 -0.1355 -0.0985 386 GLU A CA  
381 C C   . GLU A 83  ? 0.3636 0.7837 0.3427 0.1409 -0.1359 -0.1001 386 GLU A C   
382 O O   . GLU A 83  ? 0.6035 1.0207 0.5841 0.1374 -0.1384 -0.0983 386 GLU A O   
383 C CB  . GLU A 83  ? 0.5446 0.9760 0.5207 0.1432 -0.1344 -0.0977 386 GLU A CB  
384 C CG  . GLU A 83  ? 0.5432 0.9826 0.5203 0.1431 -0.1341 -0.0950 386 GLU A CG  
385 C CD  . GLU A 83  ? 0.8095 1.2501 0.7927 0.1376 -0.1379 -0.0904 386 GLU A CD  
386 O OE1 . GLU A 83  ? 0.9140 1.3563 0.8983 0.1343 -0.1401 -0.0868 386 GLU A OE1 
387 O OE2 . GLU A 83  ? 0.8375 1.2774 0.8249 0.1365 -0.1393 -0.0903 386 GLU A OE2 
388 N N   . LYS A 84  ? 0.3644 0.7826 0.3412 0.1443 -0.1339 -0.1029 387 LYS A N   
389 C CA  . LYS A 84  ? 0.3751 0.7879 0.3521 0.1435 -0.1348 -0.1035 387 LYS A CA  
390 C C   . LYS A 84  ? 0.6152 1.0263 0.5967 0.1404 -0.1365 -0.1032 387 LYS A C   
391 O O   . LYS A 84  ? 0.7909 1.1974 0.7737 0.1376 -0.1385 -0.1023 387 LYS A O   
392 C CB  . LYS A 84  ? 0.5207 0.9335 0.4947 0.1476 -0.1326 -0.1053 387 LYS A CB  
393 C CG  . LYS A 84  ? 0.4992 0.9110 0.4694 0.1504 -0.1324 -0.1057 387 LYS A CG  
394 C CD  . LYS A 84  ? 0.6536 1.0648 0.6221 0.1533 -0.1316 -0.1060 387 LYS A CD  
395 C CE  . LYS A 84  ? 0.7843 1.1931 0.7499 0.1558 -0.1327 -0.1064 387 LYS A CE  
396 N NZ  . LYS A 84  ? 0.7735 1.1813 0.7380 0.1578 -0.1330 -0.1054 387 LYS A NZ  
397 N N   . ARG A 85  ? 0.6378 1.0523 0.6219 0.1408 -0.1362 -0.1045 388 ARG A N   
398 C CA  . ARG A 85  ? 0.6163 1.0296 0.6057 0.1381 -0.1386 -0.1051 388 ARG A CA  
399 C C   . ARG A 85  ? 0.5401 0.9512 0.5335 0.1328 -0.1424 -0.1014 388 ARG A C   
400 O O   . ARG A 85  ? 0.7149 1.1229 0.7125 0.1298 -0.1451 -0.1010 388 ARG A O   
401 C CB  . ARG A 85  ? 0.5767 0.9944 0.5684 0.1404 -0.1382 -0.1081 388 ARG A CB  
402 C CG  . ARG A 85  ? 0.6901 1.1115 0.6784 0.1456 -0.1346 -0.1116 388 ARG A CG  
403 C CD  . ARG A 85  ? 0.8202 1.2467 0.8111 0.1482 -0.1347 -0.1157 388 ARG A CD  
404 N NE  . ARG A 85  ? 0.9387 1.3643 0.9355 0.1463 -0.1380 -0.1180 388 ARG A NE  
405 C CZ  . ARG A 85  ? 0.8649 1.2895 0.8680 0.1430 -0.1422 -0.1176 388 ARG A CZ  
406 N NH1 . ARG A 85  ? 0.9373 1.3624 0.9413 0.1413 -0.1435 -0.1143 388 ARG A NH1 
407 N NH2 . ARG A 85  ? 0.5653 0.9887 0.5745 0.1416 -0.1457 -0.1201 388 ARG A NH2 
408 N N   . ARG A 86  ? 0.3739 0.7874 0.3663 0.1317 -0.1429 -0.0983 389 ARG A N   
409 C CA  . ARG A 86  ? 0.6190 1.0320 0.6147 0.1268 -0.1464 -0.0938 389 ARG A CA  
410 C C   . ARG A 86  ? 0.7702 1.1795 0.7626 0.1259 -0.1466 -0.0931 389 ARG A C   
411 O O   . ARG A 86  ? 0.7059 1.1133 0.7016 0.1216 -0.1498 -0.0899 389 ARG A O   
412 C CB  . ARG A 86  ? 0.5212 0.9402 0.5166 0.1263 -0.1468 -0.0904 389 ARG A CB  
413 C CG  . ARG A 86  ? 0.6839 1.1047 0.6840 0.1209 -0.1511 -0.0845 389 ARG A CG  
414 C CD  . ARG A 86  ? 0.8776 1.3064 0.8778 0.1207 -0.1515 -0.0803 389 ARG A CD  
415 N NE  . ARG A 86  ? 0.9191 1.3511 0.9238 0.1156 -0.1557 -0.0736 389 ARG A NE  
416 C CZ  . ARG A 86  ? 0.9030 1.3435 0.9090 0.1144 -0.1568 -0.0682 389 ARG A CZ  
417 N NH1 . ARG A 86  ? 0.9167 1.3630 0.9198 0.1179 -0.1539 -0.0692 389 ARG A NH1 
418 N NH2 . ARG A 86  ? 0.8549 1.2992 0.8658 0.1098 -0.1611 -0.0614 389 ARG A NH2 
419 N N   . GLU A 87  ? 0.7766 1.1849 0.7637 0.1297 -0.1437 -0.0957 390 GLU A N   
420 C CA  . GLU A 87  ? 0.5302 0.9341 0.5152 0.1290 -0.1448 -0.0957 390 GLU A CA  
421 C C   . GLU A 87  ? 0.6687 1.0670 0.6561 0.1273 -0.1459 -0.0963 390 GLU A C   
422 O O   . GLU A 87  ? 0.9523 1.3465 0.9396 0.1253 -0.1480 -0.0954 390 GLU A O   
423 C CB  . GLU A 87  ? 0.4833 0.8874 0.4629 0.1334 -0.1427 -0.0982 390 GLU A CB  
424 N N   . LEU A 88  ? 0.6243 1.0232 0.6139 0.1284 -0.1449 -0.0981 391 LEU A N   
425 C CA  . LEU A 88  ? 0.3585 0.7543 0.3508 0.1271 -0.1459 -0.0989 391 LEU A CA  
426 C C   . LEU A 88  ? 0.5408 0.9360 0.5394 0.1232 -0.1490 -0.0977 391 LEU A C   
427 O O   . LEU A 88  ? 0.5413 0.9332 0.5428 0.1208 -0.1510 -0.0972 391 LEU A O   
428 C CB  . LEU A 88  ? 0.3669 0.7655 0.3578 0.1314 -0.1429 -0.1021 391 LEU A CB  
429 C CG  . LEU A 88  ? 0.6712 1.0696 0.6574 0.1346 -0.1409 -0.1023 391 LEU A CG  
430 C CD1 . LEU A 88  ? 0.6234 1.0263 0.6088 0.1385 -0.1382 -0.1046 391 LEU A CD1 
431 C CD2 . LEU A 88  ? 0.7773 1.1697 0.7631 0.1322 -0.1433 -0.1002 391 LEU A CD2 
432 N N   . GLU A 89  ? 0.4124 0.8109 0.4139 0.1224 -0.1500 -0.0970 392 GLU A N   
433 C CA  . GLU A 89  ? 0.5197 0.9175 0.5286 0.1183 -0.1543 -0.0952 392 GLU A CA  
434 C C   . GLU A 89  ? 0.6657 1.0606 0.6767 0.1132 -0.1578 -0.0903 392 GLU A C   
435 O O   . GLU A 89  ? 0.9320 1.3244 0.9492 0.1096 -0.1615 -0.0888 392 GLU A O   
436 C CB  . GLU A 89  ? 0.7594 1.1614 0.7718 0.1180 -0.1557 -0.0943 392 GLU A CB  
437 C CG  . GLU A 89  ? 0.9828 1.3840 1.0050 0.1139 -0.1614 -0.0925 392 GLU A CG  
438 C CD  . GLU A 89  ? 1.1304 1.5327 1.1568 0.1087 -0.1657 -0.0851 392 GLU A CD  
439 O OE1 . GLU A 89  ? 1.0983 1.5010 1.1197 0.1078 -0.1644 -0.0820 392 GLU A OE1 
440 O OE2 . GLU A 89  ? 1.2316 1.6352 1.2671 0.1055 -0.1708 -0.0823 392 GLU A OE2 
441 N N   . GLU A 90  ? 0.6843 1.0797 0.6901 0.1133 -0.1567 -0.0882 393 GLU A N   
442 C CA  . GLU A 90  ? 0.6984 1.0923 0.7054 0.1091 -0.1599 -0.0841 393 GLU A CA  
443 C C   . GLU A 90  ? 0.5845 0.9728 0.5899 0.1088 -0.1600 -0.0854 393 GLU A C   
444 O O   . GLU A 90  ? 0.6721 1.0582 0.6797 0.1049 -0.1634 -0.0823 393 GLU A O   
445 C CB  . GLU A 90  ? 0.8280 1.2267 0.8303 0.1100 -0.1591 -0.0821 393 GLU A CB  
446 C CG  . GLU A 90  ? 0.9742 1.3797 0.9783 0.1101 -0.1591 -0.0798 393 GLU A CG  
447 C CD  . GLU A 90  ? 1.0610 1.4686 1.0729 0.1046 -0.1642 -0.0736 393 GLU A CD  
448 O OE1 . GLU A 90  ? 0.9671 1.3700 0.9843 0.1008 -0.1678 -0.0719 393 GLU A OE1 
449 O OE2 . GLU A 90  ? 1.1234 1.5373 1.1367 0.1040 -0.1652 -0.0698 393 GLU A OE2 
450 N N   . GLU A 91  ? 0.5736 0.9600 0.5754 0.1126 -0.1570 -0.0893 394 GLU A N   
451 C CA  . GLU A 91  ? 0.5219 0.9035 0.5233 0.1118 -0.1578 -0.0896 394 GLU A CA  
452 C C   . GLU A 91  ? 0.6721 1.0516 0.6793 0.1094 -0.1597 -0.0896 394 GLU A C   
453 O O   . GLU A 91  ? 0.7760 1.1517 0.7851 0.1065 -0.1622 -0.0879 394 GLU A O   
454 C CB  . GLU A 91  ? 0.5080 0.8890 0.5048 0.1162 -0.1548 -0.0925 394 GLU A CB  
455 C CG  . GLU A 91  ? 0.5138 0.8954 0.5054 0.1185 -0.1541 -0.0930 394 GLU A CG  
456 C CD  . GLU A 91  ? 0.7266 1.1065 0.7150 0.1220 -0.1526 -0.0948 394 GLU A CD  
457 O OE1 . GLU A 91  ? 0.7876 1.1666 0.7775 0.1223 -0.1521 -0.0950 394 GLU A OE1 
458 O OE2 . GLU A 91  ? 0.7127 1.0931 0.6975 0.1245 -0.1523 -0.0959 394 GLU A OE2 
459 N N   . THR A 92  ? 0.7404 1.1230 0.7506 0.1110 -0.1588 -0.0918 395 THR A N   
460 C CA  . THR A 92  ? 0.8071 1.1886 0.8236 0.1092 -0.1610 -0.0926 395 THR A CA  
461 C C   . THR A 92  ? 0.8728 1.2525 0.8956 0.1036 -0.1660 -0.0883 395 THR A C   
462 O O   . THR A 92  ? 0.9865 1.3634 1.0139 0.1008 -0.1688 -0.0872 395 THR A O   
463 C CB  . THR A 92  ? 0.7387 1.1247 0.7572 0.1127 -0.1595 -0.0971 395 THR A CB  
464 O OG1 . THR A 92  ? 0.8422 1.2308 0.8615 0.1128 -0.1600 -0.0962 395 THR A OG1 
465 C CG2 . THR A 92  ? 0.7842 1.1733 0.7972 0.1182 -0.1549 -0.1009 395 THR A CG2 
466 N N   . ASN A 93  ? 0.7234 1.1053 0.7468 0.1019 -0.1674 -0.0850 396 ASN A N   
467 C CA  . ASN A 93  ? 0.7175 1.0989 0.7472 0.0963 -0.1726 -0.0793 396 ASN A CA  
468 C C   . ASN A 93  ? 0.6405 1.0190 0.6679 0.0936 -0.1740 -0.0763 396 ASN A C   
469 O O   . ASN A 93  ? 0.4838 0.8600 0.5172 0.0892 -0.1783 -0.0728 396 ASN A O   
470 C CB  . ASN A 93  ? 0.8009 1.1871 0.8313 0.0954 -0.1738 -0.0757 396 ASN A CB  
471 C CG  . ASN A 93  ? 0.9954 1.3842 1.0302 0.0972 -0.1739 -0.0781 396 ASN A CG  
472 O OD1 . ASN A 93  ? 1.0618 1.4497 1.0965 0.1005 -0.1719 -0.0837 396 ASN A OD1 
473 N ND2 . ASN A 93  ? 1.0934 1.4863 1.1320 0.0951 -0.1766 -0.0736 396 ASN A ND2 
474 N N   . ALA A 94  ? 0.6347 1.0130 0.6541 0.0962 -0.1710 -0.0777 397 ALA A N   
475 C CA  . ALA A 94  ? 0.5805 0.9560 0.5979 0.0940 -0.1727 -0.0759 397 ALA A CA  
476 C C   . ALA A 94  ? 0.6549 1.0252 0.6750 0.0928 -0.1739 -0.0768 397 ALA A C   
477 O O   . ALA A 94  ? 0.8028 1.1705 0.8256 0.0889 -0.1774 -0.0738 397 ALA A O   
478 C CB  . ALA A 94  ? 0.4239 0.8003 0.4333 0.0978 -0.1700 -0.0783 397 ALA A CB  
479 N N   . PHE A 95  ? 0.5490 0.9187 0.5685 0.0961 -0.1710 -0.0808 398 PHE A N   
480 C CA  . PHE A 95  ? 0.3584 0.7250 0.3808 0.0953 -0.1718 -0.0815 398 PHE A CA  
481 C C   . PHE A 95  ? 0.5231 0.8895 0.5538 0.0921 -0.1750 -0.0802 398 PHE A C   
482 O O   . PHE A 95  ? 0.6078 0.9714 0.6424 0.0894 -0.1775 -0.0787 398 PHE A O   
483 C CB  . PHE A 95  ? 0.6944 1.0625 0.7137 0.1001 -0.1677 -0.0857 398 PHE A CB  
484 N N   . ASN A 96  ? 0.5136 0.8830 0.5482 0.0922 -0.1758 -0.0804 399 ASN A N   
485 C CA  . ASN A 96  ? 0.5284 0.8977 0.5726 0.0888 -0.1801 -0.0788 399 ASN A CA  
486 C C   . ASN A 96  ? 0.4289 0.7964 0.4776 0.0828 -0.1851 -0.0720 399 ASN A C   
487 O O   . ASN A 96  ? 0.5616 0.9274 0.6183 0.0793 -0.1892 -0.0698 399 ASN A O   
488 C CB  . ASN A 96  ? 0.5891 0.9620 0.6377 0.0901 -0.1807 -0.0805 399 ASN A CB  
489 C CG  . ASN A 96  ? 0.6393 1.0146 0.6871 0.0956 -0.1775 -0.0879 399 ASN A CG  
490 O OD1 . ASN A 96  ? 0.7495 1.1246 0.7988 0.0968 -0.1769 -0.0909 399 ASN A OD1 
491 N ND2 . ASN A 96  ? 0.6968 1.0758 0.7427 0.0988 -0.1753 -0.0907 399 ASN A ND2 
492 N N   . ARG A 97  ? 0.5177 0.8863 0.5615 0.0819 -0.1851 -0.0687 400 ARG A N   
493 C CA  . ARG A 97  ? 0.6556 1.0241 0.7027 0.0767 -0.1897 -0.0624 400 ARG A CA  
494 C C   . ARG A 97  ? 0.4351 0.7992 0.4798 0.0755 -0.1903 -0.0623 400 ARG A C   
495 O O   . ARG A 97  ? 0.4335 0.7964 0.4840 0.0709 -0.1949 -0.0578 400 ARG A O   
496 C CB  . ARG A 97  ? 0.7305 1.1037 0.7724 0.0770 -0.1893 -0.0597 400 ARG A CB  
497 C CG  . ARG A 97  ? 0.6631 1.0411 0.7101 0.0764 -0.1908 -0.0569 400 ARG A CG  
498 C CD  . ARG A 97  ? 0.7294 1.1124 0.7684 0.0801 -0.1868 -0.0584 400 ARG A CD  
499 N NE  . ARG A 97  ? 1.0225 1.4093 1.0664 0.0804 -0.1876 -0.0571 400 ARG A NE  
500 C CZ  . ARG A 97  ? 1.1045 1.4956 1.1429 0.0840 -0.1841 -0.0590 400 ARG A CZ  
501 N NH1 . ARG A 97  ? 1.0084 1.4007 1.0365 0.0879 -0.1793 -0.0625 400 ARG A NH1 
502 N NH2 . ARG A 97  ? 1.1644 1.5586 1.2084 0.0837 -0.1857 -0.0574 400 ARG A NH2 
503 N N   . ARG A 98  ? 0.4653 0.8275 0.5027 0.0792 -0.1863 -0.0667 401 ARG A N   
504 C CA  . ARG A 98  ? 0.4155 0.7733 0.4522 0.0778 -0.1876 -0.0666 401 ARG A CA  
505 C C   . ARG A 98  ? 0.3610 0.7167 0.4050 0.0762 -0.1892 -0.0666 401 ARG A C   
506 O O   . ARG A 98  ? 0.4527 0.8056 0.5001 0.0726 -0.1925 -0.0637 401 ARG A O   
507 C CB  . ARG A 98  ? 0.3640 0.7204 0.3933 0.0820 -0.1839 -0.0706 401 ARG A CB  
508 N N   . LYS A 99  ? 0.3583 0.7162 0.4048 0.0790 -0.1870 -0.0701 402 LYS A N   
509 C CA  . LYS A 99  ? 0.3564 0.7138 0.4101 0.0782 -0.1885 -0.0712 402 LYS A CA  
510 C C   . LYS A 99  ? 0.6089 0.9664 0.6725 0.0732 -0.1940 -0.0666 402 LYS A C   
511 O O   . LYS A 99  ? 0.5758 0.9314 0.6458 0.0703 -0.1971 -0.0648 402 LYS A O   
512 C CB  . LYS A 99  ? 0.5407 0.9018 0.5939 0.0835 -0.1848 -0.0774 402 LYS A CB  
513 C CG  . LYS A 99  ? 0.7138 1.0764 0.7751 0.0838 -0.1863 -0.0800 402 LYS A CG  
514 C CD  . LYS A 99  ? 0.8313 1.1989 0.8899 0.0902 -0.1820 -0.0872 402 LYS A CD  
515 C CE  . LYS A 99  ? 0.8661 1.2370 0.9334 0.0914 -0.1841 -0.0916 402 LYS A CE  
516 N NZ  . LYS A 99  ? 0.8084 1.1856 0.8725 0.0983 -0.1797 -0.0994 402 LYS A NZ  
517 N N   . ALA A 100 ? 0.6531 1.0128 0.7190 0.0719 -0.1957 -0.0640 403 ALA A N   
518 C CA  . ALA A 100 ? 0.5116 0.8721 0.5889 0.0667 -0.2019 -0.0582 403 ALA A CA  
519 C C   . ALA A 100 ? 0.5364 0.8949 0.6145 0.0617 -0.2058 -0.0515 403 ALA A C   
520 O O   . ALA A 100 ? 0.6175 0.9757 0.7059 0.0572 -0.2110 -0.0468 403 ALA A O   
521 C CB  . ALA A 100 ? 0.5372 0.9013 0.6175 0.0664 -0.2034 -0.0560 403 ALA A CB  
522 N N   . ALA A 101 ? 0.5512 0.9095 0.6197 0.0626 -0.2037 -0.0513 404 ALA A N   
523 C CA  . ALA A 101 ? 0.3665 0.7239 0.4351 0.0585 -0.2075 -0.0462 404 ALA A CA  
524 C C   . ALA A 101 ? 0.4853 0.8385 0.5567 0.0567 -0.2089 -0.0462 404 ALA A C   
525 O O   . ALA A 101 ? 0.6768 1.0291 0.7525 0.0523 -0.2136 -0.0410 404 ALA A O   
526 C CB  . ALA A 101 ? 0.3699 0.7287 0.4274 0.0610 -0.2049 -0.0476 404 ALA A CB  
527 N N   . VAL A 102 ? 0.3626 0.7136 0.4317 0.0601 -0.2052 -0.0516 405 VAL A N   
528 C CA  . VAL A 102 ? 0.6095 0.9572 0.6818 0.0585 -0.2066 -0.0515 405 VAL A CA  
529 C C   . VAL A 102 ? 0.6523 1.0011 0.7361 0.0564 -0.2094 -0.0502 405 VAL A C   
530 O O   . VAL A 102 ? 0.6276 0.9749 0.7178 0.0526 -0.2131 -0.0466 405 VAL A O   
531 C CB  . VAL A 102 ? 0.6443 0.9908 0.7098 0.0631 -0.2018 -0.0569 405 VAL A CB  
532 C CG1 . VAL A 102 ? 0.5944 0.9387 0.6642 0.0616 -0.2032 -0.0563 405 VAL A CG1 
533 C CG2 . VAL A 102 ? 0.5584 0.9038 0.6146 0.0647 -0.2002 -0.0577 405 VAL A CG2 
534 N N   . GLU A 103 ? 0.6669 1.0185 0.7542 0.0589 -0.2080 -0.0535 406 GLU A N   
535 C CA  . GLU A 103 ? 0.6889 1.0420 0.7881 0.0576 -0.2110 -0.0536 406 GLU A CA  
536 C C   . GLU A 103 ? 0.6473 1.0012 0.7576 0.0513 -0.2178 -0.0453 406 GLU A C   
537 O O   . GLU A 103 ? 0.8050 1.1600 0.9268 0.0490 -0.2213 -0.0437 406 GLU A O   
538 C CB  . GLU A 103 ? 0.6349 0.9912 0.7353 0.0625 -0.2084 -0.0601 406 GLU A CB  
539 C CG  . GLU A 103 ? 0.9192 1.2765 1.0096 0.0689 -0.2020 -0.0678 406 GLU A CG  
540 C CD  . GLU A 103 ? 1.0983 1.4596 1.1931 0.0736 -0.2005 -0.0753 406 GLU A CD  
541 O OE1 . GLU A 103 ? 1.2429 1.6064 1.3439 0.0743 -0.2022 -0.0773 406 GLU A OE1 
542 O OE2 . GLU A 103 ? 1.0648 1.4276 1.1575 0.0766 -0.1979 -0.0791 406 GLU A OE2 
543 N N   . ALA A 104 ? 0.6427 0.9969 0.7502 0.0488 -0.2197 -0.0399 407 ALA A N   
544 C CA  . ALA A 104 ? 0.5931 0.9491 0.7113 0.0427 -0.2267 -0.0306 407 ALA A CA  
545 C C   . ALA A 104 ? 0.7495 1.1033 0.8694 0.0385 -0.2300 -0.0259 407 ALA A C   
546 O O   . ALA A 104 ? 0.8908 1.2461 1.0196 0.0335 -0.2363 -0.0176 407 ALA A O   
547 C CB  . ALA A 104 ? 0.3653 0.7239 0.4796 0.0422 -0.2277 -0.0269 407 ALA A CB  
548 N N   . LEU A 105 ? 0.6612 1.0116 0.7741 0.0405 -0.2267 -0.0303 408 LEU A N   
549 C CA  . LEU A 105 ? 0.5699 0.9181 0.6844 0.0367 -0.2299 -0.0262 408 LEU A CA  
550 C C   . LEU A 105 ? 0.5898 0.9383 0.7158 0.0345 -0.2322 -0.0248 408 LEU A C   
551 O O   . LEU A 105 ? 0.5700 0.9219 0.7083 0.0320 -0.2357 -0.0213 408 LEU A O   
552 C CB  . LEU A 105 ? 0.4135 0.7583 0.5156 0.0396 -0.2260 -0.0307 408 LEU A CB  
553 C CG  . LEU A 105 ? 0.4641 0.8095 0.5546 0.0424 -0.2234 -0.0329 408 LEU A CG  
554 C CD1 . LEU A 105 ? 0.3796 0.7219 0.4606 0.0455 -0.2196 -0.0378 408 LEU A CD1 
555 C CD2 . LEU A 105 ? 0.5934 0.9410 0.6842 0.0389 -0.2281 -0.0270 408 LEU A CD2 
# 
